data_4E57
#
_entry.id   4E57
#
_cell.length_a   73.599
_cell.length_b   73.599
_cell.length_c   383.834
_cell.angle_alpha   90.000
_cell.angle_beta   90.000
_cell.angle_gamma   90.000
#
_symmetry.space_group_name_H-M   'P 41'
#
loop_
_entity.id
_entity.type
_entity.pdbx_description
1 polymer 'Cephalosporin acylase'
2 non-polymer 'CADMIUM ION'
3 water water
#
_entity_poly.entity_id   1
_entity_poly.type   'polypeptide(L)'
_entity_poly.pdbx_seq_one_letter_code
;MGIPTSTPQAPIAAYKPRSNEILWDGYGVPHIYGVDAPSAFYGYGWAQARSHGDNILRLYGEARGKGAEYWGPDYEQTTV
WLLTNGVPERAQQWYAQQSPDFRANLDAFAAGINAYAQQNPDDISPEVRQVLPVSGADVVAHAHRLMNFLYVASPGRTLG
EGDPGANSWAVAPGKTANGNALLLQNPHLSWTTDYFTYYEAHLVTPDFEIYGATQIGLPVIRFAFNQRMGITNTVNGMVG
ATNYRLTLQDGGYLYDGQVRPFERRQASYRLRQADGTTVDKPLEIRSSVHGPVFERADGTAVAVRVAGLDRPGMLEQYFD
MITADSFDDYEAALARMQVPTFNIVYADREGTINYSFNGVAPKRAEGDIAFWQGLVPGDSSRYLWTETHPLDDLPRVTNP
PGGFVQNSNDPPWTPTWPVTYTPKDFPSYLAPQTPHSLRAQQSVRLMSENDDLTLERFMALQLSHRAVMADRTLPDLIPA
ALIDPDPEVQAAARLLAAWDREFTSDSRAALLFEEWARLFAGQNFAGQAGFATPWSLDKPVSTPYGVRDPKAAVDQLRTA
IANTKRKYGAIDRPFGDASRMILNDVNVPGAAGYGNLGSFRVFTWSDPDENGVRTPVHGETWVAMIEFSTPVRAYGLMSY
GNSRQPGTTHYSDQIERVSRADFRELLLRREQVEAAVQERTPFNFKLAAALEHHHHHH
;
_entity_poly.pdbx_strand_id   A,B
#
loop_
_chem_comp.id
_chem_comp.type
_chem_comp.name
_chem_comp.formula
CD non-polymer 'CADMIUM ION' 'Cd 2'
#
# COMPACT_ATOMS: atom_id res chain seq x y z
N GLN A 9 21.65 -30.78 -24.93
CA GLN A 9 20.17 -30.68 -25.03
C GLN A 9 19.57 -29.93 -23.84
N ALA A 10 19.40 -30.62 -22.71
CA ALA A 10 18.94 -29.98 -21.47
C ALA A 10 20.12 -29.30 -20.79
N PRO A 11 19.86 -28.23 -19.99
CA PRO A 11 20.95 -27.58 -19.28
C PRO A 11 21.51 -28.49 -18.19
N ILE A 12 22.67 -28.15 -17.64
CA ILE A 12 23.26 -28.94 -16.56
C ILE A 12 22.31 -28.99 -15.37
N ALA A 13 22.44 -30.05 -14.56
CA ALA A 13 21.57 -30.26 -13.39
C ALA A 13 21.70 -29.10 -12.40
N ALA A 14 20.54 -28.60 -11.94
CA ALA A 14 20.50 -27.50 -10.99
C ALA A 14 20.99 -27.96 -9.62
N TYR A 15 21.74 -27.10 -8.94
CA TYR A 15 22.19 -27.40 -7.58
C TYR A 15 21.03 -27.21 -6.60
N LYS A 16 20.92 -28.12 -5.64
CA LYS A 16 19.85 -28.05 -4.65
C LYS A 16 20.46 -27.81 -3.26
N PRO A 17 20.51 -26.55 -2.80
CA PRO A 17 21.10 -26.23 -1.50
C PRO A 17 20.42 -27.01 -0.37
N ARG A 18 21.23 -27.62 0.49
CA ARG A 18 20.74 -28.36 1.65
C ARG A 18 20.93 -27.56 2.95
N SER A 19 21.64 -26.44 2.86
CA SER A 19 21.77 -25.50 3.98
C SER A 19 21.89 -24.05 3.49
N ASN A 20 21.66 -23.13 4.40
CA ASN A 20 21.77 -21.71 4.12
C ASN A 20 23.19 -21.21 4.40
N GLU A 21 23.86 -20.72 3.38
CA GLU A 21 25.25 -20.30 3.49
C GLU A 21 25.63 -19.31 2.40
N ILE A 22 26.54 -18.40 2.73
CA ILE A 22 27.20 -17.59 1.71
C ILE A 22 28.64 -18.07 1.58
N LEU A 23 29.04 -18.36 0.34
CA LEU A 23 30.42 -18.65 0.03
C LEU A 23 31.00 -17.47 -0.74
N TRP A 24 31.93 -16.75 -0.09
CA TRP A 24 32.55 -15.57 -0.66
C TRP A 24 33.82 -15.95 -1.36
N ASP A 25 33.99 -15.47 -2.59
CA ASP A 25 35.23 -15.75 -3.32
C ASP A 25 36.31 -14.69 -3.05
N GLY A 26 37.43 -14.78 -3.76
CA GLY A 26 38.59 -13.92 -3.53
C GLY A 26 38.45 -12.47 -3.95
N TYR A 27 37.34 -12.14 -4.60
CA TYR A 27 37.07 -10.75 -4.98
C TYR A 27 35.90 -10.12 -4.22
N GLY A 28 35.43 -10.81 -3.18
CA GLY A 28 34.32 -10.32 -2.36
C GLY A 28 32.95 -10.50 -3.00
N VAL A 29 32.86 -11.45 -3.94
CA VAL A 29 31.57 -11.79 -4.55
C VAL A 29 30.88 -12.85 -3.69
N PRO A 30 29.66 -12.54 -3.20
CA PRO A 30 28.92 -13.53 -2.42
C PRO A 30 28.17 -14.54 -3.30
N HIS A 31 28.36 -15.82 -2.99
CA HIS A 31 27.56 -16.87 -3.59
C HIS A 31 26.63 -17.35 -2.53
N ILE A 32 25.38 -16.92 -2.66
CA ILE A 32 24.37 -17.08 -1.63
C ILE A 32 23.50 -18.30 -1.93
N TYR A 33 23.54 -19.27 -1.03
CA TYR A 33 22.76 -20.49 -1.17
C TYR A 33 21.65 -20.51 -0.13
N GLY A 34 20.43 -20.67 -0.60
CA GLY A 34 19.26 -20.73 0.27
C GLY A 34 18.43 -21.97 -0.01
N VAL A 35 17.84 -22.54 1.05
CA VAL A 35 16.98 -23.72 0.90
C VAL A 35 15.61 -23.35 0.33
N ASP A 36 15.29 -22.06 0.36
CA ASP A 36 14.08 -21.51 -0.23
C ASP A 36 14.32 -20.05 -0.61
N ALA A 37 13.32 -19.42 -1.25
CA ALA A 37 13.48 -18.04 -1.73
C ALA A 37 13.76 -17.02 -0.60
N PRO A 38 12.92 -16.99 0.46
CA PRO A 38 13.22 -16.01 1.53
C PRO A 38 14.64 -16.15 2.10
N SER A 39 15.12 -17.39 2.27
CA SER A 39 16.47 -17.64 2.74
C SER A 39 17.54 -16.98 1.85
N ALA A 40 17.40 -17.12 0.53
CA ALA A 40 18.35 -16.50 -0.38
C ALA A 40 18.27 -14.98 -0.34
N PHE A 41 17.06 -14.43 -0.24
CA PHE A 41 16.88 -12.99 -0.12
C PHE A 41 17.49 -12.43 1.16
N TYR A 42 17.38 -13.20 2.25
CA TYR A 42 18.01 -12.86 3.51
C TYR A 42 19.53 -12.82 3.38
N GLY A 43 20.10 -13.86 2.77
CA GLY A 43 21.54 -13.91 2.53
C GLY A 43 22.02 -12.75 1.68
N TYR A 44 21.22 -12.38 0.69
CA TYR A 44 21.51 -11.28 -0.22
C TYR A 44 21.52 -9.94 0.51
N GLY A 45 20.57 -9.76 1.43
CA GLY A 45 20.50 -8.56 2.26
C GLY A 45 21.70 -8.47 3.18
N TRP A 46 22.03 -9.59 3.81
CA TRP A 46 23.23 -9.73 4.64
C TRP A 46 24.48 -9.36 3.88
N ALA A 47 24.60 -9.90 2.66
CA ALA A 47 25.78 -9.69 1.81
C ALA A 47 25.91 -8.22 1.42
N GLN A 48 24.80 -7.63 0.99
CA GLN A 48 24.79 -6.21 0.59
C GLN A 48 25.14 -5.30 1.77
N ALA A 49 24.69 -5.66 2.97
CA ALA A 49 25.02 -4.91 4.18
C ALA A 49 26.52 -4.98 4.48
N ARG A 50 27.09 -6.18 4.34
CA ARG A 50 28.53 -6.36 4.53
C ARG A 50 29.34 -5.50 3.56
N SER A 51 28.94 -5.48 2.29
CA SER A 51 29.74 -4.88 1.23
C SER A 51 29.46 -3.40 1.02
N HIS A 52 28.23 -2.96 1.32
CA HIS A 52 27.79 -1.60 1.01
C HIS A 52 26.82 -1.03 2.03
N GLY A 53 26.86 -1.57 3.25
CA GLY A 53 25.89 -1.22 4.29
C GLY A 53 25.71 0.25 4.60
N ASP A 54 26.81 1.00 4.73
CA ASP A 54 26.72 2.41 5.08
C ASP A 54 25.89 3.22 4.07
N ASN A 55 26.24 3.09 2.79
CA ASN A 55 25.54 3.81 1.73
C ASN A 55 24.11 3.32 1.49
N ILE A 56 23.88 2.01 1.66
CA ILE A 56 22.52 1.47 1.57
C ILE A 56 21.62 2.06 2.65
N LEU A 57 22.12 2.09 3.89
CA LEU A 57 21.35 2.63 5.00
C LEU A 57 21.07 4.12 4.79
N ARG A 58 22.07 4.84 4.30
CA ARG A 58 21.91 6.26 4.01
C ARG A 58 20.78 6.48 3.00
N LEU A 59 20.84 5.74 1.89
CA LEU A 59 19.84 5.84 0.83
C LEU A 59 18.44 5.45 1.29
N TYR A 60 18.35 4.39 2.10
CA TYR A 60 17.06 3.97 2.66
C TYR A 60 16.48 5.05 3.55
N GLY A 61 17.34 5.68 4.36
CA GLY A 61 16.94 6.82 5.18
C GLY A 61 16.38 7.97 4.37
N GLU A 62 17.03 8.27 3.25
CA GLU A 62 16.55 9.31 2.33
C GLU A 62 15.19 8.95 1.73
N ALA A 63 15.06 7.70 1.27
CA ALA A 63 13.82 7.22 0.65
C ALA A 63 12.62 7.21 1.61
N ARG A 64 12.91 7.24 2.92
CA ARG A 64 11.90 7.41 3.95
C ARG A 64 11.41 8.84 4.03
N GLY A 65 12.11 9.75 3.36
CA GLY A 65 11.84 11.18 3.48
C GLY A 65 12.45 11.75 4.74
N LYS A 66 13.45 11.06 5.30
CA LYS A 66 14.03 11.47 6.58
C LYS A 66 15.48 11.91 6.51
N GLY A 67 15.94 12.24 5.30
CA GLY A 67 17.30 12.76 5.09
C GLY A 67 17.56 14.01 5.89
N ALA A 68 16.65 14.98 5.76
CA ALA A 68 16.73 16.23 6.53
C ALA A 68 16.78 15.96 8.04
N GLU A 69 15.95 15.02 8.49
CA GLU A 69 15.85 14.69 9.91
C GLU A 69 17.13 14.04 10.45
N TYR A 70 17.68 13.10 9.70
CA TYR A 70 18.84 12.35 10.17
C TYR A 70 20.15 13.10 9.98
N TRP A 71 20.28 13.85 8.88
CA TRP A 71 21.58 14.42 8.48
C TRP A 71 21.62 15.88 8.15
N GLY A 72 20.49 16.59 8.32
CA GLY A 72 20.47 18.04 8.20
C GLY A 72 20.36 18.63 6.80
N PRO A 73 20.73 19.93 6.67
CA PRO A 73 20.53 20.78 5.48
C PRO A 73 20.99 20.20 4.14
N ASP A 74 22.08 19.45 4.13
CA ASP A 74 22.60 18.85 2.89
C ASP A 74 21.63 17.86 2.24
N TYR A 75 20.68 17.38 3.02
CA TYR A 75 19.76 16.33 2.55
C TYR A 75 18.32 16.84 2.41
N GLU A 76 18.13 18.12 2.74
CA GLU A 76 16.80 18.75 2.80
C GLU A 76 16.12 18.88 1.45
N GLN A 77 16.90 19.21 0.42
CA GLN A 77 16.38 19.37 -0.93
C GLN A 77 15.77 18.06 -1.44
N THR A 78 16.50 16.96 -1.27
CA THR A 78 15.99 15.61 -1.58
C THR A 78 14.75 15.26 -0.74
N THR A 79 14.77 15.61 0.54
CA THR A 79 13.62 15.37 1.42
C THR A 79 12.36 16.06 0.87
N VAL A 80 12.48 17.34 0.54
CA VAL A 80 11.36 18.13 0.03
C VAL A 80 10.85 17.53 -1.28
N TRP A 81 11.78 17.17 -2.17
CA TRP A 81 11.46 16.56 -3.45
C TRP A 81 10.68 15.28 -3.30
N LEU A 82 11.13 14.40 -2.41
CA LEU A 82 10.50 13.10 -2.22
C LEU A 82 9.15 13.21 -1.50
N LEU A 83 9.07 14.11 -0.51
CA LEU A 83 7.81 14.34 0.20
C LEU A 83 6.75 14.97 -0.70
N THR A 84 7.15 15.94 -1.53
CA THR A 84 6.22 16.61 -2.44
C THR A 84 5.62 15.61 -3.44
N ASN A 85 6.44 14.64 -3.87
CA ASN A 85 6.02 13.60 -4.80
C ASN A 85 5.44 12.36 -4.12
N GLY A 86 5.25 12.44 -2.80
CA GLY A 86 4.59 11.38 -2.02
C GLY A 86 5.29 10.03 -2.04
N VAL A 87 6.62 10.06 -2.20
CA VAL A 87 7.40 8.83 -2.33
C VAL A 87 7.32 7.87 -1.13
N PRO A 88 7.59 8.36 0.11
CA PRO A 88 7.57 7.42 1.24
C PRO A 88 6.21 6.77 1.47
N GLU A 89 5.13 7.55 1.37
CA GLU A 89 3.76 7.03 1.50
C GLU A 89 3.40 6.03 0.39
N ARG A 90 3.73 6.36 -0.85
CA ARG A 90 3.43 5.46 -1.97
C ARG A 90 4.20 4.14 -1.83
N ALA A 91 5.43 4.23 -1.31
CA ALA A 91 6.23 3.04 -1.03
C ALA A 91 5.54 2.09 -0.04
N GLN A 92 4.95 2.65 1.01
CA GLN A 92 4.14 1.87 1.97
C GLN A 92 2.95 1.20 1.27
N GLN A 93 2.34 1.93 0.34
CA GLN A 93 1.21 1.40 -0.44
C GLN A 93 1.69 0.25 -1.34
N TRP A 94 2.74 0.51 -2.12
CA TRP A 94 3.34 -0.50 -3.00
C TRP A 94 3.75 -1.76 -2.27
N TYR A 95 4.31 -1.59 -1.07
CA TYR A 95 4.69 -2.71 -0.20
C TYR A 95 3.48 -3.58 0.17
N ALA A 96 2.41 -2.94 0.64
CA ALA A 96 1.18 -3.65 0.98
C ALA A 96 0.58 -4.32 -0.24
N GLN A 97 0.81 -3.72 -1.41
CA GLN A 97 0.24 -4.19 -2.67
C GLN A 97 1.04 -5.34 -3.32
N GLN A 98 2.14 -5.74 -2.68
CA GLN A 98 2.95 -6.87 -3.16
C GLN A 98 2.18 -8.18 -3.01
N SER A 99 2.48 -9.13 -3.89
CA SER A 99 2.00 -10.51 -3.69
C SER A 99 2.60 -11.03 -2.38
N PRO A 100 1.86 -11.89 -1.66
CA PRO A 100 2.37 -12.42 -0.39
C PRO A 100 3.73 -13.11 -0.51
N ASP A 101 3.91 -13.91 -1.56
CA ASP A 101 5.18 -14.59 -1.81
C ASP A 101 6.34 -13.62 -1.96
N PHE A 102 6.14 -12.58 -2.78
CA PHE A 102 7.21 -11.62 -3.02
C PHE A 102 7.45 -10.68 -1.84
N ARG A 103 6.39 -10.29 -1.14
CA ARG A 103 6.54 -9.49 0.08
C ARG A 103 7.40 -10.23 1.11
N ALA A 104 7.24 -11.54 1.21
CA ALA A 104 8.05 -12.36 2.11
C ALA A 104 9.55 -12.31 1.75
N ASN A 105 9.85 -12.23 0.45
CA ASN A 105 11.22 -12.05 -0.03
C ASN A 105 11.80 -10.69 0.35
N LEU A 106 10.98 -9.65 0.19
CA LEU A 106 11.35 -8.30 0.58
C LEU A 106 11.60 -8.19 2.09
N ASP A 107 10.74 -8.80 2.89
CA ASP A 107 10.91 -8.85 4.35
C ASP A 107 12.21 -9.56 4.73
N ALA A 108 12.49 -10.67 4.04
CA ALA A 108 13.71 -11.44 4.29
C ALA A 108 14.98 -10.64 3.96
N PHE A 109 14.95 -9.91 2.84
CA PHE A 109 16.06 -9.06 2.44
C PHE A 109 16.37 -8.00 3.50
N ALA A 110 15.33 -7.30 3.95
CA ALA A 110 15.45 -6.30 5.02
C ALA A 110 15.94 -6.95 6.31
N ALA A 111 15.39 -8.13 6.63
CA ALA A 111 15.82 -8.89 7.81
C ALA A 111 17.30 -9.25 7.74
N GLY A 112 17.80 -9.54 6.54
CA GLY A 112 19.23 -9.84 6.35
C GLY A 112 20.12 -8.66 6.65
N ILE A 113 19.70 -7.47 6.20
CA ILE A 113 20.42 -6.22 6.49
C ILE A 113 20.43 -5.98 8.01
N ASN A 114 19.27 -6.07 8.64
CA ASN A 114 19.14 -5.87 10.08
C ASN A 114 20.02 -6.84 10.89
N ALA A 115 20.01 -8.10 10.47
CA ALA A 115 20.79 -9.13 11.16
C ALA A 115 22.28 -8.89 11.00
N TYR A 116 22.70 -8.47 9.81
CA TYR A 116 24.11 -8.16 9.61
C TYR A 116 24.55 -7.09 10.60
N ALA A 117 23.77 -6.01 10.66
CA ALA A 117 24.06 -4.87 11.54
C ALA A 117 24.07 -5.28 13.01
N GLN A 118 23.09 -6.11 13.40
CA GLN A 118 22.98 -6.62 14.76
C GLN A 118 24.21 -7.43 15.17
N GLN A 119 24.68 -8.28 14.27
CA GLN A 119 25.83 -9.14 14.52
C GLN A 119 27.16 -8.40 14.38
N ASN A 120 27.17 -7.31 13.60
CA ASN A 120 28.40 -6.58 13.30
C ASN A 120 28.23 -5.06 13.48
N PRO A 121 27.90 -4.62 14.72
CA PRO A 121 27.60 -3.20 14.93
C PRO A 121 28.81 -2.28 14.67
N ASP A 122 30.01 -2.81 14.84
CA ASP A 122 31.24 -2.06 14.56
C ASP A 122 31.42 -1.69 13.07
N ASP A 123 30.72 -2.39 12.18
CA ASP A 123 30.82 -2.13 10.74
C ASP A 123 29.86 -1.05 10.24
N ILE A 124 28.96 -0.60 11.12
CA ILE A 124 27.96 0.39 10.73
C ILE A 124 28.42 1.77 11.19
N SER A 125 28.58 2.69 10.24
CA SER A 125 28.99 4.05 10.54
C SER A 125 28.02 4.72 11.52
N PRO A 126 28.54 5.43 12.54
CA PRO A 126 27.69 6.08 13.55
C PRO A 126 26.52 6.88 12.99
N GLU A 127 26.73 7.64 11.91
CA GLU A 127 25.67 8.50 11.35
C GLU A 127 24.46 7.75 10.80
N VAL A 128 24.64 6.50 10.39
CA VAL A 128 23.53 5.75 9.79
C VAL A 128 22.91 4.70 10.71
N ARG A 129 23.44 4.58 11.93
CA ARG A 129 22.88 3.65 12.91
C ARG A 129 21.42 3.94 13.23
N GLN A 130 21.06 5.23 13.25
CA GLN A 130 19.69 5.67 13.55
C GLN A 130 18.64 5.19 12.53
N VAL A 131 19.09 4.79 11.34
CA VAL A 131 18.21 4.27 10.28
C VAL A 131 17.62 2.90 10.63
N LEU A 132 18.40 2.10 11.35
CA LEU A 132 18.01 0.75 11.74
C LEU A 132 16.85 0.76 12.75
N PRO A 133 15.94 -0.22 12.65
CA PRO A 133 15.90 -1.28 11.64
C PRO A 133 15.29 -0.85 10.31
N VAL A 134 15.68 -1.53 9.23
CA VAL A 134 15.04 -1.30 7.94
C VAL A 134 13.90 -2.30 7.73
N SER A 135 12.98 -1.95 6.84
CA SER A 135 11.81 -2.79 6.55
C SER A 135 11.71 -3.09 5.06
N GLY A 136 10.83 -4.01 4.71
CA GLY A 136 10.51 -4.30 3.31
C GLY A 136 10.03 -3.07 2.57
N ALA A 137 9.28 -2.21 3.25
CA ALA A 137 8.79 -0.96 2.66
C ALA A 137 9.93 0.00 2.33
N ASP A 138 10.97 0.01 3.18
CA ASP A 138 12.18 0.80 2.92
C ASP A 138 12.83 0.39 1.59
N VAL A 139 12.91 -0.93 1.37
CA VAL A 139 13.48 -1.50 0.16
C VAL A 139 12.65 -1.05 -1.05
N VAL A 140 11.33 -1.15 -0.93
CA VAL A 140 10.41 -0.72 -1.98
C VAL A 140 10.57 0.78 -2.25
N ALA A 141 10.68 1.58 -1.19
CA ALA A 141 10.84 3.04 -1.32
C ALA A 141 12.10 3.44 -2.10
N HIS A 142 13.23 2.83 -1.78
CA HIS A 142 14.45 3.16 -2.52
C HIS A 142 14.33 2.82 -3.99
N ALA A 143 13.79 1.64 -4.30
CA ALA A 143 13.60 1.23 -5.69
C ALA A 143 12.66 2.18 -6.43
N HIS A 144 11.61 2.63 -5.75
CA HIS A 144 10.65 3.61 -6.29
C HIS A 144 11.33 4.92 -6.59
N ARG A 145 12.14 5.42 -5.66
CA ARG A 145 12.90 6.64 -5.90
C ARG A 145 13.84 6.50 -7.09
N LEU A 146 14.62 5.41 -7.10
CA LEU A 146 15.60 5.19 -8.16
C LEU A 146 14.96 5.17 -9.54
N MET A 147 13.86 4.43 -9.67
CA MET A 147 13.20 4.25 -10.96
C MET A 147 12.41 5.46 -11.41
N ASN A 148 11.49 5.90 -10.56
CA ASN A 148 10.54 6.93 -10.95
C ASN A 148 11.03 8.35 -10.72
N PHE A 149 11.88 8.53 -9.72
CA PHE A 149 12.30 9.88 -9.35
C PHE A 149 13.82 10.11 -9.41
N LEU A 150 14.50 9.25 -10.16
CA LEU A 150 15.89 9.49 -10.55
C LEU A 150 16.08 9.18 -12.03
N TYR A 151 15.64 7.99 -12.48
CA TYR A 151 15.76 7.58 -13.88
C TYR A 151 14.68 8.15 -14.79
N VAL A 152 13.46 8.34 -14.26
CA VAL A 152 12.38 8.88 -15.08
C VAL A 152 12.20 10.38 -14.85
N ALA A 153 11.78 10.76 -13.65
CA ALA A 153 11.56 12.17 -13.30
C ALA A 153 12.56 12.64 -12.25
N SER A 154 13.72 13.13 -12.70
CA SER A 154 14.76 13.60 -11.77
C SER A 154 14.55 15.08 -11.40
N PRO A 155 14.93 15.48 -10.16
CA PRO A 155 14.77 16.87 -9.75
C PRO A 155 15.77 17.83 -10.41
N GLY A 156 16.62 17.29 -11.28
CA GLY A 156 17.66 18.06 -11.96
C GLY A 156 18.85 17.17 -12.26
N ARG A 157 19.47 17.39 -13.41
CA ARG A 157 20.59 16.55 -13.83
C ARG A 157 21.87 16.92 -13.10
N THR A 158 22.55 15.91 -12.55
CA THR A 158 23.83 16.14 -11.89
C THR A 158 24.90 16.34 -12.97
N LEU A 159 25.82 17.27 -12.70
CA LEU A 159 26.86 17.62 -13.65
C LEU A 159 28.20 17.01 -13.23
N GLY A 160 29.08 16.81 -14.22
CA GLY A 160 30.44 16.33 -13.97
C GLY A 160 30.59 14.86 -13.62
N GLU A 161 29.54 14.07 -13.87
CA GLU A 161 29.59 12.62 -13.57
C GLU A 161 29.16 11.71 -14.72
N GLY A 162 29.29 12.23 -15.94
CA GLY A 162 28.94 11.50 -17.15
C GLY A 162 27.43 11.41 -17.37
N ASP A 163 27.02 10.90 -18.52
CA ASP A 163 25.61 10.71 -18.81
C ASP A 163 25.28 9.22 -18.67
N PRO A 164 24.32 8.88 -17.78
CA PRO A 164 23.92 7.49 -17.61
C PRO A 164 23.66 6.82 -18.95
N GLY A 165 24.32 5.68 -19.17
CA GLY A 165 24.23 4.98 -20.45
C GLY A 165 24.69 3.54 -20.34
N ALA A 166 25.01 2.95 -21.48
CA ALA A 166 25.37 1.54 -21.57
C ALA A 166 25.57 1.10 -23.01
N ASN A 167 26.31 0.01 -23.18
CA ASN A 167 26.29 -0.77 -24.41
C ASN A 167 25.56 -2.06 -24.13
N SER A 168 25.03 -2.66 -25.19
CA SER A 168 24.38 -3.97 -25.09
C SER A 168 24.48 -4.71 -26.41
N TRP A 169 24.87 -5.99 -26.32
CA TRP A 169 24.89 -6.87 -27.48
C TRP A 169 24.25 -8.18 -27.17
N ALA A 170 23.41 -8.66 -28.07
CA ALA A 170 23.00 -10.05 -28.07
C ALA A 170 23.20 -10.62 -29.47
N VAL A 171 23.79 -11.80 -29.55
CA VAL A 171 24.14 -12.41 -30.84
C VAL A 171 23.46 -13.76 -30.95
N ALA A 172 22.74 -13.97 -32.05
CA ALA A 172 22.02 -15.22 -32.29
C ALA A 172 22.99 -16.35 -32.68
N PRO A 173 22.59 -17.63 -32.43
CA PRO A 173 23.42 -18.79 -32.75
C PRO A 173 24.01 -18.80 -34.16
N GLY A 174 23.19 -18.48 -35.16
CA GLY A 174 23.61 -18.52 -36.56
C GLY A 174 24.76 -17.60 -36.90
N LYS A 175 25.02 -16.64 -36.02
CA LYS A 175 26.09 -15.67 -36.21
C LYS A 175 27.37 -16.06 -35.46
N THR A 176 27.29 -17.16 -34.72
CA THR A 176 28.42 -17.63 -33.90
C THR A 176 29.07 -18.89 -34.47
N ALA A 177 30.31 -19.15 -34.05
CA ALA A 177 31.03 -20.36 -34.46
C ALA A 177 30.45 -21.62 -33.81
N ASN A 178 30.15 -21.53 -32.51
CA ASN A 178 29.70 -22.70 -31.74
C ASN A 178 28.20 -22.94 -31.72
N GLY A 179 27.42 -21.94 -32.15
CA GLY A 179 25.97 -22.07 -32.20
C GLY A 179 25.26 -21.75 -30.89
N ASN A 180 25.93 -20.98 -30.03
CA ASN A 180 25.33 -20.53 -28.76
C ASN A 180 25.25 -19.02 -28.71
N ALA A 181 24.11 -18.50 -28.24
CA ALA A 181 23.88 -17.07 -28.15
C ALA A 181 24.93 -16.38 -27.26
N LEU A 182 25.27 -15.14 -27.61
CA LEU A 182 26.22 -14.34 -26.82
C LEU A 182 25.54 -13.09 -26.29
N LEU A 183 25.92 -12.69 -25.09
CA LEU A 183 25.33 -11.53 -24.44
C LEU A 183 26.37 -10.65 -23.77
N LEU A 184 26.27 -9.34 -24.00
CA LEU A 184 27.10 -8.36 -23.32
C LEU A 184 26.28 -7.48 -22.36
N GLN A 185 26.72 -7.44 -21.09
CA GLN A 185 26.20 -6.50 -20.10
C GLN A 185 27.29 -5.43 -19.93
N ASN A 186 26.92 -4.15 -20.00
CA ASN A 186 27.91 -3.08 -20.13
C ASN A 186 27.38 -1.69 -19.78
N PRO A 187 26.79 -1.52 -18.57
CA PRO A 187 26.24 -0.21 -18.19
C PRO A 187 27.31 0.84 -17.86
N HIS A 188 27.06 2.09 -18.25
CA HIS A 188 27.96 3.20 -17.95
C HIS A 188 27.32 4.16 -16.98
N LEU A 189 27.81 4.18 -15.75
CA LEU A 189 27.34 5.11 -14.74
C LEU A 189 28.50 5.72 -13.98
N SER A 190 28.22 6.75 -13.20
CA SER A 190 29.22 7.39 -12.36
C SER A 190 29.93 6.38 -11.46
N TRP A 191 31.24 6.58 -11.35
CA TRP A 191 32.08 5.77 -10.46
C TRP A 191 31.95 6.16 -9.01
N THR A 192 31.25 7.26 -8.72
CA THR A 192 31.17 7.77 -7.34
C THR A 192 29.76 7.88 -6.73
N THR A 193 28.75 8.21 -7.54
CA THR A 193 27.38 8.40 -7.02
C THR A 193 26.89 7.13 -6.30
N ASP A 194 26.52 7.26 -5.03
CA ASP A 194 26.17 6.08 -4.22
C ASP A 194 25.05 5.21 -4.80
N TYR A 195 23.94 5.81 -5.19
CA TYR A 195 22.82 5.01 -5.70
C TYR A 195 23.08 4.38 -7.08
N PHE A 196 24.17 4.78 -7.73
CA PHE A 196 24.59 4.21 -9.01
C PHE A 196 25.64 3.10 -8.88
N THR A 197 26.07 2.81 -7.65
CA THR A 197 27.06 1.77 -7.40
C THR A 197 26.49 0.38 -7.72
N TYR A 198 27.19 -0.36 -8.58
CA TYR A 198 26.81 -1.74 -8.89
C TYR A 198 27.47 -2.73 -7.95
N TYR A 199 26.76 -3.84 -7.72
CA TYR A 199 27.21 -4.91 -6.84
C TYR A 199 27.00 -6.24 -7.52
N GLU A 200 28.02 -7.09 -7.49
CA GLU A 200 27.99 -8.42 -8.10
C GLU A 200 27.65 -9.49 -7.07
N ALA A 201 26.73 -10.40 -7.43
CA ALA A 201 26.31 -11.46 -6.52
C ALA A 201 25.72 -12.67 -7.26
N HIS A 202 25.52 -13.75 -6.52
CA HIS A 202 25.09 -15.03 -7.06
C HIS A 202 24.12 -15.63 -6.07
N LEU A 203 22.89 -15.88 -6.52
CA LEU A 203 21.85 -16.48 -5.68
C LEU A 203 21.42 -17.84 -6.22
N VAL A 204 21.35 -18.83 -5.33
CA VAL A 204 20.98 -20.20 -5.67
C VAL A 204 19.99 -20.77 -4.66
N THR A 205 18.84 -21.22 -5.15
CA THR A 205 17.86 -21.97 -4.36
C THR A 205 17.55 -23.26 -5.13
N PRO A 206 16.76 -24.18 -4.53
CA PRO A 206 16.34 -25.36 -5.31
C PRO A 206 15.55 -25.01 -6.57
N ASP A 207 14.94 -23.83 -6.61
CA ASP A 207 14.03 -23.46 -7.71
C ASP A 207 14.59 -22.48 -8.74
N PHE A 208 15.58 -21.68 -8.34
CA PHE A 208 16.19 -20.72 -9.26
C PHE A 208 17.68 -20.47 -9.02
N GLU A 209 18.31 -19.87 -10.02
CA GLU A 209 19.67 -19.38 -9.92
C GLU A 209 19.77 -18.09 -10.72
N ILE A 210 20.46 -17.09 -10.15
CA ILE A 210 20.69 -15.82 -10.80
C ILE A 210 22.12 -15.36 -10.49
N TYR A 211 22.82 -14.89 -11.51
CA TYR A 211 24.14 -14.29 -11.33
C TYR A 211 24.16 -12.91 -11.97
N GLY A 212 24.75 -11.93 -11.27
CA GLY A 212 25.01 -10.65 -11.93
C GLY A 212 25.07 -9.41 -11.06
N ALA A 213 24.93 -8.26 -11.71
CA ALA A 213 25.08 -6.97 -11.03
C ALA A 213 23.78 -6.18 -10.92
N THR A 214 23.71 -5.36 -9.87
CA THR A 214 22.55 -4.52 -9.63
C THR A 214 22.96 -3.35 -8.75
N GLN A 215 22.20 -2.26 -8.82
CA GLN A 215 22.45 -1.10 -7.96
C GLN A 215 22.28 -1.46 -6.48
N ILE A 216 23.19 -0.97 -5.64
CA ILE A 216 23.14 -1.27 -4.21
C ILE A 216 21.78 -0.91 -3.61
N GLY A 217 21.28 -1.78 -2.73
CA GLY A 217 19.97 -1.56 -2.11
C GLY A 217 18.83 -2.22 -2.87
N LEU A 218 19.05 -2.57 -4.14
CA LEU A 218 18.05 -3.32 -4.91
C LEU A 218 18.14 -4.81 -4.57
N PRO A 219 16.99 -5.44 -4.24
CA PRO A 219 16.98 -6.83 -3.81
C PRO A 219 16.87 -7.82 -4.98
N VAL A 220 16.89 -7.29 -6.20
CA VAL A 220 16.77 -8.10 -7.41
C VAL A 220 17.90 -7.70 -8.37
N ILE A 221 18.47 -8.69 -9.05
CA ILE A 221 19.58 -8.47 -9.99
C ILE A 221 19.10 -8.03 -11.37
N ARG A 222 19.37 -6.78 -11.72
CA ARG A 222 18.93 -6.23 -13.01
C ARG A 222 19.77 -6.70 -14.20
N PHE A 223 21.08 -6.88 -13.97
CA PHE A 223 21.98 -7.39 -15.01
C PHE A 223 22.29 -8.85 -14.69
N ALA A 224 21.35 -9.71 -15.06
CA ALA A 224 21.34 -11.08 -14.58
C ALA A 224 21.51 -12.11 -15.69
N PHE A 225 22.14 -13.22 -15.35
CA PHE A 225 22.16 -14.40 -16.22
C PHE A 225 22.23 -15.67 -15.38
N ASN A 226 21.93 -16.79 -16.01
CA ASN A 226 22.06 -18.10 -15.37
C ASN A 226 22.37 -19.15 -16.44
N GLN A 227 22.10 -20.42 -16.17
CA GLN A 227 22.40 -21.48 -17.14
C GLN A 227 21.48 -21.44 -18.36
N ARG A 228 20.28 -20.84 -18.20
CA ARG A 228 19.31 -20.78 -19.28
C ARG A 228 19.30 -19.48 -20.07
N MET A 229 19.33 -18.35 -19.37
CA MET A 229 19.06 -17.06 -20.00
C MET A 229 19.79 -15.91 -19.33
N GLY A 230 19.74 -14.74 -19.97
CA GLY A 230 20.31 -13.54 -19.40
C GLY A 230 19.70 -12.28 -20.01
N ILE A 231 19.77 -11.19 -19.26
CA ILE A 231 19.33 -9.89 -19.74
C ILE A 231 20.36 -8.80 -19.46
N THR A 232 20.23 -7.71 -20.20
CA THR A 232 20.94 -6.49 -19.87
C THR A 232 20.05 -5.28 -20.16
N ASN A 233 20.46 -4.13 -19.64
CA ASN A 233 19.66 -2.91 -19.71
C ASN A 233 20.50 -1.77 -20.23
N THR A 234 19.86 -0.87 -20.98
CA THR A 234 20.48 0.42 -21.31
C THR A 234 19.48 1.55 -21.10
N VAL A 235 20.01 2.76 -20.88
CA VAL A 235 19.17 3.94 -20.78
C VAL A 235 18.53 4.24 -22.13
N ASN A 236 17.20 4.35 -22.15
CA ASN A 236 16.49 4.79 -23.35
C ASN A 236 15.82 6.17 -23.17
N GLY A 237 15.89 6.70 -21.96
CA GLY A 237 15.28 7.99 -21.63
C GLY A 237 13.78 8.09 -21.87
N MET A 238 13.07 6.97 -21.70
CA MET A 238 11.62 6.93 -21.86
C MET A 238 10.97 8.12 -21.14
N VAL A 239 10.20 8.90 -21.88
CA VAL A 239 9.56 10.11 -21.33
C VAL A 239 8.31 9.72 -20.54
N GLY A 240 8.51 9.35 -19.28
CA GLY A 240 7.43 8.85 -18.43
C GLY A 240 6.80 9.90 -17.54
N ALA A 241 7.16 11.16 -17.76
CA ALA A 241 6.64 12.27 -16.96
C ALA A 241 6.44 13.51 -17.83
N THR A 242 5.49 14.35 -17.43
CA THR A 242 5.21 15.59 -18.14
C THR A 242 5.25 16.77 -17.16
N ASN A 243 5.96 17.82 -17.58
CA ASN A 243 6.01 19.08 -16.84
C ASN A 243 5.02 20.07 -17.45
N TYR A 244 4.01 20.45 -16.67
CA TYR A 244 2.97 21.35 -17.15
C TYR A 244 3.17 22.77 -16.61
N ARG A 245 3.21 23.75 -17.52
CA ARG A 245 3.23 25.15 -17.10
C ARG A 245 1.82 25.60 -16.73
N LEU A 246 1.62 25.95 -15.47
CA LEU A 246 0.32 26.40 -15.00
C LEU A 246 0.14 27.89 -15.22
N THR A 247 -1.11 28.29 -15.46
CA THR A 247 -1.48 29.71 -15.46
C THR A 247 -2.15 30.01 -14.12
N LEU A 248 -1.39 30.65 -13.23
CA LEU A 248 -1.89 31.03 -11.91
C LEU A 248 -2.85 32.20 -12.03
N GLN A 249 -3.99 32.09 -11.33
CA GLN A 249 -5.02 33.11 -11.35
C GLN A 249 -5.92 32.99 -10.12
N ASP A 250 -6.11 34.11 -9.42
CA ASP A 250 -7.02 34.20 -8.27
C ASP A 250 -6.83 33.07 -7.24
N GLY A 251 -5.57 32.80 -6.89
CA GLY A 251 -5.25 31.79 -5.89
C GLY A 251 -5.27 30.36 -6.40
N GLY A 252 -5.79 30.16 -7.61
CA GLY A 252 -5.83 28.83 -8.23
C GLY A 252 -5.09 28.80 -9.56
N TYR A 253 -5.53 27.92 -10.45
CA TYR A 253 -4.97 27.84 -11.80
C TYR A 253 -6.08 27.80 -12.84
N LEU A 254 -5.82 28.40 -14.01
CA LEU A 254 -6.78 28.41 -15.10
C LEU A 254 -6.76 27.07 -15.82
N TYR A 255 -7.92 26.45 -15.94
CA TYR A 255 -8.01 25.13 -16.57
C TYR A 255 -9.36 25.00 -17.27
N ASP A 256 -9.31 24.75 -18.59
CA ASP A 256 -10.51 24.71 -19.44
C ASP A 256 -11.37 25.96 -19.25
N GLY A 257 -10.73 27.12 -19.33
CA GLY A 257 -11.41 28.41 -19.23
C GLY A 257 -11.98 28.76 -17.87
N GLN A 258 -11.62 27.99 -16.85
CA GLN A 258 -12.14 28.18 -15.49
C GLN A 258 -11.02 28.14 -14.45
N VAL A 259 -11.17 28.92 -13.38
CA VAL A 259 -10.23 28.91 -12.26
C VAL A 259 -10.53 27.74 -11.32
N ARG A 260 -9.56 26.83 -11.20
CA ARG A 260 -9.64 25.69 -10.30
C ARG A 260 -8.77 25.92 -9.06
N PRO A 261 -9.32 25.67 -7.86
CA PRO A 261 -8.49 25.72 -6.66
C PRO A 261 -7.51 24.54 -6.63
N PHE A 262 -6.37 24.72 -5.97
CA PHE A 262 -5.42 23.63 -5.79
C PHE A 262 -5.91 22.67 -4.72
N GLU A 263 -5.58 21.39 -4.86
CA GLU A 263 -5.62 20.47 -3.73
C GLU A 263 -4.43 20.85 -2.85
N ARG A 264 -4.64 20.88 -1.54
CA ARG A 264 -3.60 21.30 -0.61
C ARG A 264 -3.50 20.30 0.53
N ARG A 265 -2.27 19.91 0.87
CA ARG A 265 -2.04 19.14 2.09
C ARG A 265 -0.84 19.64 2.88
N GLN A 266 -1.05 19.81 4.19
CA GLN A 266 -0.03 20.30 5.08
C GLN A 266 0.83 19.16 5.58
N ALA A 267 1.97 18.95 4.94
CA ALA A 267 2.98 18.04 5.42
C ALA A 267 3.98 18.82 6.29
N SER A 268 4.88 18.10 6.94
CA SER A 268 5.99 18.72 7.66
C SER A 268 7.08 17.68 7.88
N TYR A 269 8.29 18.16 8.13
CA TYR A 269 9.43 17.29 8.35
C TYR A 269 10.37 17.90 9.39
N ARG A 270 11.23 17.06 9.96
CA ARG A 270 12.23 17.50 10.93
C ARG A 270 13.53 17.80 10.20
N LEU A 271 14.23 18.83 10.65
CA LEU A 271 15.54 19.18 10.11
C LEU A 271 16.57 19.21 11.23
N ARG A 272 17.59 18.34 11.12
CA ARG A 272 18.65 18.26 12.11
C ARG A 272 19.46 19.55 12.14
N GLN A 273 19.69 20.04 13.36
CA GLN A 273 20.47 21.26 13.58
C GLN A 273 21.91 20.88 13.93
N ALA A 274 22.80 21.86 13.84
CA ALA A 274 24.23 21.67 14.17
C ALA A 274 24.44 21.11 15.59
N ASP A 275 23.52 21.39 16.50
CA ASP A 275 23.65 20.96 17.90
C ASP A 275 23.01 19.60 18.19
N GLY A 276 22.60 18.88 17.14
CA GLY A 276 22.03 17.54 17.29
C GLY A 276 20.53 17.48 17.48
N THR A 277 19.91 18.61 17.79
CA THR A 277 18.45 18.70 17.90
C THR A 277 17.81 18.84 16.51
N THR A 278 16.48 18.71 16.45
CA THR A 278 15.74 18.94 15.20
C THR A 278 14.74 20.07 15.34
N VAL A 279 14.50 20.76 14.23
CA VAL A 279 13.47 21.79 14.15
C VAL A 279 12.38 21.32 13.20
N ASP A 280 11.12 21.51 13.59
CA ASP A 280 9.98 21.19 12.74
C ASP A 280 9.83 22.21 11.62
N LYS A 281 9.81 21.73 10.39
CA LYS A 281 9.65 22.59 9.23
C LYS A 281 8.36 22.26 8.48
N PRO A 282 7.44 23.25 8.36
CA PRO A 282 6.20 23.05 7.63
C PRO A 282 6.45 22.92 6.13
N LEU A 283 5.65 22.09 5.47
CA LEU A 283 5.72 21.93 4.03
C LEU A 283 4.31 21.84 3.44
N GLU A 284 3.93 22.88 2.71
CA GLU A 284 2.67 22.95 2.01
C GLU A 284 2.78 22.29 0.64
N ILE A 285 2.02 21.22 0.43
CA ILE A 285 2.00 20.57 -0.89
C ILE A 285 0.73 20.99 -1.65
N ARG A 286 0.93 21.75 -2.73
CA ARG A 286 -0.16 22.14 -3.63
C ARG A 286 -0.17 21.19 -4.83
N SER A 287 -1.37 20.76 -5.23
CA SER A 287 -1.52 19.90 -6.42
C SER A 287 -2.65 20.38 -7.32
N SER A 288 -2.37 20.37 -8.61
CA SER A 288 -3.39 20.57 -9.63
C SER A 288 -3.87 19.19 -10.09
N VAL A 289 -4.81 19.15 -11.02
CA VAL A 289 -5.27 17.89 -11.60
C VAL A 289 -4.10 17.07 -12.19
N HIS A 290 -3.08 17.76 -12.70
CA HIS A 290 -1.90 17.14 -13.30
C HIS A 290 -1.07 16.37 -12.29
N GLY A 291 -0.81 17.00 -11.15
CA GLY A 291 0.08 16.44 -10.12
C GLY A 291 0.59 17.52 -9.17
N PRO A 292 1.59 17.18 -8.34
CA PRO A 292 2.14 18.15 -7.38
C PRO A 292 2.82 19.34 -8.09
N VAL A 293 2.70 20.52 -7.48
CA VAL A 293 3.15 21.76 -8.09
C VAL A 293 4.49 22.24 -7.50
N PHE A 294 5.41 22.61 -8.40
CA PHE A 294 6.69 23.17 -8.00
C PHE A 294 6.82 24.58 -8.55
N GLU A 295 7.45 25.46 -7.79
CA GLU A 295 7.80 26.80 -8.27
C GLU A 295 9.29 26.84 -8.61
N ARG A 296 9.59 27.26 -9.83
CA ARG A 296 10.98 27.33 -10.30
C ARG A 296 11.65 28.65 -9.92
N ALA A 297 12.97 28.71 -10.10
CA ALA A 297 13.77 29.88 -9.75
C ALA A 297 13.26 31.17 -10.40
N ASP A 298 12.87 31.06 -11.68
CA ASP A 298 12.35 32.21 -12.42
C ASP A 298 10.88 32.53 -12.12
N GLY A 299 10.24 31.70 -11.30
CA GLY A 299 8.87 31.93 -10.85
C GLY A 299 7.77 31.20 -11.60
N THR A 300 8.16 30.27 -12.47
CA THR A 300 7.20 29.47 -13.22
C THR A 300 6.60 28.38 -12.32
N ALA A 301 5.28 28.27 -12.33
CA ALA A 301 4.58 27.21 -11.60
C ALA A 301 4.44 25.97 -12.48
N VAL A 302 5.07 24.88 -12.06
CA VAL A 302 5.14 23.65 -12.86
C VAL A 302 4.52 22.47 -12.12
N ALA A 303 3.47 21.90 -12.70
CA ALA A 303 2.87 20.68 -12.18
C ALA A 303 3.51 19.47 -12.86
N VAL A 304 3.95 18.52 -12.05
CA VAL A 304 4.68 17.34 -12.56
C VAL A 304 3.78 16.11 -12.50
N ARG A 305 3.58 15.50 -13.67
CA ARG A 305 2.72 14.33 -13.79
C ARG A 305 3.56 13.13 -14.19
N VAL A 306 3.70 12.17 -13.27
CA VAL A 306 4.53 10.99 -13.50
C VAL A 306 3.66 9.78 -13.81
N ALA A 307 3.95 9.12 -14.93
CA ALA A 307 3.21 7.91 -15.33
C ALA A 307 3.67 6.71 -14.51
N GLY A 308 2.78 5.73 -14.38
CA GLY A 308 3.13 4.46 -13.75
C GLY A 308 3.31 4.49 -12.24
N LEU A 309 2.70 5.47 -11.58
CA LEU A 309 2.72 5.52 -10.13
C LEU A 309 1.86 4.40 -9.53
N ASP A 310 1.02 3.79 -10.37
CA ASP A 310 0.13 2.69 -9.96
C ASP A 310 0.70 1.30 -10.32
N ARG A 311 2.03 1.20 -10.40
CA ARG A 311 2.70 -0.04 -10.81
C ARG A 311 3.64 -0.55 -9.71
N PRO A 312 3.08 -1.25 -8.70
CA PRO A 312 3.88 -1.65 -7.54
C PRO A 312 4.81 -2.85 -7.78
N GLY A 313 4.70 -3.50 -8.94
CA GLY A 313 5.39 -4.76 -9.16
C GLY A 313 6.71 -4.73 -9.92
N MET A 314 7.44 -3.62 -9.85
CA MET A 314 8.65 -3.53 -10.67
C MET A 314 9.74 -4.49 -10.23
N LEU A 315 9.96 -4.60 -8.92
CA LEU A 315 10.92 -5.57 -8.40
C LEU A 315 10.52 -7.02 -8.76
N GLU A 316 9.27 -7.39 -8.51
CA GLU A 316 8.81 -8.74 -8.85
C GLU A 316 8.89 -9.01 -10.36
N GLN A 317 8.64 -7.98 -11.17
CA GLN A 317 8.73 -8.14 -12.61
C GLN A 317 10.15 -8.54 -13.03
N TYR A 318 11.15 -7.77 -12.59
CA TYR A 318 12.54 -8.14 -12.84
C TYR A 318 12.83 -9.56 -12.33
N PHE A 319 12.35 -9.88 -11.13
CA PHE A 319 12.57 -11.21 -10.54
C PHE A 319 12.02 -12.33 -11.45
N ASP A 320 10.78 -12.16 -11.92
CA ASP A 320 10.16 -13.14 -12.80
C ASP A 320 10.80 -13.16 -14.19
N MET A 321 11.28 -12.00 -14.65
CA MET A 321 11.98 -11.92 -15.92
C MET A 321 13.27 -12.73 -15.90
N ILE A 322 14.06 -12.58 -14.84
CA ILE A 322 15.40 -13.16 -14.78
C ILE A 322 15.39 -14.64 -14.36
N THR A 323 14.27 -15.10 -13.82
CA THR A 323 14.10 -16.50 -13.47
C THR A 323 13.15 -17.22 -14.42
N ALA A 324 12.89 -16.61 -15.58
CA ALA A 324 11.93 -17.16 -16.54
C ALA A 324 12.38 -18.51 -17.10
N ASP A 325 11.44 -19.46 -17.15
CA ASP A 325 11.69 -20.80 -17.68
C ASP A 325 11.74 -20.85 -19.20
N SER A 326 11.27 -19.79 -19.84
CA SER A 326 11.22 -19.71 -21.30
C SER A 326 11.10 -18.26 -21.72
N PHE A 327 11.34 -18.01 -23.00
CA PHE A 327 11.16 -16.67 -23.57
C PHE A 327 9.71 -16.21 -23.44
N ASP A 328 8.77 -17.14 -23.65
CA ASP A 328 7.36 -16.84 -23.47
C ASP A 328 7.06 -16.33 -22.05
N ASP A 329 7.59 -17.03 -21.05
CA ASP A 329 7.45 -16.59 -19.66
C ASP A 329 8.09 -15.22 -19.44
N TYR A 330 9.28 -15.04 -20.03
CA TYR A 330 9.98 -13.76 -19.96
C TYR A 330 9.13 -12.62 -20.49
N GLU A 331 8.58 -12.81 -21.69
CA GLU A 331 7.78 -11.78 -22.35
C GLU A 331 6.49 -11.48 -21.59
N ALA A 332 5.91 -12.50 -20.96
CA ALA A 332 4.71 -12.31 -20.16
C ALA A 332 4.98 -11.40 -18.97
N ALA A 333 6.11 -11.61 -18.31
CA ALA A 333 6.51 -10.77 -17.19
C ALA A 333 6.80 -9.33 -17.64
N LEU A 334 7.57 -9.21 -18.73
CA LEU A 334 7.89 -7.90 -19.32
C LEU A 334 6.61 -7.12 -19.68
N ALA A 335 5.63 -7.82 -20.24
CA ALA A 335 4.36 -7.22 -20.64
C ALA A 335 3.51 -6.67 -19.48
N ARG A 336 3.94 -6.90 -18.24
CA ARG A 336 3.22 -6.35 -17.07
C ARG A 336 3.32 -4.81 -16.98
N MET A 337 4.34 -4.25 -17.63
CA MET A 337 4.57 -2.79 -17.65
C MET A 337 4.78 -2.19 -16.26
N GLN A 338 5.58 -2.87 -15.45
CA GLN A 338 5.89 -2.40 -14.09
C GLN A 338 7.30 -1.81 -14.03
N VAL A 339 8.06 -1.96 -15.12
CA VAL A 339 9.39 -1.35 -15.22
C VAL A 339 9.26 -0.12 -16.12
N PRO A 340 9.45 1.08 -15.54
CA PRO A 340 9.03 2.33 -16.19
C PRO A 340 9.94 2.86 -17.29
N THR A 341 11.11 2.25 -17.47
CA THR A 341 12.08 2.74 -18.47
C THR A 341 13.05 1.63 -18.89
N PHE A 342 14.06 2.01 -19.69
CA PHE A 342 15.17 1.15 -20.14
C PHE A 342 14.91 0.37 -21.42
N ASN A 343 15.93 0.30 -22.27
CA ASN A 343 16.01 -0.74 -23.27
C ASN A 343 16.43 -2.00 -22.54
N ILE A 344 15.79 -3.12 -22.87
CA ILE A 344 16.12 -4.39 -22.25
C ILE A 344 16.42 -5.43 -23.33
N VAL A 345 17.58 -6.06 -23.22
CA VAL A 345 18.03 -7.03 -24.20
C VAL A 345 18.10 -8.42 -23.55
N TYR A 346 17.66 -9.44 -24.29
CA TYR A 346 17.54 -10.81 -23.81
C TYR A 346 18.22 -11.82 -24.74
N ALA A 347 18.79 -12.86 -24.15
CA ALA A 347 19.33 -13.99 -24.90
C ALA A 347 19.19 -15.26 -24.06
N ASP A 348 19.05 -16.41 -24.72
CA ASP A 348 18.97 -17.68 -23.99
C ASP A 348 19.66 -18.86 -24.70
N ARG A 349 19.79 -19.98 -23.99
CA ARG A 349 20.43 -21.18 -24.51
C ARG A 349 19.64 -21.84 -25.65
N GLU A 350 18.34 -21.56 -25.69
CA GLU A 350 17.47 -22.07 -26.77
C GLU A 350 17.74 -21.35 -28.09
N GLY A 351 18.32 -20.15 -28.00
CA GLY A 351 18.78 -19.44 -29.18
C GLY A 351 18.02 -18.17 -29.49
N THR A 352 17.05 -17.81 -28.66
CA THR A 352 16.29 -16.59 -28.86
C THR A 352 17.07 -15.37 -28.38
N ILE A 353 17.05 -14.32 -29.20
CA ILE A 353 17.53 -13.00 -28.77
C ILE A 353 16.41 -11.97 -28.97
N ASN A 354 16.40 -10.95 -28.10
CA ASN A 354 15.34 -9.94 -28.13
C ASN A 354 15.84 -8.57 -27.69
N TYR A 355 15.39 -7.54 -28.39
CA TYR A 355 15.55 -6.16 -27.94
C TYR A 355 14.16 -5.57 -27.68
N SER A 356 14.00 -4.90 -26.54
CA SER A 356 12.76 -4.18 -26.24
C SER A 356 13.02 -2.77 -25.74
N PHE A 357 12.44 -1.79 -26.45
CA PHE A 357 12.40 -0.40 -25.99
C PHE A 357 11.30 -0.34 -24.94
N ASN A 358 11.67 -0.46 -23.67
CA ASN A 358 10.68 -0.64 -22.61
C ASN A 358 10.41 0.62 -21.79
N GLY A 359 9.23 0.66 -21.18
CA GLY A 359 8.91 1.69 -20.20
C GLY A 359 7.43 1.98 -20.14
N VAL A 360 7.04 2.90 -19.27
CA VAL A 360 5.64 3.28 -19.16
C VAL A 360 5.46 4.64 -19.86
N ALA A 361 4.89 4.57 -21.07
CA ALA A 361 4.74 5.74 -21.92
C ALA A 361 3.27 6.14 -22.05
N PRO A 362 2.94 7.38 -21.65
CA PRO A 362 1.59 7.92 -21.81
C PRO A 362 1.12 7.89 -23.27
N LYS A 363 -0.14 7.51 -23.46
CA LYS A 363 -0.78 7.61 -24.77
C LYS A 363 -1.17 9.07 -25.00
N ARG A 364 -0.72 9.62 -26.11
CA ARG A 364 -0.98 11.02 -26.42
C ARG A 364 -1.52 11.14 -27.85
N ALA A 365 -2.43 12.08 -28.05
CA ALA A 365 -3.11 12.28 -29.33
C ALA A 365 -2.34 13.19 -30.30
N GLU A 366 -1.35 13.91 -29.79
CA GLU A 366 -0.59 14.88 -30.58
C GLU A 366 0.78 15.16 -29.98
N GLY A 367 1.64 15.82 -30.75
CA GLY A 367 2.93 16.29 -30.26
C GLY A 367 4.04 15.27 -30.38
N ASP A 368 5.21 15.72 -30.83
CA ASP A 368 6.39 14.87 -30.91
C ASP A 368 7.10 14.83 -29.56
N ILE A 369 8.21 14.09 -29.49
CA ILE A 369 8.94 13.94 -28.24
C ILE A 369 9.43 15.29 -27.68
N ALA A 370 9.94 16.16 -28.55
CA ALA A 370 10.40 17.49 -28.15
C ALA A 370 9.30 18.28 -27.44
N PHE A 371 8.08 18.23 -27.99
CA PHE A 371 6.94 18.91 -27.38
C PHE A 371 6.65 18.37 -25.98
N TRP A 372 6.73 17.06 -25.82
CA TRP A 372 6.41 16.43 -24.53
C TRP A 372 7.54 16.46 -23.54
N GLN A 373 8.74 16.81 -24.00
CA GLN A 373 9.88 16.99 -23.10
C GLN A 373 9.96 18.41 -22.54
N GLY A 374 9.31 19.35 -23.21
CA GLY A 374 9.30 20.75 -22.78
C GLY A 374 8.17 21.03 -21.81
N LEU A 375 7.93 22.31 -21.53
CA LEU A 375 6.80 22.71 -20.72
C LEU A 375 5.52 22.63 -21.54
N VAL A 376 4.60 21.77 -21.11
CA VAL A 376 3.35 21.54 -21.81
C VAL A 376 2.29 22.45 -21.17
N PRO A 377 1.41 23.06 -22.01
CA PRO A 377 0.37 23.92 -21.44
C PRO A 377 -0.46 23.20 -20.37
N GLY A 378 -0.55 23.80 -19.18
CA GLY A 378 -1.28 23.22 -18.06
C GLY A 378 -2.63 23.86 -17.82
N ASP A 379 -3.20 24.46 -18.87
CA ASP A 379 -4.47 25.16 -18.78
C ASP A 379 -5.61 24.45 -19.52
N SER A 380 -5.37 23.20 -19.93
CA SER A 380 -6.33 22.50 -20.77
C SER A 380 -6.28 20.98 -20.64
N SER A 381 -7.46 20.36 -20.57
CA SER A 381 -7.58 18.90 -20.54
C SER A 381 -7.15 18.24 -21.85
N ARG A 382 -6.96 19.06 -22.89
CA ARG A 382 -6.42 18.63 -24.18
C ARG A 382 -5.07 17.93 -24.02
N TYR A 383 -4.31 18.33 -23.00
CA TYR A 383 -2.97 17.80 -22.79
C TYR A 383 -2.86 16.86 -21.59
N LEU A 384 -3.98 16.55 -20.96
CA LEU A 384 -3.99 15.65 -19.80
C LEU A 384 -4.17 14.18 -20.19
N TRP A 385 -3.06 13.48 -20.36
CA TRP A 385 -3.09 12.04 -20.63
C TRP A 385 -3.46 11.24 -19.41
N THR A 386 -4.07 10.07 -19.64
CA THR A 386 -4.55 9.22 -18.55
C THR A 386 -4.24 7.74 -18.76
N GLU A 387 -3.86 7.38 -19.99
CA GLU A 387 -3.57 5.98 -20.32
C GLU A 387 -2.12 5.85 -20.76
N THR A 388 -1.60 4.61 -20.72
CA THR A 388 -0.23 4.32 -21.14
C THR A 388 -0.20 3.17 -22.14
N HIS A 389 0.89 3.07 -22.90
CA HIS A 389 1.04 2.05 -23.94
C HIS A 389 1.36 0.68 -23.41
N PRO A 390 0.74 -0.37 -24.00
CA PRO A 390 1.16 -1.74 -23.68
C PRO A 390 2.46 -2.10 -24.42
N LEU A 391 3.08 -3.20 -24.02
CA LEU A 391 4.35 -3.65 -24.63
C LEU A 391 4.31 -3.74 -26.16
N ASP A 392 3.19 -4.20 -26.70
CA ASP A 392 3.02 -4.40 -28.15
C ASP A 392 3.08 -3.12 -28.99
N ASP A 393 2.95 -1.96 -28.33
CA ASP A 393 3.02 -0.66 -29.00
C ASP A 393 4.46 -0.12 -29.11
N LEU A 394 5.40 -0.77 -28.44
CA LEU A 394 6.78 -0.27 -28.34
C LEU A 394 7.75 -0.97 -29.28
N PRO A 395 8.83 -0.28 -29.72
CA PRO A 395 9.83 -0.89 -30.60
C PRO A 395 10.44 -2.15 -29.99
N ARG A 396 10.35 -3.25 -30.72
CA ARG A 396 10.87 -4.54 -30.27
C ARG A 396 11.39 -5.36 -31.46
N VAL A 397 12.46 -6.10 -31.22
CA VAL A 397 13.07 -6.93 -32.27
C VAL A 397 13.37 -8.31 -31.69
N THR A 398 12.90 -9.35 -32.37
CA THR A 398 13.15 -10.73 -31.94
C THR A 398 13.71 -11.54 -33.10
N ASN A 399 14.84 -12.22 -32.85
CA ASN A 399 15.50 -13.08 -33.84
C ASN A 399 15.54 -12.47 -35.26
N PRO A 400 16.16 -11.28 -35.42
CA PRO A 400 16.14 -10.59 -36.70
C PRO A 400 17.05 -11.26 -37.75
N PRO A 401 16.83 -10.96 -39.04
CA PRO A 401 17.66 -11.53 -40.11
C PRO A 401 19.16 -11.34 -39.90
N GLY A 402 19.57 -10.19 -39.36
CA GLY A 402 20.98 -9.88 -39.11
C GLY A 402 21.66 -10.69 -38.01
N GLY A 403 20.88 -11.35 -37.17
CA GLY A 403 21.43 -12.26 -36.18
C GLY A 403 22.05 -11.60 -34.96
N PHE A 404 21.68 -10.34 -34.71
CA PHE A 404 22.13 -9.62 -33.52
C PHE A 404 21.16 -8.49 -33.20
N VAL A 405 21.16 -8.07 -31.94
CA VAL A 405 20.56 -6.80 -31.56
C VAL A 405 21.59 -6.00 -30.76
N GLN A 406 21.45 -4.69 -30.78
CA GLN A 406 22.35 -3.82 -30.04
C GLN A 406 21.61 -2.57 -29.58
N ASN A 407 22.12 -1.97 -28.50
CA ASN A 407 21.79 -0.59 -28.17
C ASN A 407 22.90 0.05 -27.34
N SER A 408 23.38 1.19 -27.81
CA SER A 408 24.37 2.00 -27.10
C SER A 408 23.79 3.38 -26.78
N ASN A 409 22.53 3.39 -26.36
CA ASN A 409 21.78 4.63 -26.02
C ASN A 409 21.38 5.47 -27.22
N ASP A 410 21.64 4.97 -28.42
CA ASP A 410 21.09 5.56 -29.62
C ASP A 410 19.57 5.39 -29.62
N PRO A 411 18.86 6.32 -30.29
CA PRO A 411 17.44 6.08 -30.58
C PRO A 411 17.26 4.68 -31.19
N PRO A 412 16.09 4.05 -30.96
CA PRO A 412 15.91 2.62 -31.27
C PRO A 412 15.75 2.31 -32.76
N TRP A 413 16.35 3.10 -33.65
CA TRP A 413 16.11 2.98 -35.09
C TRP A 413 17.09 2.12 -35.86
N THR A 414 18.23 1.82 -35.24
CA THR A 414 19.15 0.82 -35.80
C THR A 414 19.53 -0.24 -34.76
N PRO A 415 18.53 -0.94 -34.19
CA PRO A 415 18.79 -1.94 -33.14
C PRO A 415 19.37 -3.23 -33.72
N THR A 416 19.27 -3.37 -35.03
CA THR A 416 19.82 -4.51 -35.75
C THR A 416 20.07 -4.04 -37.18
N TRP A 417 20.67 -4.91 -37.99
CA TRP A 417 21.06 -4.56 -39.35
C TRP A 417 20.97 -5.79 -40.22
N PRO A 418 20.02 -5.81 -41.19
CA PRO A 418 19.09 -4.77 -41.61
C PRO A 418 18.02 -4.45 -40.56
N VAL A 419 17.49 -3.23 -40.61
CA VAL A 419 16.45 -2.81 -39.66
C VAL A 419 15.16 -3.58 -39.91
N THR A 420 14.29 -3.63 -38.91
CA THR A 420 13.03 -4.37 -39.02
C THR A 420 11.81 -3.46 -38.95
N TYR A 421 12.05 -2.18 -38.69
CA TYR A 421 11.00 -1.15 -38.64
C TYR A 421 11.66 0.20 -38.87
N THR A 422 10.84 1.25 -39.00
CA THR A 422 11.34 2.61 -39.17
C THR A 422 10.61 3.54 -38.20
N PRO A 423 11.13 4.78 -38.00
CA PRO A 423 10.49 5.71 -37.05
C PRO A 423 9.00 5.95 -37.32
N LYS A 424 8.59 5.92 -38.58
CA LYS A 424 7.19 6.16 -38.99
C LYS A 424 6.23 5.11 -38.44
N ASP A 425 6.77 3.96 -38.01
CA ASP A 425 5.97 2.86 -37.48
C ASP A 425 5.45 3.08 -36.06
N PHE A 426 5.92 4.14 -35.41
CA PHE A 426 5.61 4.39 -33.99
C PHE A 426 5.22 5.85 -33.77
N PRO A 427 4.47 6.15 -32.69
CA PRO A 427 4.16 7.55 -32.39
C PRO A 427 5.44 8.36 -32.18
N SER A 428 5.44 9.61 -32.64
CA SER A 428 6.64 10.45 -32.66
C SER A 428 7.13 10.90 -31.27
N TYR A 429 6.39 10.55 -30.23
CA TYR A 429 6.77 10.96 -28.86
C TYR A 429 7.53 9.90 -28.07
N LEU A 430 7.70 8.71 -28.65
CA LEU A 430 8.38 7.62 -27.96
C LEU A 430 9.89 7.84 -27.86
N ALA A 431 10.53 8.19 -28.97
CA ALA A 431 11.98 8.31 -29.02
C ALA A 431 12.43 9.41 -29.99
N PRO A 432 13.61 10.01 -29.73
CA PRO A 432 14.15 11.04 -30.62
C PRO A 432 14.53 10.47 -31.98
N GLN A 433 14.65 11.34 -32.98
CA GLN A 433 15.18 10.95 -34.29
C GLN A 433 16.42 11.79 -34.58
N THR A 434 17.29 11.86 -33.57
CA THR A 434 18.52 12.65 -33.61
C THR A 434 19.70 11.78 -34.07
N PRO A 435 20.83 12.41 -34.47
CA PRO A 435 21.99 11.64 -34.92
C PRO A 435 22.50 10.62 -33.89
N HIS A 436 22.77 9.41 -34.35
CA HIS A 436 23.29 8.34 -33.52
C HIS A 436 24.73 8.63 -33.21
N SER A 437 25.14 8.43 -31.96
CA SER A 437 26.51 8.73 -31.55
C SER A 437 27.51 7.83 -32.28
N LEU A 438 28.76 8.24 -32.30
CA LEU A 438 29.79 7.47 -33.00
C LEU A 438 30.06 6.13 -32.30
N ARG A 439 29.92 6.09 -30.97
CA ARG A 439 29.95 4.82 -30.23
C ARG A 439 28.88 3.85 -30.74
N ALA A 440 27.67 4.38 -30.91
CA ALA A 440 26.53 3.59 -31.39
C ALA A 440 26.71 3.12 -32.83
N GLN A 441 27.38 3.94 -33.65
CA GLN A 441 27.70 3.55 -35.02
C GLN A 441 28.73 2.43 -35.04
N GLN A 442 29.74 2.55 -34.16
CA GLN A 442 30.70 1.46 -33.93
C GLN A 442 30.00 0.19 -33.46
N SER A 443 29.05 0.32 -32.53
CA SER A 443 28.29 -0.83 -32.03
C SER A 443 27.67 -1.64 -33.18
N VAL A 444 26.99 -0.95 -34.09
CA VAL A 444 26.37 -1.61 -35.25
C VAL A 444 27.43 -2.22 -36.19
N ARG A 445 28.49 -1.47 -36.47
CA ARG A 445 29.60 -1.95 -37.31
C ARG A 445 30.23 -3.23 -36.75
N LEU A 446 30.61 -3.20 -35.47
CA LEU A 446 31.31 -4.31 -34.83
C LEU A 446 30.50 -5.61 -34.87
N MET A 447 29.19 -5.50 -34.70
CA MET A 447 28.34 -6.68 -34.78
C MET A 447 28.08 -7.09 -36.23
N SER A 448 27.58 -6.17 -37.05
CA SER A 448 27.15 -6.51 -38.42
C SER A 448 28.28 -7.02 -39.31
N GLU A 449 29.49 -6.47 -39.13
CA GLU A 449 30.60 -6.78 -40.03
C GLU A 449 31.33 -8.08 -39.69
N ASN A 450 31.05 -8.63 -38.52
CA ASN A 450 31.71 -9.85 -38.05
C ASN A 450 30.78 -11.05 -38.01
N ASP A 451 31.32 -12.19 -38.44
CA ASP A 451 30.56 -13.43 -38.55
C ASP A 451 31.29 -14.52 -37.78
N ASP A 452 30.61 -15.65 -37.57
CA ASP A 452 31.20 -16.83 -36.92
C ASP A 452 31.92 -16.44 -35.62
N LEU A 453 31.26 -15.64 -34.80
CA LEU A 453 31.84 -15.10 -33.57
C LEU A 453 32.09 -16.16 -32.51
N THR A 454 33.24 -16.06 -31.85
CA THR A 454 33.54 -16.83 -30.65
C THR A 454 33.39 -15.89 -29.46
N LEU A 455 33.30 -16.45 -28.26
CA LEU A 455 33.29 -15.64 -27.04
C LEU A 455 34.55 -14.78 -26.95
N GLU A 456 35.69 -15.37 -27.32
CA GLU A 456 36.97 -14.67 -27.31
C GLU A 456 36.94 -13.43 -28.22
N ARG A 457 36.45 -13.60 -29.45
CA ARG A 457 36.36 -12.50 -30.41
C ARG A 457 35.34 -11.43 -29.97
N PHE A 458 34.23 -11.90 -29.42
CA PHE A 458 33.18 -11.05 -28.85
C PHE A 458 33.79 -10.11 -27.79
N MET A 459 34.58 -10.68 -26.90
CA MET A 459 35.27 -9.92 -25.85
C MET A 459 36.29 -8.94 -26.42
N ALA A 460 37.02 -9.36 -27.46
CA ALA A 460 37.99 -8.49 -28.13
C ALA A 460 37.30 -7.26 -28.72
N LEU A 461 36.14 -7.48 -29.35
CA LEU A 461 35.37 -6.40 -29.95
C LEU A 461 34.83 -5.41 -28.93
N GLN A 462 34.50 -5.90 -27.73
CA GLN A 462 34.01 -5.03 -26.65
C GLN A 462 35.06 -3.97 -26.26
N LEU A 463 36.34 -4.29 -26.44
CA LEU A 463 37.43 -3.40 -26.05
C LEU A 463 37.72 -2.28 -27.06
N SER A 464 36.95 -2.24 -28.15
CA SER A 464 37.18 -1.26 -29.23
C SER A 464 37.25 0.17 -28.69
N HIS A 465 38.26 0.91 -29.17
CA HIS A 465 38.52 2.28 -28.73
C HIS A 465 38.94 3.16 -29.86
N ARG A 466 38.15 3.14 -30.94
CA ARG A 466 38.46 3.91 -32.14
C ARG A 466 38.07 5.37 -31.98
N ALA A 467 38.97 6.27 -32.35
CA ALA A 467 38.63 7.68 -32.51
C ALA A 467 37.93 7.87 -33.85
N VAL A 468 36.69 7.40 -33.92
CA VAL A 468 35.88 7.52 -35.15
C VAL A 468 35.77 8.97 -35.59
N MET A 469 35.63 9.88 -34.63
CA MET A 469 35.60 11.32 -34.89
C MET A 469 36.79 11.75 -35.76
N ALA A 470 37.96 11.21 -35.46
CA ALA A 470 39.18 11.47 -36.24
C ALA A 470 39.07 10.94 -37.68
N ASP A 471 38.47 9.77 -37.85
CA ASP A 471 38.20 9.24 -39.20
C ASP A 471 37.32 10.18 -40.02
N ARG A 472 36.37 10.83 -39.35
CA ARG A 472 35.42 11.72 -40.03
C ARG A 472 35.98 13.11 -40.33
N THR A 473 37.03 13.52 -39.61
CA THR A 473 37.51 14.90 -39.66
C THR A 473 38.95 15.13 -40.10
N LEU A 474 39.85 14.21 -39.74
CA LEU A 474 41.28 14.39 -40.07
C LEU A 474 41.62 14.46 -41.57
N PRO A 475 40.92 13.69 -42.43
CA PRO A 475 41.21 13.83 -43.87
C PRO A 475 41.07 15.28 -44.37
N ASP A 476 40.11 16.03 -43.83
CA ASP A 476 39.92 17.43 -44.18
C ASP A 476 40.77 18.37 -43.32
N LEU A 477 40.90 18.08 -42.03
CA LEU A 477 41.61 18.97 -41.11
C LEU A 477 43.10 19.07 -41.42
N ILE A 478 43.76 17.92 -41.58
CA ILE A 478 45.22 17.86 -41.73
C ILE A 478 45.78 18.77 -42.85
N PRO A 479 45.29 18.60 -44.10
CA PRO A 479 45.87 19.43 -45.17
C PRO A 479 45.61 20.93 -44.96
N ALA A 480 44.46 21.26 -44.37
CA ALA A 480 44.16 22.66 -44.03
C ALA A 480 45.11 23.21 -42.99
N ALA A 481 45.45 22.39 -41.99
CA ALA A 481 46.35 22.82 -40.90
C ALA A 481 47.79 22.97 -41.36
N LEU A 482 48.18 22.12 -42.32
CA LEU A 482 49.53 22.15 -42.87
C LEU A 482 49.85 23.44 -43.61
N ILE A 483 48.83 24.10 -44.15
CA ILE A 483 49.05 25.38 -44.85
C ILE A 483 48.99 26.61 -43.93
N ASP A 484 48.70 26.40 -42.65
CA ASP A 484 48.74 27.49 -41.67
C ASP A 484 50.19 27.96 -41.47
N PRO A 485 50.40 29.30 -41.35
CA PRO A 485 51.77 29.82 -41.22
C PRO A 485 52.45 29.48 -39.89
N ASP A 486 51.67 29.14 -38.87
CA ASP A 486 52.21 28.80 -37.55
C ASP A 486 52.88 27.42 -37.58
N PRO A 487 54.21 27.37 -37.35
CA PRO A 487 54.96 26.11 -37.39
C PRO A 487 54.50 25.09 -36.36
N GLU A 488 54.00 25.56 -35.22
CA GLU A 488 53.47 24.68 -34.18
C GLU A 488 52.16 24.01 -34.61
N VAL A 489 51.35 24.75 -35.38
CA VAL A 489 50.12 24.20 -35.95
C VAL A 489 50.47 23.13 -37.00
N GLN A 490 51.51 23.41 -37.78
CA GLN A 490 52.01 22.44 -38.76
C GLN A 490 52.48 21.15 -38.08
N ALA A 491 53.26 21.30 -37.00
CA ALA A 491 53.74 20.16 -36.22
C ALA A 491 52.60 19.37 -35.59
N ALA A 492 51.59 20.07 -35.08
CA ALA A 492 50.39 19.43 -34.53
C ALA A 492 49.67 18.60 -35.61
N ALA A 493 49.58 19.15 -36.81
CA ALA A 493 48.97 18.46 -37.96
C ALA A 493 49.70 17.15 -38.30
N ARG A 494 51.02 17.19 -38.29
CA ARG A 494 51.83 15.99 -38.56
C ARG A 494 51.70 14.95 -37.45
N LEU A 495 51.61 15.42 -36.21
CA LEU A 495 51.34 14.55 -35.07
C LEU A 495 50.00 13.82 -35.23
N LEU A 496 48.96 14.58 -35.56
CA LEU A 496 47.64 14.00 -35.75
C LEU A 496 47.61 13.05 -36.96
N ALA A 497 48.33 13.41 -38.01
CA ALA A 497 48.38 12.63 -39.24
C ALA A 497 49.04 11.26 -39.07
N ALA A 498 50.03 11.17 -38.18
CA ALA A 498 50.78 9.93 -37.96
C ALA A 498 50.04 8.95 -37.02
N TRP A 499 49.03 9.48 -36.32
CA TRP A 499 48.27 8.73 -35.32
C TRP A 499 47.40 7.67 -35.94
N ASP A 500 47.36 6.49 -35.31
CA ASP A 500 46.55 5.39 -35.82
C ASP A 500 45.07 5.53 -35.45
N ARG A 501 44.73 6.65 -34.81
CA ARG A 501 43.34 7.00 -34.45
C ARG A 501 42.71 6.02 -33.45
N GLU A 502 43.56 5.46 -32.59
CA GLU A 502 43.14 4.61 -31.49
C GLU A 502 43.45 5.27 -30.16
N PHE A 503 42.52 5.14 -29.20
CA PHE A 503 42.76 5.67 -27.86
C PHE A 503 43.57 4.67 -27.02
N THR A 504 44.83 4.49 -27.41
CA THR A 504 45.73 3.58 -26.70
C THR A 504 46.53 4.36 -25.65
N SER A 505 47.05 3.64 -24.66
CA SER A 505 47.88 4.23 -23.61
C SER A 505 49.08 5.03 -24.14
N ASP A 506 49.68 4.53 -25.22
CA ASP A 506 50.91 5.13 -25.74
C ASP A 506 50.69 6.25 -26.75
N SER A 507 49.43 6.55 -27.07
CA SER A 507 49.12 7.55 -28.09
C SER A 507 49.57 8.95 -27.68
N ARG A 508 50.39 9.57 -28.51
CA ARG A 508 50.88 10.91 -28.26
C ARG A 508 49.98 12.00 -28.88
N ALA A 509 49.05 11.61 -29.73
CA ALA A 509 48.17 12.57 -30.41
C ALA A 509 46.76 12.67 -29.83
N ALA A 510 46.34 11.64 -29.11
CA ALA A 510 44.95 11.50 -28.67
C ALA A 510 44.43 12.66 -27.81
N LEU A 511 45.26 13.10 -26.85
CA LEU A 511 44.85 14.19 -25.96
C LEU A 511 44.64 15.48 -26.75
N LEU A 512 45.55 15.75 -27.68
CA LEU A 512 45.42 16.91 -28.55
C LEU A 512 44.14 16.81 -29.37
N PHE A 513 43.88 15.64 -29.95
CA PHE A 513 42.67 15.47 -30.74
C PHE A 513 41.39 15.73 -29.94
N GLU A 514 41.33 15.20 -28.72
CA GLU A 514 40.20 15.44 -27.81
C GLU A 514 39.96 16.94 -27.63
N GLU A 515 41.05 17.68 -27.39
CA GLU A 515 40.97 19.12 -27.15
C GLU A 515 40.42 19.87 -28.36
N TRP A 516 40.80 19.41 -29.55
CA TRP A 516 40.25 19.98 -30.77
C TRP A 516 38.78 19.66 -30.89
N ALA A 517 38.42 18.42 -30.62
CA ALA A 517 37.03 17.97 -30.74
C ALA A 517 36.10 18.66 -29.75
N ARG A 518 36.64 19.07 -28.59
CA ARG A 518 35.89 19.87 -27.61
C ARG A 518 35.39 21.17 -28.22
N LEU A 519 36.16 21.72 -29.16
CA LEU A 519 35.79 22.95 -29.84
C LEU A 519 34.94 22.67 -31.08
N PHE A 520 35.38 21.71 -31.89
CA PHE A 520 34.69 21.34 -33.14
C PHE A 520 33.28 20.80 -32.90
N ALA A 521 33.12 20.00 -31.85
CA ALA A 521 31.85 19.33 -31.59
C ALA A 521 31.26 19.63 -30.20
N GLY A 522 31.77 20.67 -29.54
CA GLY A 522 31.24 21.06 -28.23
C GLY A 522 31.85 20.23 -27.11
N GLN A 523 31.65 20.71 -25.87
CA GLN A 523 32.27 20.07 -24.70
C GLN A 523 31.87 18.61 -24.50
N ASN A 524 30.67 18.25 -24.96
CA ASN A 524 30.20 16.87 -24.88
C ASN A 524 30.46 16.03 -26.15
N PHE A 525 31.11 16.65 -27.13
CA PHE A 525 31.45 16.01 -28.42
C PHE A 525 30.23 15.60 -29.26
N ALA A 526 29.04 16.10 -28.91
CA ALA A 526 27.81 15.74 -29.62
C ALA A 526 27.38 16.73 -30.72
N GLY A 527 28.05 17.88 -30.78
CA GLY A 527 27.72 18.93 -31.76
C GLY A 527 27.84 18.47 -33.21
N GLN A 528 26.93 18.96 -34.04
CA GLN A 528 26.82 18.52 -35.44
C GLN A 528 27.15 19.60 -36.45
N ALA A 529 27.15 20.86 -36.00
CA ALA A 529 27.25 22.02 -36.89
C ALA A 529 28.52 22.08 -37.74
N GLY A 530 29.57 21.41 -37.30
CA GLY A 530 30.86 21.55 -37.97
C GLY A 530 31.14 20.53 -39.08
N PHE A 531 30.31 19.50 -39.19
CA PHE A 531 30.48 18.50 -40.25
C PHE A 531 30.01 19.04 -41.60
N ALA A 532 30.68 18.59 -42.66
CA ALA A 532 30.35 18.99 -44.02
C ALA A 532 29.11 18.26 -44.54
N THR A 533 29.03 16.96 -44.26
CA THR A 533 27.89 16.12 -44.64
C THR A 533 27.15 15.72 -43.36
N PRO A 534 25.86 16.08 -43.25
CA PRO A 534 25.13 15.80 -42.01
C PRO A 534 24.77 14.32 -41.84
N TRP A 535 24.41 13.95 -40.61
CA TRP A 535 23.93 12.61 -40.31
C TRP A 535 22.68 12.28 -41.09
N SER A 536 22.62 11.07 -41.60
CA SER A 536 21.42 10.57 -42.26
C SER A 536 21.12 9.14 -41.82
N LEU A 537 19.86 8.86 -41.52
CA LEU A 537 19.40 7.51 -41.19
C LEU A 537 19.59 6.55 -42.38
N ASP A 538 19.70 7.10 -43.58
CA ASP A 538 20.00 6.31 -44.79
C ASP A 538 21.46 5.85 -44.83
N LYS A 539 22.33 6.58 -44.14
CA LYS A 539 23.74 6.19 -43.98
C LYS A 539 24.12 6.25 -42.49
N PRO A 540 23.51 5.36 -41.68
CA PRO A 540 23.51 5.54 -40.23
C PRO A 540 24.83 5.21 -39.52
N VAL A 541 25.79 4.60 -40.23
CA VAL A 541 27.07 4.27 -39.61
C VAL A 541 28.27 4.91 -40.34
N SER A 542 27.99 5.84 -41.24
CA SER A 542 29.04 6.51 -42.02
C SER A 542 28.82 8.02 -42.18
N THR A 543 27.81 8.54 -41.49
CA THR A 543 27.58 9.98 -41.40
C THR A 543 27.45 10.32 -39.91
N PRO A 544 27.68 11.60 -39.52
CA PRO A 544 28.08 12.73 -40.36
C PRO A 544 29.54 12.59 -40.75
N TYR A 545 30.00 13.41 -41.71
CA TYR A 545 31.36 13.31 -42.20
C TYR A 545 31.91 14.65 -42.71
N GLY A 546 33.23 14.82 -42.58
CA GLY A 546 33.93 15.93 -43.21
C GLY A 546 33.92 17.19 -42.36
N VAL A 547 34.78 18.13 -42.73
CA VAL A 547 34.88 19.41 -42.04
C VAL A 547 34.26 20.49 -42.93
N ARG A 548 33.17 21.09 -42.47
CA ARG A 548 32.44 22.10 -43.25
C ARG A 548 33.26 23.35 -43.55
N ASP A 549 33.99 23.83 -42.55
CA ASP A 549 34.78 25.05 -42.68
C ASP A 549 36.21 24.80 -42.20
N PRO A 550 37.09 24.32 -43.10
CA PRO A 550 38.45 23.95 -42.70
C PRO A 550 39.25 25.09 -42.06
N LYS A 551 39.14 26.30 -42.62
CA LYS A 551 39.82 27.48 -42.06
C LYS A 551 39.42 27.71 -40.61
N ALA A 552 38.12 27.69 -40.32
CA ALA A 552 37.63 27.84 -38.95
C ALA A 552 38.12 26.71 -38.03
N ALA A 553 38.18 25.49 -38.56
CA ALA A 553 38.60 24.32 -37.78
C ALA A 553 40.09 24.35 -37.41
N VAL A 554 40.88 24.97 -38.27
CA VAL A 554 42.31 25.19 -38.01
C VAL A 554 42.52 26.22 -36.89
N ASP A 555 41.67 27.24 -36.84
CA ASP A 555 41.66 28.17 -35.71
C ASP A 555 41.29 27.45 -34.42
N GLN A 556 40.39 26.48 -34.52
CA GLN A 556 40.04 25.63 -33.38
C GLN A 556 41.25 24.79 -32.95
N LEU A 557 42.01 24.30 -33.93
CA LEU A 557 43.24 23.55 -33.64
C LEU A 557 44.26 24.43 -32.94
N ARG A 558 44.45 25.64 -33.43
CA ARG A 558 45.31 26.64 -32.82
C ARG A 558 44.98 26.75 -31.33
N THR A 559 43.70 26.99 -31.04
CA THR A 559 43.23 27.13 -29.66
C THR A 559 43.41 25.83 -28.87
N ALA A 560 43.14 24.69 -29.52
CA ALA A 560 43.28 23.38 -28.88
C ALA A 560 44.73 23.08 -28.49
N ILE A 561 45.67 23.52 -29.31
CA ILE A 561 47.11 23.38 -29.02
C ILE A 561 47.44 24.10 -27.70
N ALA A 562 46.98 25.34 -27.58
CA ALA A 562 47.14 26.11 -26.34
C ALA A 562 46.50 25.38 -25.15
N ASN A 563 45.27 24.90 -25.33
CA ASN A 563 44.53 24.19 -24.28
C ASN A 563 45.20 22.89 -23.84
N THR A 564 45.76 22.16 -24.80
CA THR A 564 46.44 20.89 -24.54
C THR A 564 47.70 21.11 -23.69
N LYS A 565 48.50 22.10 -24.07
CA LYS A 565 49.72 22.42 -23.35
C LYS A 565 49.41 22.92 -21.93
N ARG A 566 48.36 23.72 -21.81
CA ARG A 566 47.94 24.25 -20.51
C ARG A 566 47.49 23.11 -19.58
N LYS A 567 46.67 22.21 -20.11
CA LYS A 567 46.12 21.10 -19.33
C LYS A 567 47.13 20.01 -19.02
N TYR A 568 47.99 19.69 -20.00
CA TYR A 568 48.80 18.47 -19.92
C TYR A 568 50.32 18.68 -19.96
N GLY A 569 50.76 19.90 -20.29
CA GLY A 569 52.18 20.23 -20.26
C GLY A 569 52.86 20.18 -21.61
N ALA A 570 52.25 19.50 -22.57
CA ALA A 570 52.79 19.37 -23.93
C ALA A 570 51.68 18.99 -24.91
N ILE A 571 51.95 19.08 -26.21
CA ILE A 571 50.97 18.62 -27.20
C ILE A 571 51.06 17.13 -27.46
N ASP A 572 52.10 16.47 -26.94
CA ASP A 572 52.35 15.06 -27.24
C ASP A 572 52.60 14.16 -26.02
N ARG A 573 51.95 14.46 -24.91
CA ARG A 573 52.03 13.61 -23.71
C ARG A 573 51.29 12.30 -23.98
N PRO A 574 51.88 11.14 -23.60
CA PRO A 574 51.19 9.86 -23.79
C PRO A 574 49.83 9.83 -23.12
N PHE A 575 48.83 9.37 -23.86
CA PHE A 575 47.43 9.32 -23.43
C PHE A 575 47.29 8.63 -22.07
N GLY A 576 47.98 7.51 -21.91
CA GLY A 576 47.93 6.71 -20.68
C GLY A 576 48.86 7.20 -19.57
N ASP A 577 49.61 8.27 -19.84
CA ASP A 577 50.38 8.97 -18.80
C ASP A 577 49.47 9.98 -18.10
N ALA A 578 48.67 10.70 -18.88
CA ALA A 578 47.67 11.62 -18.32
C ALA A 578 46.44 10.88 -17.81
N SER A 579 45.99 9.88 -18.57
CA SER A 579 44.77 9.15 -18.22
C SER A 579 45.12 7.94 -17.37
N ARG A 580 44.78 8.04 -16.09
CA ARG A 580 45.10 6.99 -15.13
C ARG A 580 43.83 6.50 -14.45
N MET A 581 43.85 5.24 -14.02
CA MET A 581 42.80 4.72 -13.17
C MET A 581 43.44 4.49 -11.81
N ILE A 582 42.94 5.23 -10.82
CA ILE A 582 43.52 5.28 -9.49
C ILE A 582 42.45 4.96 -8.45
N LEU A 583 42.64 3.88 -7.71
CA LEU A 583 41.76 3.54 -6.59
C LEU A 583 42.65 3.10 -5.43
N ASN A 584 42.43 3.67 -4.25
CA ASN A 584 43.37 3.52 -3.13
C ASN A 584 44.80 3.75 -3.61
N ASP A 585 45.68 2.76 -3.41
CA ASP A 585 47.08 2.88 -3.81
C ASP A 585 47.41 2.20 -5.16
N VAL A 586 46.37 1.82 -5.90
CA VAL A 586 46.56 1.22 -7.23
C VAL A 586 46.44 2.32 -8.27
N ASN A 587 47.43 2.40 -9.15
CA ASN A 587 47.52 3.46 -10.16
C ASN A 587 48.01 2.85 -11.47
N VAL A 588 47.10 2.69 -12.42
CA VAL A 588 47.39 1.97 -13.66
C VAL A 588 47.08 2.83 -14.90
N PRO A 589 47.73 2.53 -16.05
CA PRO A 589 47.50 3.37 -17.23
C PRO A 589 46.12 3.14 -17.86
N GLY A 590 45.53 4.22 -18.37
CA GLY A 590 44.23 4.15 -19.02
C GLY A 590 44.33 3.96 -20.52
N ALA A 591 43.22 3.51 -21.10
CA ALA A 591 43.04 3.35 -22.54
C ALA A 591 41.54 3.48 -22.79
N ALA A 592 41.16 3.69 -24.06
CA ALA A 592 39.75 4.00 -24.41
C ALA A 592 39.35 5.36 -23.84
N GLY A 593 38.13 5.79 -24.13
CA GLY A 593 37.73 7.14 -23.75
C GLY A 593 36.29 7.47 -24.04
N TYR A 594 36.07 8.66 -24.58
CA TYR A 594 34.74 9.23 -24.74
C TYR A 594 33.93 8.53 -25.83
N GLY A 595 32.78 8.02 -25.42
CA GLY A 595 31.84 7.39 -26.34
C GLY A 595 31.48 8.25 -27.55
N ASN A 596 31.26 9.54 -27.30
CA ASN A 596 30.85 10.45 -28.37
C ASN A 596 31.95 10.73 -29.39
N LEU A 597 33.19 10.36 -29.04
CA LEU A 597 34.30 10.40 -30.01
C LEU A 597 34.37 9.10 -30.81
N GLY A 598 33.62 8.08 -30.38
CA GLY A 598 33.56 6.80 -31.09
C GLY A 598 34.05 5.59 -30.32
N SER A 599 34.59 5.82 -29.13
CA SER A 599 35.11 4.74 -28.30
C SER A 599 33.93 3.88 -27.79
N PHE A 600 33.95 2.59 -28.12
CA PHE A 600 32.88 1.69 -27.71
C PHE A 600 32.97 1.38 -26.22
N ARG A 601 34.16 0.94 -25.80
CA ARG A 601 34.52 0.85 -24.38
C ARG A 601 34.68 2.29 -23.88
N VAL A 602 34.01 2.62 -22.78
CA VAL A 602 33.89 4.02 -22.35
C VAL A 602 34.60 4.31 -21.03
N PHE A 603 35.46 5.34 -21.07
CA PHE A 603 35.94 5.99 -19.86
C PHE A 603 35.77 7.50 -20.07
N THR A 604 34.79 8.06 -19.36
CA THR A 604 34.56 9.50 -19.38
C THR A 604 35.58 10.14 -18.45
N TRP A 605 36.74 10.50 -19.02
CA TRP A 605 37.85 11.04 -18.25
C TRP A 605 37.50 12.37 -17.65
N SER A 606 37.90 12.57 -16.39
CA SER A 606 37.71 13.84 -15.68
C SER A 606 38.57 14.93 -16.30
N ASP A 607 38.30 16.17 -15.92
CA ASP A 607 39.26 17.24 -16.15
C ASP A 607 40.53 16.90 -15.38
N PRO A 608 41.71 17.27 -15.93
CA PRO A 608 42.96 16.95 -15.25
C PRO A 608 43.22 17.81 -14.02
N ASP A 609 44.04 17.29 -13.11
CA ASP A 609 44.52 18.09 -11.98
C ASP A 609 45.74 18.90 -12.42
N GLU A 610 46.37 19.60 -11.46
CA GLU A 610 47.52 20.47 -11.77
C GLU A 610 48.73 19.75 -12.39
N ASN A 611 48.78 18.43 -12.26
CA ASN A 611 49.85 17.62 -12.87
C ASN A 611 49.44 17.02 -14.22
N GLY A 612 48.24 17.34 -14.68
CA GLY A 612 47.72 16.83 -15.95
C GLY A 612 47.14 15.42 -15.86
N VAL A 613 46.94 14.93 -14.64
CA VAL A 613 46.43 13.58 -14.42
C VAL A 613 44.91 13.63 -14.30
N ARG A 614 44.25 12.72 -15.01
CA ARG A 614 42.79 12.60 -15.00
C ARG A 614 42.41 11.13 -14.77
N THR A 615 41.21 10.92 -14.23
CA THR A 615 40.71 9.56 -13.94
C THR A 615 39.26 9.43 -14.42
N PRO A 616 38.74 8.18 -14.53
CA PRO A 616 37.38 8.06 -15.02
C PRO A 616 36.34 8.57 -14.01
N VAL A 617 35.40 9.34 -14.53
CA VAL A 617 34.31 9.93 -13.76
C VAL A 617 33.10 9.00 -13.90
N HIS A 618 33.14 8.17 -14.93
CA HIS A 618 31.98 7.46 -15.46
C HIS A 618 32.51 6.57 -16.57
N GLY A 619 31.80 5.48 -16.85
CA GLY A 619 32.18 4.59 -17.94
C GLY A 619 32.00 3.14 -17.57
N GLU A 620 32.90 2.28 -18.06
CA GLU A 620 32.89 0.85 -17.74
C GLU A 620 32.75 0.67 -16.24
N THR A 621 31.73 -0.08 -15.84
CA THR A 621 31.55 -0.40 -14.42
C THR A 621 31.48 -1.91 -14.33
N TRP A 622 30.27 -2.45 -14.45
CA TRP A 622 30.05 -3.88 -14.58
C TRP A 622 30.12 -4.26 -16.02
N VAL A 623 31.05 -5.16 -16.35
CA VAL A 623 31.21 -5.63 -17.72
C VAL A 623 31.22 -7.15 -17.69
N ALA A 624 30.28 -7.76 -18.43
CA ALA A 624 30.19 -9.22 -18.50
C ALA A 624 29.84 -9.69 -19.90
N MET A 625 30.44 -10.80 -20.31
CA MET A 625 30.16 -11.41 -21.59
C MET A 625 29.87 -12.88 -21.34
N ILE A 626 28.74 -13.33 -21.84
CA ILE A 626 28.23 -14.67 -21.55
C ILE A 626 27.97 -15.42 -22.85
N GLU A 627 28.44 -16.66 -22.92
CA GLU A 627 28.06 -17.58 -23.99
C GLU A 627 27.13 -18.62 -23.41
N PHE A 628 25.96 -18.79 -24.02
CA PHE A 628 24.97 -19.71 -23.51
C PHE A 628 25.16 -21.13 -24.05
N SER A 629 26.40 -21.61 -23.90
CA SER A 629 26.76 -22.99 -24.08
C SER A 629 26.22 -23.81 -22.91
N THR A 630 26.44 -25.12 -22.93
CA THR A 630 26.04 -26.00 -21.84
C THR A 630 27.27 -26.74 -21.32
N PRO A 631 27.78 -26.36 -20.12
CA PRO A 631 27.29 -25.26 -19.27
C PRO A 631 27.65 -23.89 -19.85
N VAL A 632 27.07 -22.81 -19.31
CA VAL A 632 27.39 -21.47 -19.80
C VAL A 632 28.84 -21.09 -19.48
N ARG A 633 29.40 -20.19 -20.28
CA ARG A 633 30.74 -19.65 -20.01
C ARG A 633 30.62 -18.13 -19.94
N ALA A 634 31.11 -17.54 -18.85
CA ALA A 634 30.98 -16.10 -18.66
C ALA A 634 32.22 -15.48 -18.04
N TYR A 635 32.53 -14.26 -18.48
CA TYR A 635 33.65 -13.50 -17.97
C TYR A 635 33.18 -12.10 -17.63
N GLY A 636 33.81 -11.51 -16.61
CA GLY A 636 33.40 -10.18 -16.16
C GLY A 636 34.43 -9.46 -15.32
N LEU A 637 34.24 -8.15 -15.19
CA LEU A 637 34.98 -7.30 -14.25
C LEU A 637 34.08 -6.20 -13.71
N MET A 638 34.39 -5.74 -12.50
CA MET A 638 33.77 -4.55 -11.92
C MET A 638 34.88 -3.57 -11.64
N SER A 639 34.86 -2.43 -12.35
CA SER A 639 35.93 -1.42 -12.28
C SER A 639 36.32 -1.05 -10.86
N TYR A 640 35.33 -0.76 -10.04
CA TYR A 640 35.55 -0.27 -8.68
C TYR A 640 35.32 -1.33 -7.59
N GLY A 641 35.51 -2.60 -7.96
CA GLY A 641 35.46 -3.70 -6.99
C GLY A 641 34.05 -4.00 -6.49
N ASN A 642 33.95 -4.92 -5.51
CA ASN A 642 32.64 -5.33 -5.02
C ASN A 642 32.24 -4.74 -3.66
N SER A 643 33.10 -3.91 -3.09
CA SER A 643 32.80 -3.26 -1.82
C SER A 643 33.36 -1.86 -1.75
N ARG A 644 32.67 -1.01 -0.99
CA ARG A 644 33.07 0.38 -0.81
C ARG A 644 33.12 0.74 0.68
N GLN A 645 32.94 -0.26 1.53
CA GLN A 645 33.03 -0.07 2.99
C GLN A 645 34.47 0.24 3.37
N PRO A 646 34.67 1.11 4.39
CA PRO A 646 36.04 1.46 4.79
C PRO A 646 36.86 0.24 5.19
N GLY A 647 38.10 0.18 4.71
CA GLY A 647 39.01 -0.90 5.06
C GLY A 647 38.87 -2.16 4.24
N THR A 648 37.89 -2.22 3.33
CA THR A 648 37.74 -3.39 2.49
C THR A 648 38.93 -3.57 1.56
N THR A 649 39.29 -4.83 1.31
CA THR A 649 40.30 -5.16 0.30
C THR A 649 39.66 -5.35 -1.08
N HIS A 650 38.35 -5.10 -1.17
CA HIS A 650 37.60 -5.35 -2.40
C HIS A 650 37.08 -4.11 -3.09
N TYR A 651 37.84 -3.02 -2.98
CA TYR A 651 37.52 -1.82 -3.71
C TYR A 651 38.46 -1.64 -4.90
N SER A 652 39.76 -1.70 -4.64
CA SER A 652 40.77 -1.43 -5.66
C SER A 652 41.35 -2.70 -6.28
N ASP A 653 40.77 -3.86 -5.97
CA ASP A 653 41.38 -5.14 -6.33
C ASP A 653 41.07 -5.68 -7.74
N GLN A 654 40.31 -4.93 -8.53
CA GLN A 654 40.03 -5.35 -9.91
C GLN A 654 40.55 -4.39 -10.96
N ILE A 655 40.93 -3.18 -10.56
CA ILE A 655 41.23 -2.11 -11.52
C ILE A 655 42.51 -2.35 -12.35
N GLU A 656 43.48 -3.04 -11.76
CA GLU A 656 44.68 -3.44 -12.50
C GLU A 656 44.30 -4.41 -13.62
N ARG A 657 43.42 -5.37 -13.31
CA ARG A 657 42.91 -6.30 -14.33
C ARG A 657 42.16 -5.57 -15.44
N VAL A 658 41.36 -4.58 -15.05
CA VAL A 658 40.64 -3.72 -16.00
C VAL A 658 41.63 -3.07 -16.98
N SER A 659 42.75 -2.56 -16.45
CA SER A 659 43.77 -1.89 -17.26
C SER A 659 44.42 -2.80 -18.30
N ARG A 660 44.35 -4.11 -18.08
CA ARG A 660 44.89 -5.09 -19.02
C ARG A 660 43.78 -5.90 -19.71
N ALA A 661 42.53 -5.52 -19.46
CA ALA A 661 41.36 -6.25 -19.98
C ALA A 661 41.49 -7.75 -19.67
N ASP A 662 41.82 -8.04 -18.42
CA ASP A 662 42.06 -9.38 -17.95
C ASP A 662 40.84 -9.82 -17.14
N PHE A 663 39.83 -10.34 -17.83
CA PHE A 663 38.53 -10.59 -17.22
C PHE A 663 38.52 -11.83 -16.31
N ARG A 664 37.79 -11.75 -15.22
CA ARG A 664 37.58 -12.88 -14.32
C ARG A 664 36.61 -13.85 -14.96
N GLU A 665 36.85 -15.14 -14.79
CA GLU A 665 35.82 -16.13 -15.09
C GLU A 665 34.75 -16.05 -14.01
N LEU A 666 33.50 -15.91 -14.42
CA LEU A 666 32.40 -15.83 -13.47
C LEU A 666 31.97 -17.24 -13.09
N LEU A 667 31.91 -17.51 -11.79
CA LEU A 667 31.73 -18.88 -11.33
C LEU A 667 30.31 -19.18 -10.84
N LEU A 668 29.56 -19.93 -11.66
CA LEU A 668 28.18 -20.29 -11.33
C LEU A 668 28.05 -21.72 -10.81
N ARG A 669 28.94 -22.60 -11.23
CA ARG A 669 28.85 -24.02 -10.83
C ARG A 669 29.36 -24.22 -9.41
N ARG A 670 28.65 -25.06 -8.66
CA ARG A 670 28.95 -25.31 -7.25
C ARG A 670 30.41 -25.68 -7.01
N GLU A 671 30.93 -26.61 -7.81
CA GLU A 671 32.31 -27.06 -7.69
C GLU A 671 33.32 -25.92 -7.94
N GLN A 672 32.99 -25.02 -8.86
CA GLN A 672 33.82 -23.84 -9.10
C GLN A 672 33.82 -22.91 -7.89
N VAL A 673 32.64 -22.72 -7.32
CA VAL A 673 32.47 -21.84 -6.15
C VAL A 673 33.22 -22.42 -4.95
N GLU A 674 33.12 -23.73 -4.77
CA GLU A 674 33.80 -24.42 -3.66
C GLU A 674 35.32 -24.35 -3.77
N ALA A 675 35.83 -24.38 -5.00
CA ALA A 675 37.27 -24.28 -5.23
C ALA A 675 37.80 -22.88 -4.93
N ALA A 676 36.93 -21.87 -5.07
CA ALA A 676 37.35 -20.47 -4.95
C ALA A 676 37.02 -19.81 -3.61
N VAL A 677 36.26 -20.49 -2.75
CA VAL A 677 35.77 -19.90 -1.51
C VAL A 677 36.90 -19.39 -0.60
N GLN A 678 36.78 -18.16 -0.14
CA GLN A 678 37.74 -17.58 0.81
C GLN A 678 37.13 -17.31 2.18
N GLU A 679 35.81 -17.12 2.20
CA GLU A 679 35.04 -16.89 3.44
C GLU A 679 33.72 -17.65 3.39
N ARG A 680 33.27 -18.13 4.56
CA ARG A 680 31.99 -18.81 4.68
C ARG A 680 31.11 -18.14 5.72
N THR A 681 29.87 -17.84 5.33
CA THR A 681 28.87 -17.32 6.26
C THR A 681 27.70 -18.29 6.34
N PRO A 682 27.71 -19.19 7.34
CA PRO A 682 26.50 -19.96 7.58
C PRO A 682 25.43 -19.05 8.17
N PHE A 683 24.19 -19.18 7.71
CA PHE A 683 23.15 -18.33 8.29
C PHE A 683 21.88 -19.07 8.67
N ASN A 684 21.11 -18.43 9.55
CA ASN A 684 19.84 -18.95 10.02
C ASN A 684 18.68 -18.10 9.53
N PHE A 685 17.74 -18.75 8.85
CA PHE A 685 16.46 -18.13 8.52
C PHE A 685 15.36 -19.19 8.50
N GLN B 9 -33.33 29.99 22.16
CA GLN B 9 -34.57 29.51 21.47
C GLN B 9 -34.21 28.74 20.19
N ALA B 10 -33.89 29.46 19.12
CA ALA B 10 -33.55 28.85 17.84
C ALA B 10 -32.10 28.35 17.83
N PRO B 11 -31.81 27.31 17.02
CA PRO B 11 -30.42 26.85 16.91
C PRO B 11 -29.57 27.89 16.19
N ILE B 12 -28.24 27.73 16.27
CA ILE B 12 -27.33 28.63 15.56
C ILE B 12 -27.61 28.60 14.05
N ALA B 13 -27.28 29.69 13.36
CA ALA B 13 -27.51 29.80 11.92
C ALA B 13 -26.77 28.69 11.16
N ALA B 14 -27.46 28.08 10.21
CA ALA B 14 -26.90 27.01 9.39
C ALA B 14 -25.88 27.60 8.41
N TYR B 15 -24.77 26.89 8.20
CA TYR B 15 -23.79 27.29 7.20
C TYR B 15 -24.30 26.97 5.80
N LYS B 16 -24.12 27.90 4.87
CA LYS B 16 -24.56 27.71 3.49
C LYS B 16 -23.34 27.64 2.58
N PRO B 17 -22.90 26.42 2.22
CA PRO B 17 -21.73 26.24 1.36
C PRO B 17 -21.91 26.93 0.00
N ARG B 18 -20.89 27.67 -0.42
CA ARG B 18 -20.90 28.33 -1.73
C ARG B 18 -20.02 27.63 -2.74
N SER B 19 -19.25 26.63 -2.27
CA SER B 19 -18.45 25.78 -3.14
C SER B 19 -18.38 24.35 -2.61
N ASN B 20 -18.02 23.42 -3.49
CA ASN B 20 -17.85 22.02 -3.13
C ASN B 20 -16.40 21.76 -2.72
N GLU B 21 -16.23 21.34 -1.47
CA GLU B 21 -14.88 21.12 -0.91
C GLU B 21 -14.92 20.15 0.26
N ILE B 22 -13.84 19.40 0.43
CA ILE B 22 -13.62 18.65 1.67
C ILE B 22 -12.53 19.36 2.46
N LEU B 23 -12.81 19.62 3.73
CA LEU B 23 -11.80 20.12 4.64
C LEU B 23 -11.47 19.00 5.63
N TRP B 24 -10.27 18.45 5.52
CA TRP B 24 -9.82 17.35 6.38
C TRP B 24 -9.08 17.88 7.56
N ASP B 25 -9.41 17.38 8.76
CA ASP B 25 -8.70 17.80 9.96
C ASP B 25 -7.48 16.91 10.24
N GLY B 26 -6.83 17.18 11.38
CA GLY B 26 -5.60 16.48 11.76
C GLY B 26 -5.74 15.01 12.13
N TYR B 27 -6.97 14.51 12.21
CA TYR B 27 -7.20 13.09 12.46
C TYR B 27 -7.77 12.34 11.26
N GLY B 28 -7.77 12.99 10.10
CA GLY B 28 -8.29 12.39 8.88
C GLY B 28 -9.80 12.32 8.80
N VAL B 29 -10.47 13.21 9.55
CA VAL B 29 -11.93 13.34 9.45
C VAL B 29 -12.27 14.31 8.33
N PRO B 30 -13.06 13.85 7.34
CA PRO B 30 -13.47 14.74 6.26
C PRO B 30 -14.68 15.59 6.66
N HIS B 31 -14.57 16.89 6.44
CA HIS B 31 -15.71 17.78 6.55
C HIS B 31 -16.12 18.16 5.17
N ILE B 32 -17.21 17.54 4.71
CA ILE B 32 -17.63 17.62 3.32
C ILE B 32 -18.70 18.69 3.14
N TYR B 33 -18.39 19.69 2.33
CA TYR B 33 -19.32 20.78 2.05
C TYR B 33 -19.80 20.69 0.61
N GLY B 34 -21.12 20.63 0.45
CA GLY B 34 -21.74 20.56 -0.87
C GLY B 34 -22.76 21.67 -1.05
N VAL B 35 -22.88 22.17 -2.28
CA VAL B 35 -23.86 23.20 -2.59
C VAL B 35 -25.27 22.62 -2.75
N ASP B 36 -25.33 21.29 -2.85
CA ASP B 36 -26.60 20.54 -2.90
C ASP B 36 -26.35 19.12 -2.37
N ALA B 37 -27.41 18.33 -2.26
CA ALA B 37 -27.30 16.97 -1.70
C ALA B 37 -26.38 16.05 -2.51
N PRO B 38 -26.60 15.93 -3.84
CA PRO B 38 -25.70 15.06 -4.62
C PRO B 38 -24.21 15.43 -4.48
N SER B 39 -23.90 16.73 -4.42
CA SER B 39 -22.52 17.17 -4.23
C SER B 39 -21.90 16.66 -2.92
N ALA B 40 -22.67 16.70 -1.83
CA ALA B 40 -22.17 16.21 -0.55
C ALA B 40 -22.00 14.68 -0.57
N PHE B 41 -22.95 13.99 -1.19
CA PHE B 41 -22.86 12.54 -1.34
C PHE B 41 -21.65 12.13 -2.17
N TYR B 42 -21.34 12.92 -3.20
CA TYR B 42 -20.16 12.71 -4.03
C TYR B 42 -18.88 12.89 -3.21
N GLY B 43 -18.80 13.98 -2.45
CA GLY B 43 -17.67 14.25 -1.56
C GLY B 43 -17.47 13.13 -0.54
N TYR B 44 -18.58 12.64 -0.01
CA TYR B 44 -18.58 11.54 0.96
C TYR B 44 -18.04 10.24 0.37
N GLY B 45 -18.42 9.96 -0.87
CA GLY B 45 -17.92 8.79 -1.60
C GLY B 45 -16.42 8.90 -1.85
N TRP B 46 -15.99 10.09 -2.29
CA TRP B 46 -14.58 10.40 -2.49
C TRP B 46 -13.80 10.19 -1.22
N ALA B 47 -14.35 10.69 -0.10
CA ALA B 47 -13.68 10.60 1.20
C ALA B 47 -13.55 9.16 1.67
N GLN B 48 -14.64 8.40 1.60
CA GLN B 48 -14.63 6.99 1.96
C GLN B 48 -13.62 6.19 1.13
N ALA B 49 -13.55 6.49 -0.16
CA ALA B 49 -12.57 5.85 -1.05
C ALA B 49 -11.14 6.17 -0.61
N ARG B 50 -10.88 7.42 -0.28
CA ARG B 50 -9.57 7.83 0.20
C ARG B 50 -9.18 7.07 1.48
N SER B 51 -10.12 6.98 2.42
CA SER B 51 -9.82 6.45 3.75
C SER B 51 -9.93 4.93 3.85
N HIS B 52 -10.81 4.34 3.04
CA HIS B 52 -11.13 2.91 3.15
C HIS B 52 -11.40 2.24 1.82
N GLY B 53 -10.90 2.84 0.74
CA GLY B 53 -11.21 2.38 -0.62
C GLY B 53 -11.00 0.91 -0.92
N ASP B 54 -9.87 0.35 -0.50
CA ASP B 54 -9.57 -1.06 -0.78
C ASP B 54 -10.65 -2.02 -0.26
N ASN B 55 -10.97 -1.90 1.02
CA ASN B 55 -11.98 -2.76 1.64
C ASN B 55 -13.40 -2.48 1.17
N ILE B 56 -13.70 -1.22 0.88
CA ILE B 56 -15.01 -0.87 0.30
C ILE B 56 -15.21 -1.55 -1.04
N LEU B 57 -14.20 -1.46 -1.91
CA LEU B 57 -14.26 -2.09 -3.21
C LEU B 57 -14.39 -3.61 -3.11
N ARG B 58 -13.65 -4.22 -2.18
CA ARG B 58 -13.72 -5.66 -1.97
C ARG B 58 -15.15 -6.08 -1.59
N LEU B 59 -15.72 -5.37 -0.61
CA LEU B 59 -17.07 -5.63 -0.15
C LEU B 59 -18.14 -5.42 -1.22
N TYR B 60 -18.00 -4.36 -2.00
CA TYR B 60 -18.94 -4.12 -3.11
C TYR B 60 -18.86 -5.24 -4.14
N GLY B 61 -17.64 -5.72 -4.41
CA GLY B 61 -17.46 -6.86 -5.30
C GLY B 61 -18.15 -8.12 -4.80
N GLU B 62 -18.02 -8.38 -3.50
CA GLU B 62 -18.72 -9.49 -2.86
C GLU B 62 -20.25 -9.35 -2.97
N ALA B 63 -20.75 -8.15 -2.67
CA ALA B 63 -22.20 -7.90 -2.71
C ALA B 63 -22.79 -8.02 -4.13
N ARG B 64 -21.92 -7.92 -5.14
CA ARG B 64 -22.29 -8.20 -6.52
C ARG B 64 -22.46 -9.69 -6.78
N GLY B 65 -22.00 -10.50 -5.83
CA GLY B 65 -21.97 -11.95 -6.01
C GLY B 65 -20.77 -12.38 -6.83
N LYS B 66 -19.76 -11.52 -6.91
CA LYS B 66 -18.60 -11.79 -7.76
C LYS B 66 -17.31 -12.04 -6.98
N GLY B 67 -17.44 -12.33 -5.70
CA GLY B 67 -16.30 -12.68 -4.85
C GLY B 67 -15.51 -13.86 -5.39
N ALA B 68 -16.19 -14.96 -5.64
CA ALA B 68 -15.57 -16.15 -6.24
C ALA B 68 -14.87 -15.81 -7.55
N GLU B 69 -15.54 -15.04 -8.40
CA GLU B 69 -15.02 -14.66 -9.71
C GLU B 69 -13.75 -13.81 -9.60
N TYR B 70 -13.77 -12.82 -8.72
CA TYR B 70 -12.67 -11.88 -8.60
C TYR B 70 -11.48 -12.44 -7.82
N TRP B 71 -11.76 -13.18 -6.74
CA TRP B 71 -10.72 -13.55 -5.77
C TRP B 71 -10.62 -15.02 -5.40
N GLY B 72 -11.44 -15.85 -6.03
CA GLY B 72 -11.29 -17.31 -5.88
C GLY B 72 -11.94 -17.96 -4.67
N PRO B 73 -11.51 -19.19 -4.35
CA PRO B 73 -12.12 -20.11 -3.38
C PRO B 73 -12.42 -19.56 -1.97
N ASP B 74 -11.60 -18.63 -1.49
CA ASP B 74 -11.83 -18.04 -0.16
C ASP B 74 -13.11 -17.23 -0.08
N TYR B 75 -13.63 -16.82 -1.23
CA TYR B 75 -14.80 -15.94 -1.29
C TYR B 75 -16.04 -16.67 -1.82
N GLU B 76 -15.85 -17.93 -2.18
CA GLU B 76 -16.89 -18.75 -2.81
C GLU B 76 -18.10 -19.02 -1.94
N GLN B 77 -17.86 -19.29 -0.65
CA GLN B 77 -18.94 -19.57 0.29
C GLN B 77 -19.90 -18.38 0.40
N THR B 78 -19.34 -17.19 0.56
CA THR B 78 -20.12 -15.95 0.57
C THR B 78 -20.87 -15.74 -0.77
N THR B 79 -20.20 -16.03 -1.88
CA THR B 79 -20.83 -15.94 -3.21
C THR B 79 -22.09 -16.82 -3.30
N VAL B 80 -21.96 -18.09 -2.89
CA VAL B 80 -23.08 -19.04 -2.94
C VAL B 80 -24.22 -18.57 -2.03
N TRP B 81 -23.87 -18.10 -0.83
CA TRP B 81 -24.85 -17.59 0.13
C TRP B 81 -25.63 -16.44 -0.43
N LEU B 82 -24.94 -15.45 -1.00
CA LEU B 82 -25.59 -14.26 -1.54
C LEU B 82 -26.41 -14.53 -2.80
N LEU B 83 -25.91 -15.39 -3.68
CA LEU B 83 -26.65 -15.76 -4.89
C LEU B 83 -27.90 -16.57 -4.57
N THR B 84 -27.79 -17.51 -3.63
CA THR B 84 -28.92 -18.35 -3.22
C THR B 84 -30.04 -17.48 -2.64
N ASN B 85 -29.67 -16.43 -1.91
CA ASN B 85 -30.62 -15.50 -1.33
C ASN B 85 -31.00 -14.33 -2.26
N GLY B 86 -30.52 -14.40 -3.50
CA GLY B 86 -30.87 -13.43 -4.55
C GLY B 86 -30.49 -12.00 -4.27
N VAL B 87 -29.41 -11.81 -3.50
CA VAL B 87 -28.99 -10.49 -3.05
C VAL B 87 -28.63 -9.50 -4.18
N PRO B 88 -27.75 -9.89 -5.13
CA PRO B 88 -27.36 -8.93 -6.18
C PRO B 88 -28.54 -8.48 -7.05
N GLU B 89 -29.39 -9.43 -7.43
CA GLU B 89 -30.59 -9.12 -8.21
C GLU B 89 -31.57 -8.23 -7.43
N ARG B 90 -31.82 -8.56 -6.17
CA ARG B 90 -32.72 -7.75 -5.35
C ARG B 90 -32.19 -6.32 -5.18
N ALA B 91 -30.87 -6.19 -5.08
CA ALA B 91 -30.23 -4.87 -4.98
C ALA B 91 -30.49 -4.01 -6.22
N GLN B 92 -30.43 -4.62 -7.40
CA GLN B 92 -30.79 -3.94 -8.65
C GLN B 92 -32.26 -3.49 -8.60
N GLN B 93 -33.12 -4.32 -8.04
CA GLN B 93 -34.54 -3.99 -7.89
C GLN B 93 -34.71 -2.82 -6.92
N TRP B 94 -34.11 -2.94 -5.74
CA TRP B 94 -34.15 -1.89 -4.72
C TRP B 94 -33.63 -0.56 -5.23
N TYR B 95 -32.55 -0.61 -6.01
CA TYR B 95 -31.98 0.58 -6.63
C TYR B 95 -32.98 1.28 -7.56
N ALA B 96 -33.61 0.50 -8.44
CA ALA B 96 -34.63 1.03 -9.34
C ALA B 96 -35.84 1.57 -8.57
N GLN B 97 -36.09 0.96 -7.41
CA GLN B 97 -37.25 1.30 -6.58
C GLN B 97 -37.01 2.54 -5.69
N GLN B 98 -35.82 3.11 -5.76
CA GLN B 98 -35.52 4.33 -4.98
C GLN B 98 -36.32 5.52 -5.50
N SER B 99 -36.60 6.48 -4.62
CA SER B 99 -37.13 7.77 -5.07
C SER B 99 -36.09 8.40 -5.99
N PRO B 100 -36.53 9.19 -6.99
CA PRO B 100 -35.58 9.80 -7.91
C PRO B 100 -34.52 10.67 -7.22
N ASP B 101 -34.91 11.46 -6.22
CA ASP B 101 -33.96 12.34 -5.56
C ASP B 101 -32.94 11.58 -4.72
N PHE B 102 -33.37 10.51 -4.05
CA PHE B 102 -32.42 9.72 -3.27
C PHE B 102 -31.52 8.85 -4.15
N ARG B 103 -32.06 8.30 -5.23
CA ARG B 103 -31.24 7.58 -6.21
C ARG B 103 -30.11 8.46 -6.76
N ALA B 104 -30.41 9.73 -6.98
CA ALA B 104 -29.40 10.70 -7.43
C ALA B 104 -28.27 10.86 -6.41
N ASN B 105 -28.60 10.78 -5.12
CA ASN B 105 -27.60 10.80 -4.05
C ASN B 105 -26.71 9.55 -4.08
N LEU B 106 -27.34 8.40 -4.30
CA LEU B 106 -26.63 7.14 -4.39
C LEU B 106 -25.70 7.10 -5.60
N ASP B 107 -26.19 7.55 -6.74
CA ASP B 107 -25.38 7.71 -7.95
C ASP B 107 -24.17 8.62 -7.69
N ALA B 108 -24.41 9.73 -7.01
CA ALA B 108 -23.35 10.68 -6.69
C ALA B 108 -22.28 10.05 -5.79
N PHE B 109 -22.72 9.33 -4.76
CA PHE B 109 -21.81 8.61 -3.86
C PHE B 109 -20.89 7.65 -4.61
N ALA B 110 -21.49 6.81 -5.46
CA ALA B 110 -20.73 5.90 -6.31
C ALA B 110 -19.78 6.64 -7.24
N ALA B 111 -20.26 7.75 -7.80
CA ALA B 111 -19.44 8.59 -8.67
C ALA B 111 -18.21 9.17 -7.94
N GLY B 112 -18.38 9.51 -6.67
CA GLY B 112 -17.27 10.01 -5.84
C GLY B 112 -16.18 8.97 -5.65
N ILE B 113 -16.60 7.73 -5.40
CA ILE B 113 -15.68 6.60 -5.29
C ILE B 113 -14.91 6.41 -6.60
N ASN B 114 -15.65 6.35 -7.72
CA ASN B 114 -15.06 6.18 -9.04
C ASN B 114 -14.06 7.28 -9.39
N ALA B 115 -14.43 8.51 -9.04
CA ALA B 115 -13.60 9.67 -9.36
C ALA B 115 -12.33 9.67 -8.51
N TYR B 116 -12.46 9.25 -7.24
CA TYR B 116 -11.27 9.15 -6.41
C TYR B 116 -10.27 8.19 -7.03
N ALA B 117 -10.75 7.01 -7.42
CA ALA B 117 -9.91 5.96 -8.01
C ALA B 117 -9.30 6.41 -9.33
N GLN B 118 -10.09 7.13 -10.12
CA GLN B 118 -9.62 7.68 -11.40
C GLN B 118 -8.48 8.66 -11.20
N GLN B 119 -8.62 9.55 -10.23
CA GLN B 119 -7.62 10.57 -9.94
C GLN B 119 -6.41 10.01 -9.18
N ASN B 120 -6.62 8.91 -8.45
CA ASN B 120 -5.58 8.35 -7.58
C ASN B 120 -5.41 6.84 -7.77
N PRO B 121 -5.08 6.40 -9.00
CA PRO B 121 -5.01 4.96 -9.28
C PRO B 121 -3.96 4.22 -8.45
N ASP B 122 -2.91 4.93 -8.04
CA ASP B 122 -1.85 4.35 -7.22
C ASP B 122 -2.32 3.98 -5.81
N ASP B 123 -3.47 4.52 -5.39
CA ASP B 123 -4.02 4.26 -4.06
C ASP B 123 -4.93 3.03 -4.01
N ILE B 124 -5.23 2.45 -5.17
CA ILE B 124 -6.15 1.31 -5.25
C ILE B 124 -5.35 0.02 -5.39
N SER B 125 -5.56 -0.92 -4.47
CA SER B 125 -4.85 -2.19 -4.50
C SER B 125 -5.13 -2.93 -5.82
N PRO B 126 -4.08 -3.52 -6.43
CA PRO B 126 -4.24 -4.22 -7.71
C PRO B 126 -5.41 -5.20 -7.75
N GLU B 127 -5.63 -5.97 -6.67
CA GLU B 127 -6.68 -7.00 -6.66
C GLU B 127 -8.11 -6.47 -6.72
N VAL B 128 -8.33 -5.22 -6.33
CA VAL B 128 -9.69 -4.66 -6.33
C VAL B 128 -9.96 -3.68 -7.48
N ARG B 129 -8.94 -3.40 -8.30
CA ARG B 129 -9.09 -2.53 -9.47
C ARG B 129 -10.18 -3.05 -10.42
N GLN B 130 -10.27 -4.37 -10.57
CA GLN B 130 -11.27 -5.01 -11.43
C GLN B 130 -12.73 -4.73 -11.05
N VAL B 131 -12.96 -4.32 -9.80
CA VAL B 131 -14.30 -3.99 -9.29
C VAL B 131 -14.85 -2.72 -9.94
N LEU B 132 -13.97 -1.77 -10.22
CA LEU B 132 -14.34 -0.47 -10.79
C LEU B 132 -14.87 -0.60 -12.23
N PRO B 133 -15.85 0.25 -12.60
CA PRO B 133 -16.50 1.26 -11.76
C PRO B 133 -17.59 0.68 -10.85
N VAL B 134 -17.86 1.37 -9.74
CA VAL B 134 -18.99 1.00 -8.90
C VAL B 134 -20.22 1.83 -9.29
N SER B 135 -21.40 1.31 -8.92
CA SER B 135 -22.66 1.96 -9.28
C SER B 135 -23.49 2.18 -8.02
N GLY B 136 -24.55 2.98 -8.16
CA GLY B 136 -25.52 3.15 -7.08
C GLY B 136 -26.10 1.82 -6.61
N ALA B 137 -26.30 0.89 -7.53
CA ALA B 137 -26.81 -0.44 -7.20
C ALA B 137 -25.83 -1.23 -6.32
N ASP B 138 -24.52 -1.09 -6.59
CA ASP B 138 -23.49 -1.70 -5.74
C ASP B 138 -23.62 -1.25 -4.29
N VAL B 139 -23.83 0.06 -4.11
CA VAL B 139 -24.00 0.67 -2.79
C VAL B 139 -25.21 0.09 -2.08
N VAL B 140 -26.32 -0.02 -2.82
CA VAL B 140 -27.55 -0.62 -2.30
C VAL B 140 -27.32 -2.08 -1.91
N ALA B 141 -26.61 -2.82 -2.77
CA ALA B 141 -26.35 -4.24 -2.55
C ALA B 141 -25.56 -4.51 -1.27
N HIS B 142 -24.53 -3.72 -1.02
CA HIS B 142 -23.76 -3.90 0.20
C HIS B 142 -24.57 -3.63 1.44
N ALA B 143 -25.36 -2.55 1.41
CA ALA B 143 -26.22 -2.20 2.55
C ALA B 143 -27.27 -3.30 2.80
N HIS B 144 -27.79 -3.87 1.72
CA HIS B 144 -28.73 -5.00 1.79
C HIS B 144 -28.10 -6.21 2.41
N ARG B 145 -26.88 -6.54 1.98
CA ARG B 145 -26.16 -7.66 2.58
C ARG B 145 -25.93 -7.44 4.08
N LEU B 146 -25.38 -6.29 4.43
CA LEU B 146 -25.07 -5.96 5.82
C LEU B 146 -26.29 -6.09 6.74
N MET B 147 -27.41 -5.50 6.34
CA MET B 147 -28.60 -5.47 7.18
C MET B 147 -29.34 -6.80 7.21
N ASN B 148 -29.69 -7.32 6.04
CA ASN B 148 -30.54 -8.49 5.97
C ASN B 148 -29.78 -9.82 6.03
N PHE B 149 -28.55 -9.83 5.52
CA PHE B 149 -27.82 -11.09 5.42
C PHE B 149 -26.51 -11.11 6.20
N LEU B 150 -26.39 -10.19 7.16
CA LEU B 150 -25.34 -10.22 8.17
C LEU B 150 -25.92 -9.93 9.56
N TYR B 151 -26.65 -8.82 9.70
CA TYR B 151 -27.25 -8.44 10.99
C TYR B 151 -28.54 -9.18 11.32
N VAL B 152 -29.29 -9.60 10.30
CA VAL B 152 -30.56 -10.30 10.54
C VAL B 152 -30.41 -11.81 10.31
N ALA B 153 -30.15 -12.20 9.06
CA ALA B 153 -29.98 -13.61 8.71
C ALA B 153 -28.55 -13.88 8.24
N SER B 154 -27.65 -14.17 9.19
CA SER B 154 -26.25 -14.44 8.85
C SER B 154 -26.05 -15.90 8.46
N PRO B 155 -25.06 -16.19 7.58
CA PRO B 155 -24.79 -17.57 7.17
C PRO B 155 -24.14 -18.41 8.28
N GLY B 156 -23.78 -17.76 9.38
CA GLY B 156 -23.14 -18.41 10.51
C GLY B 156 -22.42 -17.41 11.39
N ARG B 157 -22.41 -17.67 12.69
CA ARG B 157 -21.76 -16.78 13.65
C ARG B 157 -20.24 -16.85 13.56
N THR B 158 -19.60 -15.70 13.39
CA THR B 158 -18.14 -15.62 13.40
C THR B 158 -17.65 -15.73 14.84
N LEU B 159 -16.53 -16.44 15.02
CA LEU B 159 -15.97 -16.67 16.35
C LEU B 159 -14.71 -15.84 16.60
N GLY B 160 -14.43 -15.56 17.87
CA GLY B 160 -13.22 -14.84 18.26
C GLY B 160 -13.18 -13.36 17.90
N GLU B 161 -14.33 -12.80 17.53
CA GLU B 161 -14.44 -11.41 17.10
C GLU B 161 -15.35 -10.59 18.03
N GLY B 162 -15.72 -11.18 19.16
CA GLY B 162 -16.67 -10.57 20.10
C GLY B 162 -18.11 -10.69 19.61
N ASP B 163 -19.06 -10.28 20.44
CA ASP B 163 -20.47 -10.30 20.05
C ASP B 163 -20.93 -8.88 19.71
N PRO B 164 -21.42 -8.67 18.47
CA PRO B 164 -21.90 -7.34 18.09
C PRO B 164 -22.84 -6.76 19.14
N GLY B 165 -22.57 -5.53 19.57
CA GLY B 165 -23.30 -4.91 20.66
C GLY B 165 -23.09 -3.41 20.73
N ALA B 166 -23.46 -2.82 21.86
CA ALA B 166 -23.36 -1.37 22.06
C ALA B 166 -23.92 -0.97 23.42
N ASN B 167 -23.52 0.21 23.87
CA ASN B 167 -24.22 0.92 24.94
C ASN B 167 -24.95 2.08 24.30
N SER B 168 -26.00 2.57 24.96
CA SER B 168 -26.69 3.78 24.53
C SER B 168 -27.32 4.49 25.72
N TRP B 169 -27.10 5.80 25.79
CA TRP B 169 -27.75 6.64 26.79
C TRP B 169 -28.36 7.85 26.16
N ALA B 170 -29.59 8.17 26.55
CA ALA B 170 -30.16 9.47 26.30
C ALA B 170 -30.74 10.01 27.60
N VAL B 171 -30.40 11.25 27.93
CA VAL B 171 -30.80 11.87 29.20
C VAL B 171 -31.66 13.09 28.91
N ALA B 172 -32.82 13.17 29.57
CA ALA B 172 -33.74 14.30 29.40
C ALA B 172 -33.23 15.55 30.14
N PRO B 173 -33.64 16.76 29.68
CA PRO B 173 -33.21 18.02 30.30
C PRO B 173 -33.38 18.09 31.81
N GLY B 174 -34.52 17.61 32.32
CA GLY B 174 -34.81 17.65 33.76
C GLY B 174 -33.83 16.87 34.62
N LYS B 175 -33.05 16.00 33.99
CA LYS B 175 -32.08 15.18 34.70
C LYS B 175 -30.66 15.77 34.60
N THR B 176 -30.54 16.90 33.90
CA THR B 176 -29.24 17.56 33.70
C THR B 176 -29.14 18.88 34.45
N ALA B 177 -27.90 19.32 34.66
CA ALA B 177 -27.64 20.62 35.31
C ALA B 177 -28.02 21.79 34.42
N ASN B 178 -27.67 21.72 33.14
CA ASN B 178 -27.85 22.83 32.21
C ASN B 178 -29.20 22.84 31.46
N GLY B 179 -29.94 21.75 31.56
CA GLY B 179 -31.25 21.66 30.91
C GLY B 179 -31.22 21.28 29.43
N ASN B 180 -30.12 20.65 29.01
CA ASN B 180 -29.97 20.16 27.63
C ASN B 180 -29.81 18.64 27.60
N ALA B 181 -30.51 17.99 26.67
CA ALA B 181 -30.43 16.54 26.52
C ALA B 181 -29.00 16.07 26.26
N LEU B 182 -28.68 14.89 26.77
CA LEU B 182 -27.38 14.26 26.53
C LEU B 182 -27.54 12.94 25.78
N LEU B 183 -26.58 12.64 24.91
CA LEU B 183 -26.62 11.43 24.10
C LEU B 183 -25.26 10.74 24.03
N LEU B 184 -25.26 9.42 24.25
CA LEU B 184 -24.09 8.59 24.06
C LEU B 184 -24.24 7.64 22.85
N GLN B 185 -23.26 7.70 21.96
CA GLN B 185 -23.10 6.74 20.87
C GLN B 185 -21.90 5.86 21.26
N ASN B 186 -22.08 4.54 21.21
CA ASN B 186 -21.12 3.61 21.84
C ASN B 186 -21.23 2.18 21.31
N PRO B 187 -21.14 1.99 19.98
CA PRO B 187 -21.22 0.62 19.43
C PRO B 187 -19.99 -0.25 19.67
N HIS B 188 -20.23 -1.53 19.94
CA HIS B 188 -19.15 -2.50 20.16
C HIS B 188 -19.12 -3.51 19.05
N LEU B 189 -18.11 -3.42 18.19
CA LEU B 189 -17.92 -4.38 17.11
C LEU B 189 -16.46 -4.78 17.00
N SER B 190 -16.20 -5.82 16.21
CA SER B 190 -14.84 -6.27 15.93
C SER B 190 -13.95 -5.14 15.47
N TRP B 191 -12.72 -5.14 15.97
CA TRP B 191 -11.69 -4.19 15.55
C TRP B 191 -11.07 -4.53 14.22
N THR B 192 -11.37 -5.73 13.69
CA THR B 192 -10.73 -6.21 12.46
C THR B 192 -11.67 -6.49 11.27
N THR B 193 -12.89 -6.99 11.53
CA THR B 193 -13.82 -7.34 10.43
C THR B 193 -14.09 -6.12 9.52
N ASP B 194 -13.80 -6.27 8.22
CA ASP B 194 -13.87 -5.13 7.31
C ASP B 194 -15.24 -4.43 7.27
N TYR B 195 -16.31 -5.20 7.11
CA TYR B 195 -17.63 -4.59 7.01
C TYR B 195 -18.15 -4.00 8.33
N PHE B 196 -17.44 -4.27 9.42
CA PHE B 196 -17.76 -3.69 10.73
C PHE B 196 -16.94 -2.44 11.07
N THR B 197 -16.04 -2.04 10.16
CA THR B 197 -15.20 -0.86 10.38
C THR B 197 -16.04 0.40 10.34
N TYR B 198 -15.93 1.23 11.39
CA TYR B 198 -16.63 2.52 11.42
C TYR B 198 -15.77 3.64 10.85
N TYR B 199 -16.43 4.65 10.29
CA TYR B 199 -15.77 5.80 9.69
C TYR B 199 -16.47 7.07 10.14
N GLU B 200 -15.68 8.07 10.52
CA GLU B 200 -16.19 9.35 11.02
C GLU B 200 -16.17 10.39 9.91
N ALA B 201 -17.26 11.15 9.79
CA ALA B 201 -17.37 12.16 8.74
C ALA B 201 -18.40 13.25 9.08
N HIS B 202 -18.39 14.31 8.29
CA HIS B 202 -19.21 15.49 8.51
C HIS B 202 -19.70 15.96 7.17
N LEU B 203 -21.03 16.02 6.99
CA LEU B 203 -21.63 16.48 5.74
C LEU B 203 -22.46 17.75 5.97
N VAL B 204 -22.23 18.75 5.12
CA VAL B 204 -22.92 20.04 5.21
C VAL B 204 -23.39 20.50 3.82
N THR B 205 -24.68 20.76 3.70
CA THR B 205 -25.26 21.42 2.52
C THR B 205 -26.08 22.63 2.99
N PRO B 206 -26.66 23.42 2.06
CA PRO B 206 -27.55 24.49 2.51
C PRO B 206 -28.78 23.98 3.29
N ASP B 207 -29.15 22.72 3.07
CA ASP B 207 -30.40 22.16 3.61
C ASP B 207 -30.25 21.23 4.81
N PHE B 208 -29.08 20.61 4.98
CA PHE B 208 -28.86 19.72 6.12
C PHE B 208 -27.42 19.71 6.60
N GLU B 209 -27.25 19.18 7.80
CA GLU B 209 -25.94 18.88 8.36
C GLU B 209 -26.02 17.59 9.16
N ILE B 210 -25.01 16.74 9.00
CA ILE B 210 -24.91 15.50 9.73
C ILE B 210 -23.45 15.28 10.13
N TYR B 211 -23.24 14.88 11.39
CA TYR B 211 -21.92 14.50 11.86
C TYR B 211 -22.01 13.10 12.47
N GLY B 212 -21.01 12.26 12.21
CA GLY B 212 -20.92 11.00 12.93
C GLY B 212 -20.28 9.82 12.23
N ALA B 213 -20.55 8.63 12.75
CA ALA B 213 -19.91 7.41 12.30
C ALA B 213 -20.88 6.43 11.64
N THR B 214 -20.33 5.60 10.74
CA THR B 214 -21.12 4.64 10.00
C THR B 214 -20.19 3.55 9.45
N GLN B 215 -20.73 2.36 9.21
CA GLN B 215 -19.94 1.29 8.61
C GLN B 215 -19.43 1.68 7.23
N ILE B 216 -18.17 1.34 6.92
CA ILE B 216 -17.59 1.69 5.63
C ILE B 216 -18.45 1.16 4.47
N GLY B 217 -18.59 1.97 3.42
CA GLY B 217 -19.41 1.59 2.28
C GLY B 217 -20.85 2.06 2.38
N LEU B 218 -21.30 2.40 3.59
CA LEU B 218 -22.65 2.97 3.76
C LEU B 218 -22.62 4.46 3.46
N PRO B 219 -23.55 4.93 2.61
CA PRO B 219 -23.57 6.32 2.17
C PRO B 219 -24.38 7.23 3.10
N VAL B 220 -24.86 6.68 4.20
CA VAL B 220 -25.62 7.43 5.20
C VAL B 220 -25.04 7.16 6.59
N ILE B 221 -25.01 8.19 7.44
CA ILE B 221 -24.44 8.08 8.78
C ILE B 221 -25.44 7.53 9.80
N ARG B 222 -25.17 6.32 10.29
CA ARG B 222 -26.10 5.65 11.22
C ARG B 222 -25.98 6.16 12.66
N PHE B 223 -24.78 6.55 13.06
CA PHE B 223 -24.54 7.17 14.37
C PHE B 223 -24.33 8.67 14.17
N ALA B 224 -25.45 9.38 14.03
CA ALA B 224 -25.44 10.76 13.56
C ALA B 224 -25.95 11.74 14.60
N PHE B 225 -25.40 12.96 14.53
CA PHE B 225 -25.98 14.09 15.25
C PHE B 225 -25.71 15.39 14.48
N ASN B 226 -26.42 16.44 14.86
CA ASN B 226 -26.21 17.78 14.34
C ASN B 226 -26.58 18.80 15.39
N GLN B 227 -26.85 20.05 14.99
CA GLN B 227 -27.21 21.09 15.96
C GLN B 227 -28.59 20.88 16.59
N ARG B 228 -29.46 20.12 15.91
CA ARG B 228 -30.82 19.90 16.41
C ARG B 228 -31.02 18.57 17.14
N MET B 229 -30.46 17.49 16.60
CA MET B 229 -30.81 16.14 17.06
C MET B 229 -29.69 15.15 16.86
N GLY B 230 -29.86 13.96 17.42
CA GLY B 230 -28.93 12.86 17.22
C GLY B 230 -29.57 11.52 17.52
N ILE B 231 -29.02 10.47 16.93
CA ILE B 231 -29.43 9.10 17.21
C ILE B 231 -28.25 8.18 17.48
N THR B 232 -28.55 7.05 18.10
CA THR B 232 -27.58 5.96 18.19
C THR B 232 -28.32 4.62 18.09
N ASN B 233 -27.56 3.57 17.83
CA ASN B 233 -28.10 2.24 17.59
C ASN B 233 -27.43 1.21 18.47
N THR B 234 -28.20 0.21 18.90
CA THR B 234 -27.63 -0.97 19.54
C THR B 234 -28.24 -2.23 18.92
N VAL B 235 -27.51 -3.34 19.02
CA VAL B 235 -28.03 -4.64 18.57
C VAL B 235 -29.19 -5.08 19.48
N ASN B 236 -30.35 -5.34 18.87
CA ASN B 236 -31.47 -5.96 19.60
C ASN B 236 -31.75 -7.41 19.20
N GLY B 237 -31.08 -7.87 18.14
CA GLY B 237 -31.25 -9.23 17.65
C GLY B 237 -32.65 -9.56 17.16
N MET B 238 -33.36 -8.56 16.66
CA MET B 238 -34.70 -8.74 16.09
C MET B 238 -34.76 -9.98 15.21
N VAL B 239 -35.67 -10.90 15.53
CA VAL B 239 -35.77 -12.16 14.81
C VAL B 239 -36.55 -11.97 13.52
N GLY B 240 -35.84 -11.49 12.49
CA GLY B 240 -36.48 -11.13 11.22
C GLY B 240 -36.46 -12.22 10.17
N ALA B 241 -36.05 -13.42 10.56
CA ALA B 241 -35.98 -14.57 9.66
C ALA B 241 -36.35 -15.86 10.37
N THR B 242 -36.92 -16.79 9.61
CA THR B 242 -37.31 -18.10 10.12
C THR B 242 -36.62 -19.20 9.32
N ASN B 243 -36.04 -20.17 10.04
CA ASN B 243 -35.45 -21.36 9.45
C ASN B 243 -36.44 -22.52 9.57
N TYR B 244 -36.89 -23.02 8.42
CA TYR B 244 -37.89 -24.09 8.39
C TYR B 244 -37.27 -25.45 8.05
N ARG B 245 -37.50 -26.44 8.90
CA ARG B 245 -37.11 -27.81 8.61
C ARG B 245 -38.11 -28.42 7.63
N LEU B 246 -37.64 -28.76 6.44
CA LEU B 246 -38.50 -29.36 5.44
C LEU B 246 -38.56 -30.88 5.61
N THR B 247 -39.69 -31.47 5.25
CA THR B 247 -39.82 -32.91 5.13
C THR B 247 -39.71 -33.26 3.65
N LEU B 248 -38.54 -33.75 3.25
CA LEU B 248 -38.30 -34.15 1.87
C LEU B 248 -39.02 -35.45 1.54
N GLN B 249 -39.71 -35.47 0.41
CA GLN B 249 -40.46 -36.65 -0.04
C GLN B 249 -40.69 -36.61 -1.54
N ASP B 250 -40.39 -37.73 -2.21
CA ASP B 250 -40.64 -37.91 -3.66
C ASP B 250 -40.10 -36.77 -4.53
N GLY B 251 -38.90 -36.30 -4.23
CA GLY B 251 -38.28 -35.22 -5.00
C GLY B 251 -38.75 -33.82 -4.63
N GLY B 252 -39.78 -33.75 -3.78
CA GLY B 252 -40.31 -32.47 -3.32
C GLY B 252 -40.30 -32.36 -1.81
N TYR B 253 -41.28 -31.63 -1.26
CA TYR B 253 -41.42 -31.50 0.19
C TYR B 253 -42.88 -31.62 0.60
N LEU B 254 -43.11 -32.23 1.76
CA LEU B 254 -44.46 -32.40 2.30
C LEU B 254 -44.95 -31.09 2.88
N TYR B 255 -46.12 -30.64 2.43
CA TYR B 255 -46.70 -29.38 2.88
C TYR B 255 -48.21 -29.48 2.86
N ASP B 256 -48.83 -29.27 4.03
CA ASP B 256 -50.28 -29.44 4.21
C ASP B 256 -50.78 -30.78 3.68
N GLY B 257 -50.08 -31.85 4.06
CA GLY B 257 -50.47 -33.22 3.70
C GLY B 257 -50.28 -33.61 2.25
N GLN B 258 -49.57 -32.78 1.49
CA GLN B 258 -49.34 -33.01 0.07
C GLN B 258 -47.89 -32.73 -0.32
N VAL B 259 -47.37 -33.52 -1.26
CA VAL B 259 -46.02 -33.31 -1.78
C VAL B 259 -46.03 -32.16 -2.78
N ARG B 260 -45.25 -31.12 -2.47
CA ARG B 260 -45.07 -29.97 -3.35
C ARG B 260 -43.72 -30.04 -4.03
N PRO B 261 -43.68 -29.82 -5.36
CA PRO B 261 -42.40 -29.69 -6.05
C PRO B 261 -41.70 -28.39 -5.67
N PHE B 262 -40.37 -28.39 -5.71
CA PHE B 262 -39.60 -27.18 -5.47
C PHE B 262 -39.67 -26.26 -6.69
N GLU B 263 -39.67 -24.96 -6.45
CA GLU B 263 -39.28 -24.00 -7.47
C GLU B 263 -37.78 -24.18 -7.68
N ARG B 264 -37.36 -24.26 -8.93
CA ARG B 264 -35.95 -24.52 -9.27
C ARG B 264 -35.46 -23.47 -10.25
N ARG B 265 -34.25 -22.98 -10.01
CA ARG B 265 -33.68 -21.94 -10.83
C ARG B 265 -32.17 -22.19 -11.01
N GLN B 266 -31.76 -22.32 -12.26
CA GLN B 266 -30.36 -22.64 -12.57
C GLN B 266 -29.52 -21.38 -12.70
N ALA B 267 -28.82 -21.05 -11.63
CA ALA B 267 -27.82 -19.98 -11.65
C ALA B 267 -26.46 -20.58 -11.96
N SER B 268 -25.45 -19.72 -12.02
CA SER B 268 -24.05 -20.14 -12.17
C SER B 268 -23.16 -18.95 -11.86
N TYR B 269 -21.91 -19.24 -11.51
CA TYR B 269 -20.94 -18.20 -11.22
C TYR B 269 -19.55 -18.61 -11.69
N ARG B 270 -18.65 -17.63 -11.78
CA ARG B 270 -17.27 -17.86 -12.18
C ARG B 270 -16.42 -17.98 -10.93
N LEU B 271 -15.46 -18.91 -10.95
CA LEU B 271 -14.53 -19.08 -9.84
C LEU B 271 -13.10 -18.91 -10.34
N ARG B 272 -12.39 -17.95 -9.77
CA ARG B 272 -11.01 -17.67 -10.16
C ARG B 272 -10.08 -18.83 -9.78
N GLN B 273 -9.24 -19.22 -10.74
CA GLN B 273 -8.28 -20.30 -10.56
C GLN B 273 -6.90 -19.72 -10.26
N ALA B 274 -6.02 -20.56 -9.72
CA ALA B 274 -4.64 -20.16 -9.38
C ALA B 274 -3.88 -19.52 -10.56
N ASP B 275 -4.22 -19.94 -11.78
CA ASP B 275 -3.54 -19.42 -12.98
C ASP B 275 -4.17 -18.15 -13.56
N GLY B 276 -5.12 -17.57 -12.83
CA GLY B 276 -5.74 -16.32 -13.24
C GLY B 276 -6.98 -16.45 -14.11
N THR B 277 -7.26 -17.66 -14.59
CA THR B 277 -8.47 -17.93 -15.37
C THR B 277 -9.65 -18.21 -14.43
N THR B 278 -10.85 -18.30 -15.00
CA THR B 278 -12.04 -18.69 -14.24
C THR B 278 -12.64 -19.96 -14.82
N VAL B 279 -13.35 -20.70 -13.97
CA VAL B 279 -14.14 -21.85 -14.40
C VAL B 279 -15.61 -21.57 -14.08
N ASP B 280 -16.50 -21.92 -15.01
CA ASP B 280 -17.94 -21.82 -14.78
C ASP B 280 -18.38 -22.88 -13.77
N LYS B 281 -19.01 -22.43 -12.69
CA LYS B 281 -19.56 -23.35 -11.69
C LYS B 281 -21.09 -23.24 -11.66
N PRO B 282 -21.78 -24.37 -11.94
CA PRO B 282 -23.24 -24.39 -11.88
C PRO B 282 -23.75 -24.33 -10.45
N LEU B 283 -24.89 -23.65 -10.26
CA LEU B 283 -25.54 -23.56 -8.95
C LEU B 283 -27.05 -23.62 -9.16
N GLU B 284 -27.67 -24.68 -8.67
CA GLU B 284 -29.11 -24.79 -8.73
C GLU B 284 -29.73 -24.29 -7.43
N ILE B 285 -30.61 -23.30 -7.56
CA ILE B 285 -31.32 -22.77 -6.40
C ILE B 285 -32.70 -23.43 -6.33
N ARG B 286 -32.92 -24.20 -5.27
CA ARG B 286 -34.22 -24.79 -4.97
C ARG B 286 -34.93 -23.93 -3.93
N SER B 287 -36.21 -23.68 -4.16
CA SER B 287 -37.01 -22.89 -3.22
C SER B 287 -38.35 -23.55 -2.94
N SER B 288 -38.72 -23.55 -1.67
CA SER B 288 -40.06 -23.93 -1.24
C SER B 288 -40.89 -22.66 -1.11
N VAL B 289 -42.16 -22.79 -0.74
CA VAL B 289 -43.02 -21.64 -0.47
C VAL B 289 -42.39 -20.68 0.57
N HIS B 290 -41.64 -21.24 1.52
CA HIS B 290 -40.97 -20.48 2.57
C HIS B 290 -39.90 -19.56 2.05
N GLY B 291 -39.07 -20.10 1.14
CA GLY B 291 -37.89 -19.38 0.65
C GLY B 291 -36.84 -20.33 0.09
N PRO B 292 -35.62 -19.82 -0.17
CA PRO B 292 -34.54 -20.67 -0.70
C PRO B 292 -34.13 -21.78 0.27
N VAL B 293 -33.72 -22.91 -0.28
CA VAL B 293 -33.43 -24.11 0.50
C VAL B 293 -31.94 -24.38 0.63
N PHE B 294 -31.50 -24.68 1.85
CA PHE B 294 -30.12 -25.02 2.13
C PHE B 294 -30.05 -26.42 2.75
N GLU B 295 -28.99 -27.15 2.44
CA GLU B 295 -28.74 -28.43 3.10
C GLU B 295 -27.56 -28.28 4.07
N ARG B 296 -27.80 -28.68 5.32
CA ARG B 296 -26.79 -28.60 6.37
C ARG B 296 -25.89 -29.83 6.37
N ALA B 297 -24.82 -29.76 7.17
CA ALA B 297 -23.84 -30.84 7.29
C ALA B 297 -24.47 -32.20 7.59
N ASP B 298 -25.42 -32.22 8.53
CA ASP B 298 -26.11 -33.45 8.92
C ASP B 298 -27.15 -33.94 7.90
N GLY B 299 -27.45 -33.10 6.91
CA GLY B 299 -28.39 -33.47 5.84
C GLY B 299 -29.79 -32.93 6.00
N THR B 300 -29.99 -32.03 6.96
CA THR B 300 -31.28 -31.38 7.18
C THR B 300 -31.54 -30.34 6.10
N ALA B 301 -32.69 -30.43 5.45
CA ALA B 301 -33.11 -29.45 4.45
C ALA B 301 -33.81 -28.27 5.15
N VAL B 302 -33.22 -27.08 5.04
CA VAL B 302 -33.70 -25.90 5.74
C VAL B 302 -34.06 -24.77 4.77
N ALA B 303 -35.34 -24.38 4.77
CA ALA B 303 -35.81 -23.24 3.98
C ALA B 303 -35.73 -21.98 4.81
N VAL B 304 -35.09 -20.94 4.27
CA VAL B 304 -34.87 -19.70 5.01
C VAL B 304 -35.81 -18.60 4.50
N ARG B 305 -36.62 -18.08 5.42
CA ARG B 305 -37.60 -17.04 5.09
C ARG B 305 -37.20 -15.76 5.80
N VAL B 306 -36.78 -14.76 5.02
CA VAL B 306 -36.35 -13.48 5.55
C VAL B 306 -37.45 -12.43 5.37
N ALA B 307 -37.81 -11.75 6.45
CA ALA B 307 -38.83 -10.70 6.41
C ALA B 307 -38.23 -9.41 5.86
N GLY B 308 -39.07 -8.57 5.28
CA GLY B 308 -38.66 -7.24 4.86
C GLY B 308 -37.79 -7.18 3.62
N LEU B 309 -37.88 -8.22 2.77
CA LEU B 309 -37.16 -8.20 1.49
C LEU B 309 -37.80 -7.20 0.53
N ASP B 310 -39.01 -6.75 0.87
CA ASP B 310 -39.75 -5.76 0.07
C ASP B 310 -39.61 -4.32 0.61
N ARG B 311 -38.50 -4.05 1.31
CA ARG B 311 -38.27 -2.74 1.93
C ARG B 311 -37.03 -2.06 1.36
N PRO B 312 -37.16 -1.41 0.19
CA PRO B 312 -35.98 -0.84 -0.49
C PRO B 312 -35.44 0.47 0.09
N GLY B 313 -36.17 1.07 1.04
CA GLY B 313 -35.84 2.42 1.50
C GLY B 313 -35.07 2.54 2.81
N MET B 314 -34.22 1.57 3.13
CA MET B 314 -33.55 1.62 4.43
C MET B 314 -32.54 2.76 4.53
N LEU B 315 -31.74 2.94 3.47
CA LEU B 315 -30.79 4.05 3.43
C LEU B 315 -31.51 5.40 3.50
N GLU B 316 -32.55 5.58 2.70
CA GLU B 316 -33.32 6.84 2.72
C GLU B 316 -34.01 7.05 4.07
N GLN B 317 -34.47 5.97 4.70
CA GLN B 317 -35.08 6.09 6.01
C GLN B 317 -34.10 6.65 7.04
N TYR B 318 -32.91 6.05 7.14
CA TYR B 318 -31.87 6.62 7.99
C TYR B 318 -31.60 8.09 7.64
N PHE B 319 -31.49 8.39 6.35
CA PHE B 319 -31.22 9.75 5.89
C PHE B 319 -32.28 10.75 6.38
N ASP B 320 -33.56 10.38 6.22
CA ASP B 320 -34.65 11.22 6.68
C ASP B 320 -34.73 11.28 8.21
N MET B 321 -34.38 10.19 8.87
CA MET B 321 -34.35 10.17 10.33
C MET B 321 -33.35 11.16 10.90
N ILE B 322 -32.13 11.15 10.37
CA ILE B 322 -31.03 11.93 10.91
C ILE B 322 -31.04 13.40 10.47
N THR B 323 -31.85 13.71 9.46
CA THR B 323 -32.02 15.08 8.99
C THR B 323 -33.40 15.63 9.35
N ALA B 324 -34.08 14.98 10.29
CA ALA B 324 -35.46 15.35 10.65
C ALA B 324 -35.52 16.73 11.31
N ASP B 325 -36.50 17.53 10.89
CA ASP B 325 -36.69 18.87 11.45
C ASP B 325 -37.38 18.87 12.81
N SER B 326 -37.94 17.73 13.19
CA SER B 326 -38.65 17.58 14.46
C SER B 326 -38.74 16.10 14.84
N PHE B 327 -39.12 15.84 16.09
CA PHE B 327 -39.35 14.49 16.55
C PHE B 327 -40.49 13.82 15.76
N ASP B 328 -41.52 14.61 15.44
CA ASP B 328 -42.63 14.15 14.60
C ASP B 328 -42.15 13.64 13.24
N ASP B 329 -41.33 14.43 12.56
CA ASP B 329 -40.73 13.98 11.29
C ASP B 329 -39.88 12.74 11.48
N TYR B 330 -39.08 12.72 12.55
CA TYR B 330 -38.25 11.58 12.88
C TYR B 330 -39.08 10.29 13.00
N GLU B 331 -40.13 10.35 13.81
CA GLU B 331 -40.99 9.20 14.05
C GLU B 331 -41.73 8.74 12.79
N ALA B 332 -42.08 9.69 11.92
CA ALA B 332 -42.73 9.36 10.64
C ALA B 332 -41.80 8.55 9.74
N ALA B 333 -40.53 8.93 9.71
CA ALA B 333 -39.54 8.20 8.92
C ALA B 333 -39.30 6.81 9.54
N LEU B 334 -39.13 6.77 10.85
CA LEU B 334 -38.95 5.50 11.58
C LEU B 334 -40.10 4.53 11.32
N ALA B 335 -41.33 5.06 11.31
CA ALA B 335 -42.54 4.27 11.08
C ALA B 335 -42.63 3.63 9.68
N ARG B 336 -41.72 3.99 8.78
CA ARG B 336 -41.67 3.38 7.45
C ARG B 336 -41.32 1.88 7.46
N MET B 337 -40.67 1.44 8.54
CA MET B 337 -40.26 0.04 8.73
C MET B 337 -39.36 -0.47 7.60
N GLN B 338 -38.36 0.34 7.24
CA GLN B 338 -37.38 -0.03 6.21
C GLN B 338 -36.04 -0.42 6.83
N VAL B 339 -35.89 -0.17 8.13
CA VAL B 339 -34.70 -0.60 8.89
C VAL B 339 -35.08 -1.86 9.67
N PRO B 340 -34.49 -3.02 9.29
CA PRO B 340 -35.00 -4.32 9.71
C PRO B 340 -34.62 -4.79 11.12
N THR B 341 -33.79 -4.03 11.83
CA THR B 341 -33.31 -4.42 13.17
C THR B 341 -32.81 -3.20 13.95
N PHE B 342 -32.28 -3.45 15.15
CA PHE B 342 -31.64 -2.45 16.02
C PHE B 342 -32.57 -1.76 17.00
N ASN B 343 -32.10 -1.59 18.23
CA ASN B 343 -32.66 -0.57 19.10
C ASN B 343 -32.15 0.76 18.60
N ILE B 344 -33.02 1.76 18.57
CA ILE B 344 -32.62 3.09 18.13
C ILE B 344 -33.01 4.12 19.18
N VAL B 345 -32.04 4.92 19.58
CA VAL B 345 -32.22 5.92 20.62
C VAL B 345 -32.06 7.33 20.03
N TYR B 346 -32.91 8.25 20.47
CA TYR B 346 -32.99 9.60 19.92
C TYR B 346 -32.97 10.64 21.04
N ALA B 347 -32.37 11.80 20.74
CA ALA B 347 -32.43 12.97 21.61
C ALA B 347 -32.33 14.23 20.76
N ASP B 348 -32.94 15.32 21.22
CA ASP B 348 -32.85 16.59 20.49
C ASP B 348 -32.74 17.82 21.39
N ARG B 349 -32.48 18.98 20.79
CA ARG B 349 -32.34 20.24 21.51
C ARG B 349 -33.65 20.73 22.12
N GLU B 350 -34.77 20.26 21.57
CA GLU B 350 -36.10 20.61 22.09
C GLU B 350 -36.36 19.90 23.42
N GLY B 351 -35.67 18.80 23.64
CA GLY B 351 -35.71 18.11 24.93
C GLY B 351 -36.34 16.73 24.90
N THR B 352 -36.74 16.27 23.73
CA THR B 352 -37.32 14.95 23.59
C THR B 352 -36.25 13.87 23.59
N ILE B 353 -36.48 12.81 24.35
CA ILE B 353 -35.67 11.59 24.25
C ILE B 353 -36.58 10.41 23.95
N ASN B 354 -36.06 9.44 23.19
CA ASN B 354 -36.84 8.29 22.78
C ASN B 354 -36.01 7.02 22.65
N TYR B 355 -36.56 5.91 23.11
CA TYR B 355 -36.02 4.58 22.84
C TYR B 355 -37.02 3.79 21.99
N SER B 356 -36.53 3.16 20.91
CA SER B 356 -37.37 2.28 20.09
C SER B 356 -36.69 0.93 19.83
N PHE B 357 -37.39 -0.14 20.19
CA PHE B 357 -36.99 -1.51 19.84
C PHE B 357 -37.46 -1.70 18.40
N ASN B 358 -36.56 -1.48 17.45
CA ASN B 358 -36.94 -1.42 16.04
C ASN B 358 -36.63 -2.69 15.24
N GLY B 359 -37.36 -2.88 14.16
CA GLY B 359 -37.04 -3.95 13.22
C GLY B 359 -38.27 -4.42 12.48
N VAL B 360 -38.07 -5.33 11.54
CA VAL B 360 -39.18 -5.89 10.77
C VAL B 360 -39.47 -7.27 11.37
N ALA B 361 -40.54 -7.33 12.16
CA ALA B 361 -40.89 -8.52 12.91
C ALA B 361 -42.18 -9.14 12.37
N PRO B 362 -42.08 -10.40 11.89
CA PRO B 362 -43.24 -11.15 11.42
C PRO B 362 -44.34 -11.25 12.47
N LYS B 363 -45.59 -11.03 12.05
CA LYS B 363 -46.75 -11.28 12.92
C LYS B 363 -46.97 -12.78 12.98
N ARG B 364 -47.05 -13.31 14.20
CA ARG B 364 -47.24 -14.75 14.40
C ARG B 364 -48.36 -14.98 15.40
N ALA B 365 -49.09 -16.08 15.22
CA ALA B 365 -50.25 -16.41 16.04
C ALA B 365 -49.90 -17.22 17.29
N GLU B 366 -48.72 -17.84 17.28
CA GLU B 366 -48.29 -18.71 18.37
C GLU B 366 -46.77 -18.77 18.45
N GLY B 367 -46.26 -19.28 19.57
CA GLY B 367 -44.83 -19.51 19.72
C GLY B 367 -44.07 -18.34 20.32
N ASP B 368 -43.21 -18.64 21.28
CA ASP B 368 -42.34 -17.63 21.89
C ASP B 368 -41.07 -17.46 21.05
N ILE B 369 -40.18 -16.58 21.49
CA ILE B 369 -38.96 -16.29 20.71
C ILE B 369 -38.09 -17.53 20.48
N ALA B 370 -37.88 -18.33 21.53
CA ALA B 370 -37.09 -19.57 21.41
C ALA B 370 -37.66 -20.50 20.33
N PHE B 371 -38.98 -20.64 20.29
CA PHE B 371 -39.62 -21.44 19.24
C PHE B 371 -39.27 -20.91 17.84
N TRP B 372 -39.30 -19.58 17.69
CA TRP B 372 -39.09 -18.97 16.37
C TRP B 372 -37.64 -18.80 16.00
N GLN B 373 -36.75 -18.99 16.98
CA GLN B 373 -35.30 -18.98 16.72
C GLN B 373 -34.77 -20.35 16.32
N GLY B 374 -35.52 -21.40 16.63
CA GLY B 374 -35.11 -22.76 16.28
C GLY B 374 -35.60 -23.17 14.91
N LEU B 375 -35.51 -24.46 14.61
CA LEU B 375 -36.05 -24.99 13.36
C LEU B 375 -37.57 -25.13 13.49
N VAL B 376 -38.29 -24.39 12.66
CA VAL B 376 -39.75 -24.38 12.68
C VAL B 376 -40.25 -25.41 11.66
N PRO B 377 -41.30 -26.18 12.02
CA PRO B 377 -41.82 -27.16 11.06
C PRO B 377 -42.14 -26.51 9.71
N GLY B 378 -41.58 -27.07 8.64
CA GLY B 378 -41.77 -26.55 7.29
C GLY B 378 -42.75 -27.37 6.47
N ASP B 379 -43.65 -28.09 7.15
CA ASP B 379 -44.61 -28.96 6.49
C ASP B 379 -46.05 -28.45 6.60
N SER B 380 -46.21 -27.22 7.06
CA SER B 380 -47.54 -26.69 7.34
C SER B 380 -47.66 -25.18 7.18
N SER B 381 -48.74 -24.74 6.52
CA SER B 381 -49.06 -23.32 6.38
C SER B 381 -49.40 -22.65 7.71
N ARG B 382 -49.62 -23.47 8.73
CA ARG B 382 -49.81 -23.01 10.10
C ARG B 382 -48.67 -22.11 10.57
N TYR B 383 -47.47 -22.34 10.04
CA TYR B 383 -46.29 -21.61 10.46
C TYR B 383 -45.76 -20.63 9.43
N LEU B 384 -46.49 -20.47 8.32
CA LEU B 384 -46.06 -19.55 7.26
C LEU B 384 -46.62 -18.14 7.48
N TRP B 385 -45.82 -17.27 8.10
CA TRP B 385 -46.20 -15.87 8.28
C TRP B 385 -46.06 -15.09 7.01
N THR B 386 -46.87 -14.04 6.88
CA THR B 386 -46.92 -13.22 5.66
C THR B 386 -46.91 -11.72 5.95
N GLU B 387 -47.23 -11.35 7.19
CA GLU B 387 -47.31 -9.95 7.58
C GLU B 387 -46.29 -9.61 8.66
N THR B 388 -45.99 -8.32 8.81
CA THR B 388 -45.05 -7.84 9.80
C THR B 388 -45.67 -6.73 10.67
N HIS B 389 -45.09 -6.50 11.86
CA HIS B 389 -45.59 -5.51 12.81
C HIS B 389 -45.25 -4.09 12.42
N PRO B 390 -46.20 -3.16 12.60
CA PRO B 390 -45.90 -1.74 12.49
C PRO B 390 -45.17 -1.23 13.74
N LEU B 391 -44.59 -0.04 13.66
CA LEU B 391 -43.81 0.54 14.76
C LEU B 391 -44.54 0.54 16.11
N ASP B 392 -45.81 0.87 16.11
CA ASP B 392 -46.52 1.01 17.38
C ASP B 392 -46.94 -0.32 18.05
N ASP B 393 -46.56 -1.44 17.45
CA ASP B 393 -46.63 -2.76 18.09
C ASP B 393 -45.37 -3.08 18.88
N LEU B 394 -44.32 -2.28 18.69
CA LEU B 394 -43.00 -2.58 19.26
C LEU B 394 -42.71 -1.76 20.52
N PRO B 395 -41.88 -2.29 21.45
CA PRO B 395 -41.52 -1.57 22.67
C PRO B 395 -40.88 -0.22 22.39
N ARG B 396 -41.46 0.83 22.95
CA ARG B 396 -40.98 2.20 22.75
C ARG B 396 -41.21 3.02 24.02
N VAL B 397 -40.29 3.96 24.27
CA VAL B 397 -40.33 4.80 25.45
C VAL B 397 -39.98 6.22 25.04
N THR B 398 -40.85 7.17 25.37
CA THR B 398 -40.62 8.57 25.06
C THR B 398 -40.77 9.42 26.32
N ASN B 399 -39.78 10.27 26.61
CA ASN B 399 -39.81 11.17 27.76
C ASN B 399 -40.36 10.54 29.04
N PRO B 400 -39.72 9.45 29.50
CA PRO B 400 -40.21 8.71 30.67
C PRO B 400 -40.04 9.47 32.00
N PRO B 401 -40.78 9.08 33.05
CA PRO B 401 -40.65 9.74 34.36
C PRO B 401 -39.22 9.76 34.88
N GLY B 402 -38.45 8.71 34.61
CA GLY B 402 -37.06 8.61 35.06
C GLY B 402 -36.07 9.54 34.39
N GLY B 403 -36.46 10.15 33.27
CA GLY B 403 -35.63 11.17 32.63
C GLY B 403 -34.44 10.64 31.86
N PHE B 404 -34.44 9.36 31.53
CA PHE B 404 -33.40 8.76 30.71
C PHE B 404 -33.93 7.51 30.01
N VAL B 405 -33.26 7.14 28.92
CA VAL B 405 -33.43 5.82 28.34
C VAL B 405 -32.05 5.21 28.15
N GLN B 406 -31.99 3.88 28.16
CA GLN B 406 -30.73 3.18 27.95
C GLN B 406 -30.98 1.86 27.24
N ASN B 407 -29.95 1.38 26.56
CA ASN B 407 -29.87 -0.02 26.17
C ASN B 407 -28.43 -0.46 25.97
N SER B 408 -28.08 -1.56 26.64
CA SER B 408 -26.76 -2.18 26.51
C SER B 408 -26.90 -3.62 26.01
N ASN B 409 -27.79 -3.81 25.03
CA ASN B 409 -28.13 -5.12 24.43
C ASN B 409 -28.91 -6.06 25.32
N ASP B 410 -29.33 -5.56 26.48
CA ASP B 410 -30.29 -6.28 27.31
C ASP B 410 -31.64 -6.36 26.59
N PRO B 411 -32.44 -7.40 26.88
CA PRO B 411 -33.84 -7.37 26.46
C PRO B 411 -34.48 -6.03 26.87
N PRO B 412 -35.49 -5.57 26.12
CA PRO B 412 -35.98 -4.20 26.27
C PRO B 412 -36.88 -3.96 27.49
N TRP B 413 -36.64 -4.68 28.60
CA TRP B 413 -37.53 -4.63 29.75
C TRP B 413 -37.14 -3.67 30.85
N THR B 414 -35.91 -3.17 30.80
CA THR B 414 -35.46 -2.08 31.69
C THR B 414 -34.82 -0.92 30.89
N PRO B 415 -35.56 -0.36 29.90
CA PRO B 415 -34.98 0.70 29.06
C PRO B 415 -34.95 2.03 29.81
N THR B 416 -35.65 2.08 30.94
CA THR B 416 -35.69 3.26 31.79
C THR B 416 -36.07 2.80 33.20
N TRP B 417 -36.05 3.72 34.15
CA TRP B 417 -36.32 3.38 35.55
C TRP B 417 -36.98 4.57 36.21
N PRO B 418 -38.27 4.42 36.62
CA PRO B 418 -39.11 3.23 36.61
C PRO B 418 -39.50 2.77 35.20
N VAL B 419 -39.81 1.49 35.04
CA VAL B 419 -40.22 0.94 33.74
C VAL B 419 -41.58 1.51 33.34
N THR B 420 -41.87 1.49 32.04
CA THR B 420 -43.13 2.04 31.53
C THR B 420 -44.03 0.97 30.90
N TYR B 421 -43.51 -0.25 30.82
CA TYR B 421 -44.25 -1.41 30.33
C TYR B 421 -43.58 -2.67 30.87
N THR B 422 -44.21 -3.83 30.67
CA THR B 422 -43.64 -5.11 31.10
C THR B 422 -43.68 -6.11 29.93
N PRO B 423 -42.97 -7.25 30.05
CA PRO B 423 -42.96 -8.23 28.95
C PRO B 423 -44.33 -8.69 28.47
N LYS B 424 -45.32 -8.80 29.37
CA LYS B 424 -46.65 -9.27 29.00
C LYS B 424 -47.43 -8.30 28.10
N ASP B 425 -46.91 -7.08 27.95
CA ASP B 425 -47.54 -6.07 27.09
C ASP B 425 -47.28 -6.30 25.60
N PHE B 426 -46.42 -7.28 25.29
CA PHE B 426 -45.99 -7.51 23.91
C PHE B 426 -45.99 -9.01 23.58
N PRO B 427 -46.12 -9.36 22.29
CA PRO B 427 -46.01 -10.77 21.90
C PRO B 427 -44.69 -11.37 22.37
N SER B 428 -44.72 -12.63 22.80
CA SER B 428 -43.55 -13.28 23.42
C SER B 428 -42.41 -13.61 22.45
N TYR B 429 -42.63 -13.38 21.16
CA TYR B 429 -41.61 -13.67 20.14
C TYR B 429 -40.72 -12.49 19.75
N LEU B 430 -40.99 -11.32 20.31
CA LEU B 430 -40.25 -10.12 19.96
C LEU B 430 -38.85 -10.08 20.58
N ALA B 431 -38.77 -10.42 21.87
CA ALA B 431 -37.51 -10.31 22.62
C ALA B 431 -37.43 -11.35 23.72
N PRO B 432 -36.20 -11.79 24.08
CA PRO B 432 -36.06 -12.78 25.15
C PRO B 432 -36.42 -12.19 26.50
N GLN B 433 -36.65 -13.05 27.48
CA GLN B 433 -36.85 -12.63 28.87
C GLN B 433 -35.77 -13.28 29.72
N THR B 434 -34.54 -13.17 29.26
CA THR B 434 -33.37 -13.77 29.89
C THR B 434 -32.67 -12.77 30.84
N PRO B 435 -31.80 -13.26 31.75
CA PRO B 435 -31.12 -12.36 32.68
C PRO B 435 -30.33 -11.25 31.99
N HIS B 436 -30.46 -10.02 32.49
CA HIS B 436 -29.77 -8.86 31.93
C HIS B 436 -28.33 -8.93 32.34
N SER B 437 -27.42 -8.60 31.42
CA SER B 437 -25.99 -8.69 31.70
C SER B 437 -25.59 -7.69 32.78
N LEU B 438 -24.45 -7.93 33.42
CA LEU B 438 -23.99 -7.04 34.46
C LEU B 438 -23.59 -5.65 33.92
N ARG B 439 -23.13 -5.59 32.67
CA ARG B 439 -22.94 -4.30 31.99
C ARG B 439 -24.26 -3.53 31.90
N ALA B 440 -25.32 -4.24 31.52
CA ALA B 440 -26.64 -3.64 31.37
C ALA B 440 -27.23 -3.20 32.71
N GLN B 441 -26.92 -3.94 33.77
CA GLN B 441 -27.32 -3.56 35.12
C GLN B 441 -26.58 -2.29 35.56
N GLN B 442 -25.28 -2.24 35.28
CA GLN B 442 -24.49 -1.02 35.45
C GLN B 442 -25.08 0.16 34.69
N SER B 443 -25.46 -0.05 33.43
CA SER B 443 -26.06 1.00 32.60
C SER B 443 -27.23 1.69 33.30
N VAL B 444 -28.18 0.88 33.80
CA VAL B 444 -29.35 1.39 34.50
C VAL B 444 -28.96 2.13 35.78
N ARG B 445 -28.05 1.54 36.55
CA ARG B 445 -27.57 2.15 37.80
C ARG B 445 -26.94 3.52 37.57
N LEU B 446 -25.98 3.57 36.63
CA LEU B 446 -25.23 4.79 36.36
C LEU B 446 -26.13 5.97 35.97
N MET B 447 -27.19 5.69 35.20
CA MET B 447 -28.15 6.72 34.85
C MET B 447 -29.11 7.03 36.01
N SER B 448 -29.81 6.02 36.51
CA SER B 448 -30.87 6.24 37.51
C SER B 448 -30.36 6.87 38.81
N GLU B 449 -29.15 6.50 39.22
CA GLU B 449 -28.62 6.93 40.52
C GLU B 449 -28.03 8.33 40.50
N ASN B 450 -27.83 8.89 39.31
CA ASN B 450 -27.21 10.19 39.16
C ASN B 450 -28.17 11.27 38.65
N ASP B 451 -28.07 12.43 39.25
CA ASP B 451 -28.95 13.55 38.98
C ASP B 451 -28.10 14.76 38.60
N ASP B 452 -28.74 15.79 38.03
CA ASP B 452 -28.08 17.06 37.75
C ASP B 452 -26.82 16.85 36.92
N LEU B 453 -26.93 16.00 35.90
CA LEU B 453 -25.78 15.58 35.10
C LEU B 453 -25.20 16.69 34.24
N THR B 454 -23.88 16.76 34.18
CA THR B 454 -23.18 17.62 33.23
C THR B 454 -22.60 16.72 32.16
N LEU B 455 -22.18 17.30 31.04
CA LEU B 455 -21.52 16.53 29.99
C LEU B 455 -20.24 15.89 30.53
N GLU B 456 -19.51 16.64 31.36
CA GLU B 456 -18.27 16.15 31.98
C GLU B 456 -18.53 14.88 32.82
N ARG B 457 -19.57 14.94 33.66
CA ARG B 457 -19.94 13.80 34.51
C ARG B 457 -20.47 12.62 33.68
N PHE B 458 -21.26 12.93 32.65
CA PHE B 458 -21.78 11.95 31.70
C PHE B 458 -20.63 11.15 31.07
N MET B 459 -19.59 11.88 30.65
CA MET B 459 -18.40 11.26 30.06
C MET B 459 -17.65 10.39 31.07
N ALA B 460 -17.56 10.87 32.31
CA ALA B 460 -16.88 10.12 33.38
C ALA B 460 -17.58 8.80 33.66
N LEU B 461 -18.92 8.83 33.65
CA LEU B 461 -19.73 7.63 33.87
C LEU B 461 -19.57 6.61 32.75
N GLN B 462 -19.39 7.09 31.52
CA GLN B 462 -19.17 6.21 30.36
C GLN B 462 -17.93 5.33 30.55
N LEU B 463 -16.95 5.82 31.30
CA LEU B 463 -15.68 5.11 31.49
C LEU B 463 -15.73 4.01 32.56
N SER B 464 -16.89 3.81 33.17
CA SER B 464 -17.05 2.83 34.26
C SER B 464 -16.52 1.45 33.87
N HIS B 465 -15.74 0.86 34.78
CA HIS B 465 -15.12 -0.44 34.56
C HIS B 465 -15.16 -1.31 35.79
N ARG B 466 -16.35 -1.46 36.36
CA ARG B 466 -16.53 -2.19 37.60
C ARG B 466 -16.59 -3.70 37.34
N ALA B 467 -15.82 -4.46 38.12
CA ALA B 467 -15.98 -5.91 38.16
C ALA B 467 -17.21 -6.25 39.00
N VAL B 468 -18.39 -5.98 38.45
CA VAL B 468 -19.65 -6.25 39.14
C VAL B 468 -19.74 -7.71 39.56
N MET B 469 -19.30 -8.63 38.70
CA MET B 469 -19.35 -10.04 39.08
C MET B 469 -18.60 -10.33 40.38
N ALA B 470 -17.52 -9.60 40.62
CA ALA B 470 -16.75 -9.73 41.86
C ALA B 470 -17.59 -9.30 43.06
N ASP B 471 -18.36 -8.21 42.92
CA ASP B 471 -19.29 -7.78 43.97
C ASP B 471 -20.30 -8.87 44.31
N ARG B 472 -20.72 -9.62 43.30
CA ARG B 472 -21.74 -10.66 43.48
C ARG B 472 -21.20 -11.97 44.06
N THR B 473 -19.90 -12.21 43.95
CA THR B 473 -19.31 -13.52 44.26
C THR B 473 -18.21 -13.55 45.33
N LEU B 474 -17.40 -12.49 45.37
CA LEU B 474 -16.27 -12.47 46.32
C LEU B 474 -16.66 -12.52 47.81
N PRO B 475 -17.80 -11.89 48.20
CA PRO B 475 -18.22 -12.05 49.60
C PRO B 475 -18.34 -13.51 50.05
N ASP B 476 -18.83 -14.38 49.15
CA ASP B 476 -18.95 -15.81 49.43
C ASP B 476 -17.67 -16.58 49.12
N LEU B 477 -17.00 -16.21 48.04
CA LEU B 477 -15.82 -16.97 47.58
C LEU B 477 -14.63 -16.86 48.53
N ILE B 478 -14.32 -15.64 48.95
CA ILE B 478 -13.11 -15.39 49.76
C ILE B 478 -13.02 -16.24 51.03
N PRO B 479 -14.04 -16.17 51.90
CA PRO B 479 -13.94 -16.95 53.15
C PRO B 479 -13.84 -18.46 52.90
N ALA B 480 -14.52 -18.94 51.85
CA ALA B 480 -14.42 -20.35 51.46
C ALA B 480 -13.00 -20.72 51.03
N ALA B 481 -12.36 -19.85 50.26
CA ALA B 481 -11.01 -20.11 49.74
C ALA B 481 -9.94 -20.03 50.83
N LEU B 482 -10.17 -19.18 51.83
CA LEU B 482 -9.23 -19.03 52.94
C LEU B 482 -9.12 -20.29 53.80
N ILE B 483 -10.17 -21.10 53.81
CA ILE B 483 -10.13 -22.36 54.57
C ILE B 483 -9.60 -23.55 53.77
N ASP B 484 -9.25 -23.33 52.51
CA ASP B 484 -8.58 -24.37 51.71
C ASP B 484 -7.17 -24.60 52.27
N PRO B 485 -6.71 -25.87 52.32
CA PRO B 485 -5.37 -26.17 52.85
C PRO B 485 -4.22 -25.68 51.99
N ASP B 486 -4.45 -25.47 50.69
CA ASP B 486 -3.41 -25.00 49.77
C ASP B 486 -3.04 -23.54 50.05
N PRO B 487 -1.79 -23.29 50.47
CA PRO B 487 -1.32 -21.93 50.80
C PRO B 487 -1.40 -20.96 49.61
N GLU B 488 -1.29 -21.49 48.39
CA GLU B 488 -1.39 -20.68 47.19
C GLU B 488 -2.84 -20.22 46.94
N VAL B 489 -3.80 -21.07 47.30
CA VAL B 489 -5.21 -20.72 47.20
C VAL B 489 -5.56 -19.64 48.23
N GLN B 490 -4.99 -19.79 49.43
CA GLN B 490 -5.14 -18.80 50.50
C GLN B 490 -4.61 -17.43 50.06
N ALA B 491 -3.42 -17.40 49.46
CA ALA B 491 -2.81 -16.17 48.96
C ALA B 491 -3.64 -15.53 47.84
N ALA B 492 -4.12 -16.37 46.92
CA ALA B 492 -5.03 -15.91 45.86
C ALA B 492 -6.26 -15.24 46.46
N ALA B 493 -6.81 -15.83 47.52
CA ALA B 493 -7.98 -15.28 48.21
C ALA B 493 -7.70 -13.90 48.80
N ARG B 494 -6.53 -13.73 49.41
CA ARG B 494 -6.14 -12.44 49.98
C ARG B 494 -5.88 -11.38 48.91
N LEU B 495 -5.31 -11.81 47.79
CA LEU B 495 -5.14 -10.95 46.62
C LEU B 495 -6.47 -10.42 46.10
N LEU B 496 -7.44 -11.32 45.94
CA LEU B 496 -8.77 -10.94 45.48
C LEU B 496 -9.50 -10.06 46.49
N ALA B 497 -9.32 -10.36 47.78
CA ALA B 497 -9.97 -9.60 48.86
C ALA B 497 -9.48 -8.15 48.94
N ALA B 498 -8.21 -7.92 48.63
CA ALA B 498 -7.64 -6.57 48.73
C ALA B 498 -7.98 -5.69 47.52
N TRP B 499 -8.45 -6.33 46.45
CA TRP B 499 -8.78 -5.65 45.19
C TRP B 499 -9.97 -4.75 45.32
N ASP B 500 -9.91 -3.58 44.68
CA ASP B 500 -11.01 -2.61 44.72
C ASP B 500 -12.12 -2.96 43.72
N ARG B 501 -11.96 -4.09 43.03
CA ARG B 501 -12.95 -4.61 42.06
C ARG B 501 -13.16 -3.70 40.85
N GLU B 502 -12.08 -3.00 40.46
CA GLU B 502 -12.07 -2.19 39.25
C GLU B 502 -11.07 -2.75 38.25
N PHE B 503 -11.42 -2.72 36.96
CA PHE B 503 -10.52 -3.16 35.91
C PHE B 503 -9.57 -2.04 35.50
N THR B 504 -8.66 -1.69 36.41
CA THR B 504 -7.69 -0.63 36.16
C THR B 504 -6.38 -1.23 35.67
N SER B 505 -5.57 -0.41 34.99
CA SER B 505 -4.25 -0.83 34.50
C SER B 505 -3.35 -1.46 35.57
N ASP B 506 -3.44 -0.94 36.79
CA ASP B 506 -2.53 -1.37 37.86
C ASP B 506 -3.04 -2.56 38.69
N SER B 507 -4.24 -3.04 38.39
CA SER B 507 -4.86 -4.12 39.17
C SER B 507 -4.05 -5.41 39.07
N ARG B 508 -3.65 -5.92 40.23
CA ARG B 508 -2.91 -7.18 40.29
C ARG B 508 -3.81 -8.40 40.46
N ALA B 509 -5.10 -8.17 40.73
CA ALA B 509 -6.03 -9.28 40.96
C ALA B 509 -6.97 -9.57 39.78
N ALA B 510 -7.14 -8.59 38.90
CA ALA B 510 -8.18 -8.65 37.86
C ALA B 510 -8.05 -9.83 36.90
N LEU B 511 -6.83 -10.13 36.46
CA LEU B 511 -6.60 -11.24 35.53
C LEU B 511 -6.98 -12.57 36.18
N LEU B 512 -6.57 -12.75 37.43
CA LEU B 512 -6.94 -13.94 38.19
C LEU B 512 -8.46 -14.08 38.31
N PHE B 513 -9.13 -12.97 38.65
CA PHE B 513 -10.59 -13.01 38.77
C PHE B 513 -11.28 -13.40 37.46
N GLU B 514 -10.80 -12.84 36.35
CA GLU B 514 -11.29 -13.20 35.02
C GLU B 514 -11.20 -14.71 34.81
N GLU B 515 -10.04 -15.29 35.15
CA GLU B 515 -9.81 -16.71 34.95
C GLU B 515 -10.74 -17.57 35.80
N TRP B 516 -11.04 -17.09 37.00
CA TRP B 516 -12.01 -17.77 37.85
C TRP B 516 -13.39 -17.66 37.25
N ALA B 517 -13.77 -16.47 36.79
CA ALA B 517 -15.09 -16.23 36.23
C ALA B 517 -15.34 -17.04 34.94
N ARG B 518 -14.27 -17.33 34.20
CA ARG B 518 -14.35 -18.19 33.00
C ARG B 518 -14.89 -19.58 33.36
N LEU B 519 -14.54 -20.05 34.54
CA LEU B 519 -15.01 -21.35 35.03
C LEU B 519 -16.38 -21.23 35.70
N PHE B 520 -16.51 -20.27 36.60
CA PHE B 520 -17.74 -20.06 37.37
C PHE B 520 -18.95 -19.70 36.49
N ALA B 521 -18.71 -18.89 35.46
CA ALA B 521 -19.79 -18.39 34.62
C ALA B 521 -19.61 -18.71 33.12
N GLY B 522 -18.71 -19.63 32.81
CA GLY B 522 -18.48 -20.05 31.43
C GLY B 522 -17.56 -19.11 30.68
N GLN B 523 -17.07 -19.56 29.52
CA GLN B 523 -16.10 -18.80 28.74
C GLN B 523 -16.59 -17.41 28.30
N ASN B 524 -17.90 -17.25 28.13
CA ASN B 524 -18.48 -15.95 27.79
C ASN B 524 -18.94 -15.12 29.00
N PHE B 525 -18.75 -15.69 30.20
CA PHE B 525 -19.12 -15.05 31.48
C PHE B 525 -20.63 -14.85 31.65
N ALA B 526 -21.43 -15.50 30.82
CA ALA B 526 -22.89 -15.33 30.85
C ALA B 526 -23.64 -16.42 31.64
N GLY B 527 -22.91 -17.46 32.05
CA GLY B 527 -23.50 -18.59 32.78
C GLY B 527 -24.14 -18.20 34.10
N GLN B 528 -25.28 -18.83 34.41
CA GLN B 528 -26.09 -18.46 35.58
C GLN B 528 -26.13 -19.52 36.68
N ALA B 529 -25.76 -20.76 36.33
CA ALA B 529 -25.94 -21.92 37.22
C ALA B 529 -25.22 -21.83 38.57
N GLY B 530 -24.20 -20.99 38.66
CA GLY B 530 -23.36 -20.97 39.85
C GLY B 530 -23.75 -19.94 40.93
N PHE B 531 -24.69 -19.05 40.60
CA PHE B 531 -25.17 -18.07 41.57
C PHE B 531 -26.14 -18.71 42.57
N ALA B 532 -26.11 -18.22 43.80
CA ALA B 532 -26.99 -18.74 44.85
C ALA B 532 -28.42 -18.20 44.70
N THR B 533 -28.53 -16.92 44.38
CA THR B 533 -29.81 -16.26 44.16
C THR B 533 -29.93 -15.93 42.67
N PRO B 534 -30.96 -16.49 42.00
CA PRO B 534 -31.10 -16.28 40.55
C PRO B 534 -31.53 -14.87 40.18
N TRP B 535 -31.32 -14.51 38.92
CA TRP B 535 -31.76 -13.23 38.40
C TRP B 535 -33.26 -13.10 38.46
N SER B 536 -33.74 -11.92 38.81
CA SER B 536 -35.16 -11.62 38.80
C SER B 536 -35.42 -10.24 38.24
N LEU B 537 -36.43 -10.13 37.38
CA LEU B 537 -36.86 -8.84 36.83
C LEU B 537 -37.39 -7.91 37.93
N ASP B 538 -37.78 -8.49 39.07
CA ASP B 538 -38.22 -7.71 40.24
C ASP B 538 -37.04 -7.05 40.95
N LYS B 539 -35.83 -7.61 40.77
CA LYS B 539 -34.60 -7.00 41.26
C LYS B 539 -33.57 -6.98 40.11
N PRO B 540 -33.84 -6.16 39.08
CA PRO B 540 -33.12 -6.31 37.81
C PRO B 540 -31.69 -5.73 37.79
N VAL B 541 -31.28 -5.03 38.84
CA VAL B 541 -29.91 -4.49 38.89
C VAL B 541 -29.13 -4.97 40.12
N SER B 542 -29.65 -5.98 40.81
CA SER B 542 -29.03 -6.49 42.03
C SER B 542 -29.04 -8.03 42.11
N THR B 543 -29.52 -8.67 41.06
CA THR B 543 -29.47 -10.13 40.92
C THR B 543 -28.83 -10.44 39.56
N PRO B 544 -28.26 -11.66 39.37
CA PRO B 544 -28.13 -12.74 40.34
C PRO B 544 -27.05 -12.40 41.35
N TYR B 545 -27.00 -13.14 42.46
CA TYR B 545 -26.04 -12.86 43.52
C TYR B 545 -25.62 -14.12 44.27
N GLY B 546 -24.39 -14.12 44.77
CA GLY B 546 -23.91 -15.14 45.69
C GLY B 546 -23.35 -16.36 44.97
N VAL B 547 -22.61 -17.17 45.72
CA VAL B 547 -22.03 -18.41 45.21
C VAL B 547 -22.83 -19.59 45.77
N ARG B 548 -23.46 -20.35 44.87
CA ARG B 548 -24.31 -21.48 45.27
C ARG B 548 -23.54 -22.61 45.96
N ASP B 549 -22.38 -22.94 45.42
CA ASP B 549 -21.55 -24.04 45.93
C ASP B 549 -20.12 -23.55 46.18
N PRO B 550 -19.86 -22.99 47.37
CA PRO B 550 -18.54 -22.41 47.66
C PRO B 550 -17.38 -23.41 47.53
N LYS B 551 -17.55 -24.64 48.02
CA LYS B 551 -16.52 -25.68 47.87
C LYS B 551 -16.15 -25.93 46.40
N ALA B 552 -17.17 -26.06 45.54
CA ALA B 552 -16.95 -26.21 44.11
C ALA B 552 -16.24 -24.99 43.50
N ALA B 553 -16.64 -23.79 43.94
CA ALA B 553 -16.06 -22.55 43.40
C ALA B 553 -14.59 -22.36 43.79
N VAL B 554 -14.22 -22.89 44.96
CA VAL B 554 -12.83 -22.89 45.40
C VAL B 554 -11.98 -23.84 44.54
N ASP B 555 -12.54 -24.98 44.14
CA ASP B 555 -11.88 -25.86 43.17
C ASP B 555 -11.68 -25.15 41.83
N GLN B 556 -12.68 -24.35 41.44
CA GLN B 556 -12.57 -23.51 40.25
C GLN B 556 -11.45 -22.48 40.42
N LEU B 557 -11.34 -21.91 41.62
CA LEU B 557 -10.25 -20.98 41.93
C LEU B 557 -8.89 -21.66 41.81
N ARG B 558 -8.79 -22.86 42.37
CA ARG B 558 -7.60 -23.71 42.26
C ARG B 558 -7.16 -23.85 40.80
N THR B 559 -8.11 -24.19 39.94
CA THR B 559 -7.83 -24.35 38.51
C THR B 559 -7.49 -23.00 37.86
N ALA B 560 -8.22 -21.96 38.23
CA ALA B 560 -8.00 -20.61 37.70
C ALA B 560 -6.59 -20.09 38.00
N ILE B 561 -6.08 -20.41 39.20
CA ILE B 561 -4.72 -20.07 39.59
C ILE B 561 -3.70 -20.68 38.62
N ALA B 562 -3.86 -21.98 38.35
CA ALA B 562 -3.04 -22.68 37.36
C ALA B 562 -3.13 -22.01 35.99
N ASN B 563 -4.36 -21.70 35.56
CA ASN B 563 -4.61 -21.06 34.26
C ASN B 563 -4.00 -19.66 34.14
N THR B 564 -4.09 -18.90 35.22
CA THR B 564 -3.54 -17.55 35.28
C THR B 564 -2.02 -17.56 35.14
N LYS B 565 -1.36 -18.44 35.89
CA LYS B 565 0.10 -18.56 35.83
C LYS B 565 0.56 -19.04 34.46
N ARG B 566 -0.18 -19.97 33.86
CA ARG B 566 0.15 -20.50 32.54
C ARG B 566 0.00 -19.44 31.46
N LYS B 567 -1.10 -18.67 31.54
CA LYS B 567 -1.36 -17.63 30.55
C LYS B 567 -0.49 -16.39 30.72
N TYR B 568 -0.25 -15.98 31.96
CA TYR B 568 0.31 -14.66 32.22
C TYR B 568 1.65 -14.65 32.97
N GLY B 569 2.06 -15.80 33.48
CA GLY B 569 3.35 -15.92 34.15
C GLY B 569 3.31 -15.83 35.67
N ALA B 570 2.22 -15.26 36.20
CA ALA B 570 2.04 -15.09 37.63
C ALA B 570 0.55 -14.90 37.95
N ILE B 571 0.19 -15.02 39.23
CA ILE B 571 -1.20 -14.75 39.65
C ILE B 571 -1.46 -13.26 39.88
N ASP B 572 -0.41 -12.44 39.87
CA ASP B 572 -0.53 -11.02 40.21
C ASP B 572 0.14 -10.06 39.22
N ARG B 573 0.15 -10.42 37.93
CA ARG B 573 0.63 -9.52 36.89
C ARG B 573 -0.34 -8.33 36.73
N PRO B 574 0.20 -7.09 36.64
CA PRO B 574 -0.66 -5.93 36.43
C PRO B 574 -1.55 -6.09 35.20
N PHE B 575 -2.84 -5.78 35.37
CA PHE B 575 -3.86 -5.93 34.33
C PHE B 575 -3.47 -5.21 33.03
N GLY B 576 -2.93 -4.01 33.16
CA GLY B 576 -2.52 -3.18 32.02
C GLY B 576 -1.13 -3.48 31.48
N ASP B 577 -0.44 -4.44 32.10
CA ASP B 577 0.82 -4.96 31.58
C ASP B 577 0.54 -6.09 30.58
N ALA B 578 -0.42 -6.94 30.93
CA ALA B 578 -0.91 -7.99 30.02
C ALA B 578 -1.84 -7.42 28.96
N SER B 579 -2.75 -6.54 29.38
CA SER B 579 -3.75 -5.98 28.46
C SER B 579 -3.24 -4.70 27.83
N ARG B 580 -2.93 -4.79 26.54
CA ARG B 580 -2.36 -3.67 25.80
C ARG B 580 -3.22 -3.34 24.60
N MET B 581 -3.18 -2.08 24.18
CA MET B 581 -3.78 -1.68 22.92
C MET B 581 -2.64 -1.29 22.00
N ILE B 582 -2.49 -2.06 20.92
CA ILE B 582 -1.34 -1.98 20.04
C ILE B 582 -1.82 -1.81 18.60
N LEU B 583 -1.47 -0.67 18.01
CA LEU B 583 -1.76 -0.40 16.60
C LEU B 583 -0.50 0.20 15.98
N ASN B 584 -0.07 -0.33 14.84
CA ASN B 584 1.24 -0.01 14.27
C ASN B 584 2.31 -0.02 15.36
N ASP B 585 3.00 1.10 15.57
CA ASP B 585 4.06 1.16 16.59
C ASP B 585 3.61 1.80 17.91
N VAL B 586 2.31 2.02 18.07
CA VAL B 586 1.76 2.55 19.31
C VAL B 586 1.35 1.39 20.21
N ASN B 587 1.84 1.41 21.46
CA ASN B 587 1.58 0.35 22.43
C ASN B 587 1.29 0.97 23.79
N VAL B 588 0.01 0.97 24.18
CA VAL B 588 -0.43 1.67 25.39
C VAL B 588 -1.16 0.73 26.36
N PRO B 589 -1.16 1.08 27.67
CA PRO B 589 -1.78 0.16 28.64
C PRO B 589 -3.30 0.17 28.55
N GLY B 590 -3.91 -1.00 28.72
CA GLY B 590 -5.35 -1.14 28.71
C GLY B 590 -5.97 -0.99 30.09
N ALA B 591 -7.28 -0.73 30.08
CA ALA B 591 -8.12 -0.67 31.27
C ALA B 591 -9.53 -1.00 30.80
N ALA B 592 -10.43 -1.30 31.73
CA ALA B 592 -11.78 -1.81 31.40
C ALA B 592 -11.66 -3.20 30.77
N GLY B 593 -12.80 -3.82 30.47
CA GLY B 593 -12.78 -5.18 29.97
C GLY B 593 -14.13 -5.73 29.58
N TYR B 594 -14.38 -6.97 30.00
CA TYR B 594 -15.52 -7.74 29.53
C TYR B 594 -16.85 -7.20 30.07
N GLY B 595 -17.77 -6.90 29.15
CA GLY B 595 -19.10 -6.43 29.51
C GLY B 595 -19.83 -7.38 30.45
N ASN B 596 -19.75 -8.67 30.18
CA ASN B 596 -20.46 -9.66 30.98
C ASN B 596 -19.94 -9.80 32.41
N LEU B 597 -18.76 -9.24 32.68
CA LEU B 597 -18.25 -9.15 34.04
C LEU B 597 -18.74 -7.89 34.75
N GLY B 598 -19.31 -6.97 33.99
CA GLY B 598 -19.86 -5.73 34.56
C GLY B 598 -19.26 -4.44 34.03
N SER B 599 -18.20 -4.55 33.24
CA SER B 599 -17.53 -3.37 32.69
C SER B 599 -18.46 -2.69 31.68
N PHE B 600 -18.77 -1.42 31.91
CA PHE B 600 -19.66 -0.68 31.01
C PHE B 600 -18.91 -0.30 29.73
N ARG B 601 -17.74 0.31 29.92
CA ARG B 601 -16.79 0.53 28.84
C ARG B 601 -16.19 -0.85 28.52
N VAL B 602 -16.22 -1.23 27.24
CA VAL B 602 -15.93 -2.61 26.86
C VAL B 602 -14.65 -2.76 26.03
N PHE B 603 -13.77 -3.64 26.50
CA PHE B 603 -12.69 -4.18 25.69
C PHE B 603 -12.71 -5.69 25.84
N THR B 604 -13.13 -6.36 24.76
CA THR B 604 -13.15 -7.82 24.72
C THR B 604 -11.74 -8.28 24.40
N TRP B 605 -10.95 -8.49 25.46
CA TRP B 605 -9.55 -8.86 25.34
C TRP B 605 -9.38 -10.20 24.69
N SER B 606 -8.42 -10.28 23.77
CA SER B 606 -8.07 -11.53 23.10
C SER B 606 -7.44 -12.51 24.09
N ASP B 607 -7.29 -13.76 23.66
CA ASP B 607 -6.42 -14.69 24.37
C ASP B 607 -5.00 -14.14 24.28
N PRO B 608 -4.18 -14.36 25.33
CA PRO B 608 -2.82 -13.83 25.31
C PRO B 608 -1.88 -14.61 24.37
N ASP B 609 -0.84 -13.94 23.90
CA ASP B 609 0.22 -14.59 23.14
C ASP B 609 1.20 -15.25 24.13
N GLU B 610 2.29 -15.82 23.60
CA GLU B 610 3.28 -16.53 24.43
C GLU B 610 3.93 -15.68 25.53
N ASN B 611 3.86 -14.36 25.40
CA ASN B 611 4.38 -13.45 26.43
C ASN B 611 3.31 -12.98 27.42
N GLY B 612 2.09 -13.48 27.25
CA GLY B 612 0.96 -13.10 28.10
C GLY B 612 0.30 -11.79 27.72
N VAL B 613 0.63 -11.28 26.54
CA VAL B 613 0.10 -10.00 26.06
C VAL B 613 -1.16 -10.24 25.22
N ARG B 614 -2.21 -9.48 25.52
CA ARG B 614 -3.49 -9.55 24.81
C ARG B 614 -3.94 -8.15 24.39
N THR B 615 -4.75 -8.08 23.34
CA THR B 615 -5.25 -6.81 22.81
C THR B 615 -6.76 -6.91 22.53
N PRO B 616 -7.44 -5.76 22.34
CA PRO B 616 -8.88 -5.86 22.14
C PRO B 616 -9.23 -6.44 20.78
N VAL B 617 -10.17 -7.37 20.81
CA VAL B 617 -10.67 -8.06 19.64
C VAL B 617 -11.94 -7.33 19.16
N HIS B 618 -12.52 -6.57 20.09
CA HIS B 618 -13.89 -6.07 19.99
C HIS B 618 -14.06 -5.16 21.16
N GLY B 619 -14.95 -4.18 21.04
CA GLY B 619 -15.25 -3.27 22.15
C GLY B 619 -15.47 -1.84 21.69
N GLU B 620 -15.03 -0.89 22.52
CA GLU B 620 -15.10 0.53 22.18
C GLU B 620 -14.54 0.74 20.78
N THR B 621 -15.34 1.36 19.92
CA THR B 621 -14.89 1.69 18.58
C THR B 621 -15.14 3.18 18.39
N TRP B 622 -16.33 3.53 17.92
CA TRP B 622 -16.79 4.91 17.88
C TRP B 622 -17.46 5.23 19.18
N VAL B 623 -16.94 6.24 19.88
CA VAL B 623 -17.51 6.68 21.15
C VAL B 623 -17.72 8.17 21.09
N ALA B 624 -18.98 8.61 21.22
CA ALA B 624 -19.27 10.04 21.21
C ALA B 624 -20.31 10.42 22.26
N MET B 625 -20.11 11.58 22.86
CA MET B 625 -21.06 12.13 23.83
C MET B 625 -21.44 13.54 23.45
N ILE B 626 -22.74 13.78 23.34
CA ILE B 626 -23.26 15.03 22.79
C ILE B 626 -24.21 15.69 23.78
N GLU B 627 -24.00 16.99 24.02
CA GLU B 627 -24.95 17.81 24.75
C GLU B 627 -25.63 18.74 23.76
N PHE B 628 -26.97 18.70 23.74
CA PHE B 628 -27.73 19.50 22.80
C PHE B 628 -28.01 20.91 23.35
N SER B 629 -26.93 21.55 23.79
CA SER B 629 -26.89 22.98 24.06
C SER B 629 -26.93 23.74 22.74
N THR B 630 -26.96 25.07 22.83
CA THR B 630 -26.92 25.93 21.65
C THR B 630 -25.69 26.84 21.73
N PRO B 631 -24.65 26.56 20.91
CA PRO B 631 -24.54 25.44 19.96
C PRO B 631 -24.26 24.13 20.69
N VAL B 632 -24.35 23.01 19.98
CA VAL B 632 -24.11 21.70 20.59
C VAL B 632 -22.64 21.57 21.01
N ARG B 633 -22.39 20.74 22.03
CA ARG B 633 -21.03 20.42 22.44
C ARG B 633 -20.88 18.91 22.36
N ALA B 634 -19.85 18.45 21.66
CA ALA B 634 -19.66 17.01 21.46
C ALA B 634 -18.19 16.60 21.52
N TYR B 635 -17.97 15.42 22.09
CA TYR B 635 -16.64 14.84 22.21
C TYR B 635 -16.68 13.40 21.74
N GLY B 636 -15.58 12.93 21.15
CA GLY B 636 -15.52 11.56 20.64
C GLY B 636 -14.13 11.03 20.40
N LEU B 637 -14.05 9.71 20.23
CA LEU B 637 -12.83 9.03 19.77
C LEU B 637 -13.19 7.82 18.92
N MET B 638 -12.29 7.44 18.03
CA MET B 638 -12.39 6.22 17.26
C MET B 638 -11.15 5.39 17.56
N SER B 639 -11.35 4.25 18.24
CA SER B 639 -10.24 3.41 18.72
C SER B 639 -9.17 3.15 17.66
N TYR B 640 -9.62 2.76 16.47
CA TYR B 640 -8.72 2.36 15.39
C TYR B 640 -8.56 3.43 14.30
N GLY B 641 -8.74 4.69 14.67
CA GLY B 641 -8.51 5.82 13.75
C GLY B 641 -9.55 5.91 12.64
N ASN B 642 -9.32 6.83 11.70
CA ASN B 642 -10.28 7.05 10.63
C ASN B 642 -9.91 6.48 9.27
N SER B 643 -8.77 5.78 9.20
CA SER B 643 -8.35 5.16 7.94
C SER B 643 -7.59 3.86 8.17
N ARG B 644 -7.73 2.95 7.21
CA ARG B 644 -7.11 1.64 7.28
C ARG B 644 -6.32 1.34 6.01
N GLN B 645 -6.21 2.35 5.14
CA GLN B 645 -5.41 2.24 3.93
C GLN B 645 -3.93 2.16 4.27
N PRO B 646 -3.16 1.35 3.52
CA PRO B 646 -1.74 1.21 3.82
C PRO B 646 -0.99 2.54 3.75
N GLY B 647 -0.16 2.80 4.75
CA GLY B 647 0.64 4.02 4.80
C GLY B 647 -0.04 5.20 5.46
N THR B 648 -1.32 5.06 5.80
CA THR B 648 -2.04 6.16 6.46
C THR B 648 -1.46 6.47 7.84
N THR B 649 -1.45 7.76 8.17
CA THR B 649 -1.08 8.21 9.52
C THR B 649 -2.33 8.24 10.44
N HIS B 650 -3.47 7.81 9.90
CA HIS B 650 -4.74 7.89 10.63
C HIS B 650 -5.34 6.56 11.02
N TYR B 651 -4.47 5.59 11.31
CA TYR B 651 -4.90 4.32 11.86
C TYR B 651 -4.61 4.26 13.37
N SER B 652 -3.37 4.51 13.73
CA SER B 652 -2.92 4.38 15.12
C SER B 652 -2.88 5.69 15.89
N ASP B 653 -3.41 6.76 15.30
CA ASP B 653 -3.24 8.11 15.85
C ASP B 653 -4.23 8.54 16.94
N GLN B 654 -5.16 7.65 17.31
CA GLN B 654 -6.12 7.98 18.37
C GLN B 654 -6.03 7.05 19.59
N ILE B 655 -5.33 5.92 19.44
CA ILE B 655 -5.35 4.88 20.48
C ILE B 655 -4.66 5.28 21.79
N GLU B 656 -3.62 6.13 21.69
CA GLU B 656 -2.98 6.68 22.89
C GLU B 656 -3.98 7.55 23.68
N ARG B 657 -4.74 8.37 22.96
CA ARG B 657 -5.80 9.18 23.59
C ARG B 657 -6.89 8.30 24.22
N VAL B 658 -7.26 7.24 23.54
CA VAL B 658 -8.20 6.24 24.08
C VAL B 658 -7.70 5.69 25.43
N SER B 659 -6.40 5.38 25.50
CA SER B 659 -5.80 4.85 26.74
C SER B 659 -5.85 5.81 27.93
N ARG B 660 -5.98 7.10 27.65
CA ARG B 660 -6.10 8.11 28.71
C ARG B 660 -7.51 8.70 28.77
N ALA B 661 -8.42 8.16 27.98
CA ALA B 661 -9.78 8.68 27.85
C ALA B 661 -9.77 10.18 27.58
N ASP B 662 -8.93 10.58 26.63
CA ASP B 662 -8.72 11.97 26.26
C ASP B 662 -9.48 12.26 24.96
N PHE B 663 -10.75 12.60 25.09
CA PHE B 663 -11.63 12.70 23.92
C PHE B 663 -11.39 13.96 23.10
N ARG B 664 -11.48 13.84 21.78
CA ARG B 664 -11.40 14.98 20.88
C ARG B 664 -12.68 15.77 20.95
N GLU B 665 -12.60 17.09 20.86
CA GLU B 665 -13.79 17.88 20.59
C GLU B 665 -14.19 17.66 19.13
N LEU B 666 -15.44 17.28 18.91
CA LEU B 666 -15.95 17.08 17.56
C LEU B 666 -16.38 18.43 16.99
N LEU B 667 -15.89 18.75 15.80
CA LEU B 667 -16.01 20.11 15.28
C LEU B 667 -17.06 20.23 14.18
N LEU B 668 -18.20 20.83 14.53
CA LEU B 668 -19.31 21.00 13.59
C LEU B 668 -19.38 22.40 13.01
N ARG B 669 -18.92 23.40 13.77
CA ARG B 669 -19.01 24.79 13.32
C ARG B 669 -17.93 25.11 12.28
N ARG B 670 -18.32 25.85 11.25
CA ARG B 670 -17.42 26.20 10.14
C ARG B 670 -16.09 26.81 10.60
N GLU B 671 -16.17 27.75 11.53
CA GLU B 671 -14.97 28.41 12.06
C GLU B 671 -14.03 27.43 12.78
N GLN B 672 -14.61 26.44 13.46
CA GLN B 672 -13.81 25.38 14.11
C GLN B 672 -13.13 24.51 13.07
N VAL B 673 -13.86 24.17 12.01
CA VAL B 673 -13.34 23.34 10.93
C VAL B 673 -12.20 24.05 10.21
N GLU B 674 -12.41 25.35 9.95
CA GLU B 674 -11.40 26.18 9.27
C GLU B 674 -10.12 26.31 10.08
N ALA B 675 -10.23 26.39 11.40
CA ALA B 675 -9.07 26.47 12.28
C ALA B 675 -8.28 25.16 12.32
N ALA B 676 -8.96 24.04 12.07
CA ALA B 676 -8.34 22.72 12.22
C ALA B 676 -7.89 22.06 10.91
N VAL B 677 -8.22 22.68 9.77
CA VAL B 677 -8.00 22.06 8.46
C VAL B 677 -6.52 21.74 8.21
N GLN B 678 -6.24 20.52 7.75
CA GLN B 678 -4.88 20.12 7.40
C GLN B 678 -4.73 19.83 5.90
N GLU B 679 -5.85 19.43 5.28
CA GLU B 679 -5.91 19.15 3.84
C GLU B 679 -7.19 19.72 3.25
N ARG B 680 -7.12 20.15 1.99
CA ARG B 680 -8.28 20.66 1.25
C ARG B 680 -8.47 19.90 -0.05
N THR B 681 -9.67 19.42 -0.30
CA THR B 681 -10.01 18.77 -1.55
C THR B 681 -11.15 19.55 -2.23
N PRO B 682 -10.80 20.51 -3.11
CA PRO B 682 -11.85 21.10 -3.92
C PRO B 682 -12.35 20.06 -4.92
N PHE B 683 -13.66 19.95 -5.08
CA PHE B 683 -14.18 19.01 -6.07
C PHE B 683 -15.21 19.63 -6.99
N ASN B 684 -15.42 18.98 -8.13
CA ASN B 684 -16.43 19.37 -9.08
C ASN B 684 -17.49 18.28 -9.25
N PHE B 685 -18.74 18.67 -9.07
CA PHE B 685 -19.87 17.81 -9.37
C PHE B 685 -20.98 18.62 -10.01
CD CD C . 44.95 -13.37 -16.05
CD CD D . 11.04 -22.05 -12.55
CD CD E . 30.40 11.99 -7.42
CD CD F . 50.37 1.79 -30.27
CD CD G . 27.16 21.42 4.19
CD CD H . 33.41 -6.46 10.75
CD CD I . 37.41 -11.07 1.16
CD CD J . 43.88 -1.58 -26.89
CD CD K . 42.48 32.93 -37.67
CD CD L . 54.15 11.38 -16.05
CD CD M . 6.70 -18.28 -28.39
CD CD N . -2.89 26.57 3.15
CD CD O . 7.47 -0.05 -41.56
CD CD P . 30.02 -30.15 -2.72
CD CD Q . 5.85 -13.79 -9.54
CD CD R . 4.12 -14.52 -6.41
CD CD S . 6.51 -21.66 -17.82
CD CD T . 45.22 18.50 -6.59
CD CD U . 30.62 -19.20 -41.21
CD CD V . -2.40 8.85 -3.00
CD CD W . -41.47 18.94 9.11
CD CD X . -6.65 -19.44 0.66
CD CD Y . -4.07 13.67 7.18
CD CD Z . -9.94 4.09 35.25
CD CD AA . -11.43 -30.58 45.41
CD CD BA . 5.77 -6.58 30.98
CD CD CA . -45.63 15.09 18.67
CD CD DA . -5.91 16.47 25.81
CD CD EA . -15.00 31.33 6.52
CD CD FA . -48.59 -2.97 31.24
CD CD GA . -36.96 11.37 1.75
CD CD HA . -37.39 11.98 -1.39
CD CD IA . 3.53 -14.67 18.67
#